data_4ZG6
#
_entry.id   4ZG6
#
_cell.length_a   63.616
_cell.length_b   70.488
_cell.length_c   107.374
_cell.angle_alpha   104.65
_cell.angle_beta   99.27
_cell.angle_gamma   99.86
#
_symmetry.space_group_name_H-M   'P 1'
#
loop_
_entity.id
_entity.type
_entity.pdbx_description
1 polymer 'Ectonucleotide pyrophosphatase/phosphodiesterase family member 2'
2 branched beta-D-mannopyranose-(1-4)-2-acetamido-2-deoxy-beta-D-glucopyranose-(1-4)-2-acetamido-2-deoxy-beta-D-glucopyranose
3 non-polymer 'ZINC ION'
4 non-polymer 'CALCIUM ION'
5 non-polymer 'SODIUM ION'
6 non-polymer GLYCEROL
7 non-polymer '4-{(Z)-2-[6-chloro-1-(4-fluorobenzyl)-1H-indol-3-yl]-1-cyanoethenyl}benzoic acid'
8 non-polymer 'THIOCYANATE ION'
9 water water
#
_entity_poly.entity_id   1
_entity_poly.type   'polypeptide(L)'
_entity_poly.pdbx_seq_one_letter_code
;TFAVGVNICLGFTAHRIKRAEGWEEGPPTVLSDSPWTNISGSCKGRCFELQEAGPPDCRCDNLCKSYTSCCHDFDELCLK
TARGWECTKDRCGEVRNEENACHCSEDCLARGDCCTNYQVVCKGESHWVDDDCEEIKAAECPAGFVRPPLIIFSVDGFRA
SYMKKGSKVMPNIEKLRSCGTHSPYMRPVYPTKTFPNLYTLATGLYPESHGIVGNSMYDPVFDATFHLRGREKFNHRWWG
GQPLWITATKQGVKAGTFFWSVVIPHERRILTILQWLTLPDHERPSVYAFYSEQPDFSGHKYGPFGPEMTNPLREIDKIV
GQLMDGLKQLKLHRCVNVIFVGDHGMEDVTCDRTEFLSNYLTNVDDITLVPGTLGRIRSKFSNNAKYDPKAIIAALTCKK
PDQHFKPYLKQHLPKRLHYANNRRIEDIHLLVERRWHVARKPLDVYKKPSGKCFFQGDHGFDNKVNSMQTVFVGYGSTFK
YKTKVPPFENIELYNVMCDLLGLKPAPNNGTHGSLNHLLRTNTFRPTMPEEVTRPNYPGIMYLQSDFDLGCTCDDKVEPK
NKLDELNKRLHTKGSTEERHLLYGRPAVLYRTRYDILYHTDFESGYSEIFLMPLWTSYTVSKQAEVSSVPDHLTSCVRPD
VRVSPSFSQNCLAYKNDKQMSYGFLFPPYLSSSPEAKYDAFLVTNMVPMYPAFKRVWNYFQRVLVKKYASERNGVNVISG
PIFDYDYDGLHDTEDKIKQYVEGSSIPVPTHYYSIITSCLDFTQPADKCDGPLSVSSFILPHRPDNEESCNSSEDESKWV
EELMKMHTARVRDIEHLTSLDFFRKTSRSYPEILTLKTYLHTYESEIHHHHHHHH
;
_entity_poly.pdbx_strand_id   A,B
#
# COMPACT_ATOMS: atom_id res chain seq x y z
N GLY A 41 9.31 19.78 15.00
CA GLY A 41 9.19 20.94 14.06
C GLY A 41 8.03 21.83 14.42
N SER A 42 7.67 22.74 13.50
CA SER A 42 6.59 23.70 13.71
C SER A 42 5.70 23.89 12.45
N CYS A 43 4.43 24.23 12.65
CA CYS A 43 3.49 24.41 11.53
C CYS A 43 3.21 25.86 11.15
N LYS A 44 3.88 26.82 11.80
CA LYS A 44 3.71 28.25 11.46
C LYS A 44 3.92 28.44 9.95
N GLY A 45 2.93 29.04 9.30
CA GLY A 45 2.90 29.17 7.83
C GLY A 45 2.70 27.88 7.02
N ARG A 46 2.43 26.76 7.70
CA ARG A 46 2.22 25.47 7.02
C ARG A 46 0.87 24.83 7.36
N CYS A 47 0.03 25.52 8.14
CA CYS A 47 -1.21 24.91 8.59
C CYS A 47 -2.04 24.52 7.38
N PHE A 48 -2.30 23.22 7.25
CA PHE A 48 -3.12 22.68 6.18
C PHE A 48 -2.48 22.86 4.81
N GLU A 49 -1.16 22.93 4.81
CA GLU A 49 -0.41 22.86 3.58
C GLU A 49 -0.81 21.62 2.81
N LEU A 50 -0.58 21.67 1.50
CA LEU A 50 -0.74 20.53 0.61
C LEU A 50 0.56 19.71 0.59
N CYS A 58 8.03 16.24 10.43
CA CYS A 58 6.77 16.67 11.02
C CYS A 58 5.71 17.10 9.98
N ARG A 59 4.44 16.80 10.25
CA ARG A 59 3.33 17.11 9.30
C ARG A 59 2.35 18.18 9.77
N CYS A 60 1.77 18.90 8.80
CA CYS A 60 0.82 19.97 9.10
C CYS A 60 -0.43 19.92 8.20
N ASP A 61 -0.66 18.75 7.62
CA ASP A 61 -1.77 18.55 6.67
C ASP A 61 -3.01 18.06 7.41
N ASN A 62 -4.15 18.12 6.73
CA ASN A 62 -5.43 17.79 7.37
C ASN A 62 -5.64 16.32 7.79
N LEU A 63 -4.68 15.45 7.51
CA LEU A 63 -4.72 14.06 7.99
C LEU A 63 -3.63 13.72 9.01
N CYS A 64 -2.82 14.69 9.40
CA CYS A 64 -1.67 14.40 10.28
C CYS A 64 -2.05 13.82 11.66
N LYS A 65 -3.24 14.14 12.16
CA LYS A 65 -3.74 13.51 13.38
C LYS A 65 -3.98 12.00 13.16
N SER A 66 -4.64 11.69 12.07
CA SER A 66 -4.97 10.32 11.78
C SER A 66 -3.73 9.46 11.78
N TYR A 67 -2.71 9.91 11.08
CA TYR A 67 -1.47 9.18 11.08
C TYR A 67 -0.67 9.55 12.31
N THR A 68 -1.32 10.23 13.26
CA THR A 68 -0.73 10.61 14.52
C THR A 68 0.70 11.18 14.40
N SER A 69 0.86 12.33 13.76
CA SER A 69 2.18 12.76 13.36
C SER A 69 2.33 14.23 13.08
N CYS A 70 1.53 15.03 13.71
CA CYS A 70 1.61 16.50 13.60
C CYS A 70 2.70 17.12 14.50
N CYS A 71 3.02 18.40 14.27
CA CYS A 71 4.03 19.15 15.05
C CYS A 71 3.46 19.48 16.41
N HIS A 72 4.34 19.95 17.30
CA HIS A 72 3.92 20.32 18.66
C HIS A 72 2.82 21.39 18.63
N ASP A 73 3.01 22.38 17.77
CA ASP A 73 2.14 23.55 17.72
C ASP A 73 1.08 23.45 16.63
N PHE A 74 0.95 22.29 15.98
CA PHE A 74 -0.14 22.06 15.03
C PHE A 74 -1.44 22.40 15.72
N ASP A 75 -1.65 21.81 16.88
CA ASP A 75 -2.87 22.03 17.62
C ASP A 75 -3.01 23.53 17.95
N GLU A 76 -1.93 24.11 18.46
CA GLU A 76 -1.87 25.52 18.85
C GLU A 76 -2.23 26.46 17.70
N LEU A 77 -1.51 26.25 16.59
CA LEU A 77 -1.58 27.11 15.42
C LEU A 77 -2.74 26.79 14.48
N CYS A 78 -3.02 25.52 14.25
CA CYS A 78 -3.91 25.14 13.15
C CYS A 78 -5.36 24.94 13.57
N LEU A 79 -5.58 24.55 14.82
CA LEU A 79 -6.94 24.25 15.27
C LEU A 79 -7.49 25.37 16.14
N LYS A 80 -7.11 26.60 15.81
CA LYS A 80 -7.48 27.78 16.58
C LYS A 80 -8.98 27.93 16.61
N THR A 81 -9.52 28.27 17.79
CA THR A 81 -10.98 28.44 17.94
C THR A 81 -11.37 29.82 18.42
N ALA A 82 -10.38 30.60 18.86
CA ALA A 82 -10.61 31.89 19.51
C ALA A 82 -11.63 32.73 18.76
N ARG A 83 -12.64 33.16 19.49
CA ARG A 83 -13.72 34.02 19.00
C ARG A 83 -14.65 33.34 17.98
N GLY A 84 -14.55 32.02 17.85
CA GLY A 84 -15.56 31.31 17.06
C GLY A 84 -15.37 31.50 15.57
N TRP A 85 -16.47 31.37 14.81
CA TRP A 85 -16.45 31.28 13.35
C TRP A 85 -17.20 32.41 12.67
N GLU A 86 -17.64 33.40 13.43
CA GLU A 86 -18.50 34.46 12.89
C GLU A 86 -17.93 35.85 13.20
N CYS A 87 -17.85 36.70 12.18
CA CYS A 87 -17.51 38.11 12.38
C CYS A 87 -18.69 38.85 13.00
N THR A 88 -18.39 39.82 13.85
CA THR A 88 -19.41 40.72 14.43
C THR A 88 -19.04 42.18 14.14
N LYS A 89 -20.04 43.08 14.10
CA LYS A 89 -19.78 44.50 13.84
C LYS A 89 -18.53 45.00 14.56
N ASP A 90 -18.40 44.70 15.84
CA ASP A 90 -17.27 45.22 16.62
C ASP A 90 -15.89 44.70 16.18
N ARG A 91 -15.84 43.70 15.29
CA ARG A 91 -14.57 43.10 14.84
C ARG A 91 -14.05 43.65 13.51
N CYS A 92 -14.91 44.37 12.78
CA CYS A 92 -14.61 44.81 11.41
C CYS A 92 -13.39 45.71 11.34
N GLY A 93 -12.45 45.36 10.46
CA GLY A 93 -11.22 46.12 10.30
C GLY A 93 -10.28 46.01 11.49
N GLU A 94 -10.55 45.07 12.40
CA GLU A 94 -9.67 44.80 13.53
C GLU A 94 -8.24 44.71 13.04
N VAL A 95 -7.31 44.94 13.96
CA VAL A 95 -5.91 44.63 13.70
C VAL A 95 -5.87 43.12 13.68
N ARG A 96 -5.17 42.55 12.69
CA ARG A 96 -5.05 41.11 12.61
C ARG A 96 -4.52 40.56 13.94
N ASN A 97 -5.14 39.49 14.43
CA ASN A 97 -4.71 38.80 15.65
C ASN A 97 -4.53 37.33 15.33
N GLU A 98 -3.28 36.88 15.26
CA GLU A 98 -2.98 35.50 14.85
C GLU A 98 -3.67 34.41 15.68
N GLU A 99 -4.08 34.68 16.92
CA GLU A 99 -4.77 33.68 17.76
C GLU A 99 -6.22 33.40 17.33
N ASN A 100 -6.80 34.28 16.52
CA ASN A 100 -8.18 34.11 16.12
C ASN A 100 -8.39 32.89 15.19
N ALA A 101 -9.58 32.29 15.27
CA ALA A 101 -9.96 31.13 14.44
C ALA A 101 -10.09 31.54 12.97
N CYS A 102 -10.81 32.64 12.73
CA CYS A 102 -10.81 33.33 11.46
C CYS A 102 -10.78 34.86 11.70
N HIS A 103 -10.74 35.62 10.61
CA HIS A 103 -10.36 37.04 10.68
C HIS A 103 -11.39 37.94 10.04
N CYS A 104 -11.47 39.17 10.56
CA CYS A 104 -12.33 40.23 10.01
C CYS A 104 -11.52 41.49 9.68
N SER A 105 -10.22 41.31 9.54
CA SER A 105 -9.28 42.35 9.12
C SER A 105 -9.32 42.57 7.61
N GLU A 106 -8.93 43.78 7.19
CA GLU A 106 -8.97 44.18 5.80
C GLU A 106 -8.11 43.27 4.93
N ASP A 107 -7.05 42.69 5.49
CA ASP A 107 -6.17 41.81 4.72
C ASP A 107 -6.67 40.35 4.61
N CYS A 108 -7.84 40.04 5.17
CA CYS A 108 -8.23 38.65 5.26
C CYS A 108 -8.56 38.01 3.89
N LEU A 109 -9.27 38.74 3.01
CA LEU A 109 -9.64 38.20 1.71
C LEU A 109 -8.42 37.72 0.91
N ALA A 110 -7.34 38.48 0.98
CA ALA A 110 -6.09 38.17 0.28
C ALA A 110 -5.42 36.91 0.81
N ARG A 111 -5.49 36.75 2.13
CA ARG A 111 -4.97 35.57 2.81
C ARG A 111 -5.95 34.39 2.66
N GLY A 112 -7.20 34.69 2.30
CA GLY A 112 -8.25 33.69 2.18
C GLY A 112 -8.75 33.14 3.51
N ASP A 113 -8.61 33.91 4.59
CA ASP A 113 -8.91 33.40 5.94
C ASP A 113 -9.90 34.24 6.72
N CYS A 114 -10.72 34.99 6.02
CA CYS A 114 -11.85 35.65 6.66
C CYS A 114 -12.82 34.62 7.19
N CYS A 115 -13.53 34.99 8.26
CA CYS A 115 -14.74 34.30 8.61
C CYS A 115 -15.68 34.48 7.44
N THR A 116 -16.49 33.45 7.20
CA THR A 116 -17.25 33.34 5.96
C THR A 116 -18.33 34.39 5.83
N ASN A 117 -18.70 34.99 6.95
CA ASN A 117 -19.69 36.07 6.97
C ASN A 117 -19.04 37.48 6.98
N TYR A 118 -17.72 37.55 6.82
CA TYR A 118 -16.99 38.85 6.83
C TYR A 118 -17.68 39.94 5.98
N GLN A 119 -17.87 39.69 4.68
CA GLN A 119 -18.47 40.69 3.79
C GLN A 119 -19.91 41.02 4.13
N VAL A 120 -20.63 40.05 4.70
CA VAL A 120 -22.01 40.27 5.12
C VAL A 120 -22.03 41.25 6.27
N VAL A 121 -21.26 40.95 7.31
CA VAL A 121 -21.25 41.77 8.52
C VAL A 121 -20.52 43.10 8.28
N CYS A 122 -19.36 43.04 7.63
CA CYS A 122 -18.49 44.21 7.53
C CYS A 122 -18.61 45.05 6.26
N LYS A 123 -19.40 44.65 5.28
CA LYS A 123 -19.46 45.39 4.00
C LYS A 123 -20.84 45.50 3.38
N GLY A 124 -21.88 45.24 4.16
CA GLY A 124 -23.24 45.37 3.67
C GLY A 124 -23.59 44.46 2.51
N GLU A 125 -23.02 43.27 2.50
CA GLU A 125 -23.39 42.27 1.48
C GLU A 125 -24.47 41.33 2.02
N SER A 126 -25.18 40.68 1.09
CA SER A 126 -26.22 39.71 1.45
C SER A 126 -25.63 38.31 1.65
N HIS A 127 -26.24 37.54 2.55
CA HIS A 127 -26.01 36.11 2.60
C HIS A 127 -26.39 35.53 1.25
N TRP A 128 -25.60 34.57 0.76
CA TRP A 128 -25.91 33.91 -0.52
C TRP A 128 -27.34 33.37 -0.59
N VAL A 129 -27.80 32.82 0.53
CA VAL A 129 -29.13 32.17 0.58
C VAL A 129 -30.25 33.20 0.42
N ASP A 130 -29.99 34.43 0.82
CA ASP A 130 -30.99 35.51 0.67
C ASP A 130 -31.05 36.05 -0.76
N ASP A 131 -30.05 35.74 -1.58
CA ASP A 131 -30.05 36.19 -2.96
C ASP A 131 -30.99 35.35 -3.79
N ASP A 132 -31.61 35.95 -4.79
CA ASP A 132 -32.46 35.22 -5.73
C ASP A 132 -31.65 34.20 -6.52
N CYS A 133 -32.30 33.09 -6.86
CA CYS A 133 -31.80 32.16 -7.85
C CYS A 133 -31.55 32.88 -9.14
N GLU A 134 -30.34 32.76 -9.67
CA GLU A 134 -30.06 33.28 -10.99
C GLU A 134 -29.25 32.27 -11.75
N GLU A 135 -29.62 32.11 -13.01
CA GLU A 135 -29.05 31.10 -13.86
C GLU A 135 -27.58 31.36 -14.15
N ILE A 136 -26.77 30.30 -14.04
CA ILE A 136 -25.36 30.36 -14.42
C ILE A 136 -25.17 29.75 -15.80
N LYS A 137 -25.20 30.60 -16.82
CA LYS A 137 -25.14 30.14 -18.20
C LYS A 137 -23.74 29.81 -18.63
N ALA A 138 -22.74 30.44 -18.00
CA ALA A 138 -21.33 30.05 -18.15
C ALA A 138 -20.58 30.31 -16.87
N ALA A 139 -19.48 29.60 -16.67
CA ALA A 139 -18.68 29.80 -15.48
C ALA A 139 -18.08 31.20 -15.46
N GLU A 140 -18.18 31.81 -14.31
CA GLU A 140 -17.63 33.15 -14.06
C GLU A 140 -16.52 33.01 -13.02
N CYS A 141 -15.30 32.75 -13.49
CA CYS A 141 -14.19 32.43 -12.57
C CYS A 141 -13.12 33.53 -12.47
N PRO A 142 -12.50 33.71 -11.27
CA PRO A 142 -11.47 34.75 -11.16
C PRO A 142 -10.34 34.59 -12.17
N ALA A 143 -9.48 35.62 -12.24
CA ALA A 143 -8.34 35.60 -13.16
C ALA A 143 -7.44 34.41 -12.88
N GLY A 144 -7.08 33.69 -13.95
CA GLY A 144 -6.15 32.56 -13.84
C GLY A 144 -6.79 31.18 -13.70
N PHE A 145 -8.09 31.13 -13.46
CA PHE A 145 -8.77 29.83 -13.37
C PHE A 145 -8.87 29.28 -14.77
N VAL A 146 -8.63 27.98 -14.93
CA VAL A 146 -8.66 27.37 -16.26
C VAL A 146 -9.75 26.30 -16.43
N ARG A 147 -10.30 25.81 -15.33
CA ARG A 147 -11.55 25.03 -15.36
C ARG A 147 -12.39 25.34 -14.12
N PRO A 148 -13.72 25.13 -14.18
CA PRO A 148 -14.49 25.35 -12.99
C PRO A 148 -14.10 24.33 -11.93
N PRO A 149 -13.81 24.79 -10.71
CA PRO A 149 -13.54 23.79 -9.67
C PRO A 149 -14.77 22.98 -9.27
N LEU A 150 -14.52 21.80 -8.73
CA LEU A 150 -15.57 20.93 -8.16
C LEU A 150 -15.40 20.80 -6.66
N ILE A 151 -16.46 21.08 -5.90
CA ILE A 151 -16.50 20.79 -4.47
C ILE A 151 -17.54 19.74 -4.15
N ILE A 152 -17.13 18.63 -3.58
CA ILE A 152 -18.08 17.56 -3.20
C ILE A 152 -18.37 17.69 -1.70
N PHE A 153 -19.61 18.08 -1.37
CA PHE A 153 -20.01 18.27 0.02
C PHE A 153 -20.77 17.02 0.44
N SER A 154 -20.12 16.17 1.22
CA SER A 154 -20.61 14.84 1.55
C SER A 154 -21.13 14.78 3.00
N VAL A 155 -22.31 14.19 3.18
CA VAL A 155 -22.94 14.15 4.50
C VAL A 155 -23.29 12.70 4.88
N ASP A 156 -22.65 12.18 5.89
CA ASP A 156 -22.88 10.82 6.26
C ASP A 156 -24.31 10.58 6.73
N GLY A 157 -24.97 9.53 6.22
CA GLY A 157 -26.28 9.12 6.74
C GLY A 157 -27.42 10.06 6.43
N PHE A 158 -27.30 10.82 5.35
CA PHE A 158 -28.31 11.81 5.00
C PHE A 158 -29.40 11.17 4.18
N ARG A 159 -30.43 10.74 4.87
CA ARG A 159 -31.54 10.08 4.24
C ARG A 159 -32.34 11.03 3.35
N ALA A 160 -32.80 10.50 2.21
CA ALA A 160 -33.45 11.32 1.19
C ALA A 160 -34.70 12.05 1.68
N SER A 161 -35.49 11.38 2.49
CA SER A 161 -36.73 11.96 2.98
C SER A 161 -36.45 13.21 3.83
N TYR A 162 -35.26 13.29 4.47
CA TYR A 162 -34.90 14.48 5.28
C TYR A 162 -35.07 15.80 4.53
N MET A 163 -35.05 15.74 3.19
CA MET A 163 -35.24 16.94 2.37
C MET A 163 -36.65 17.53 2.50
N LYS A 164 -37.61 16.69 2.81
CA LYS A 164 -38.98 17.14 3.03
C LYS A 164 -39.04 18.23 4.12
N LYS A 165 -38.20 18.12 5.14
CA LYS A 165 -38.14 19.12 6.23
C LYS A 165 -38.01 20.56 5.72
N GLY A 166 -37.42 20.73 4.54
CA GLY A 166 -37.61 21.94 3.75
C GLY A 166 -36.87 23.20 4.18
N SER A 167 -37.13 24.27 3.43
CA SER A 167 -36.40 25.54 3.55
C SER A 167 -36.55 26.23 4.90
N LYS A 168 -37.47 25.77 5.73
CA LYS A 168 -37.59 26.24 7.11
C LYS A 168 -36.41 25.76 7.95
N VAL A 169 -36.08 24.47 7.82
CA VAL A 169 -34.97 23.86 8.59
C VAL A 169 -33.64 24.02 7.84
N MET A 170 -33.68 23.88 6.53
CA MET A 170 -32.44 23.80 5.73
C MET A 170 -32.48 24.77 4.56
N PRO A 171 -32.49 26.08 4.86
CA PRO A 171 -32.63 27.05 3.77
C PRO A 171 -31.50 27.02 2.71
N ASN A 172 -30.25 26.86 3.12
CA ASN A 172 -29.15 26.84 2.13
C ASN A 172 -29.24 25.63 1.22
N ILE A 173 -29.45 24.48 1.86
CA ILE A 173 -29.53 23.21 1.13
C ILE A 173 -30.72 23.27 0.21
N GLU A 174 -31.86 23.75 0.74
CA GLU A 174 -33.03 23.82 -0.10
C GLU A 174 -32.86 24.70 -1.34
N LYS A 175 -32.10 25.80 -1.23
CA LYS A 175 -31.84 26.64 -2.39
C LYS A 175 -30.94 25.93 -3.40
N LEU A 176 -29.86 25.30 -2.90
CA LEU A 176 -29.03 24.47 -3.77
C LEU A 176 -29.92 23.50 -4.53
N ARG A 177 -30.74 22.75 -3.79
CA ARG A 177 -31.65 21.79 -4.40
C ARG A 177 -32.59 22.40 -5.42
N SER A 178 -33.32 23.46 -5.03
CA SER A 178 -34.31 24.12 -5.89
CA SER A 178 -34.31 24.07 -5.91
C SER A 178 -33.66 24.77 -7.10
N CYS A 179 -32.53 25.41 -6.87
CA CYS A 179 -31.89 26.18 -7.92
C CYS A 179 -31.05 25.38 -8.91
N GLY A 180 -30.37 24.35 -8.42
CA GLY A 180 -29.52 23.55 -9.31
C GLY A 180 -30.31 22.37 -9.82
N THR A 181 -29.62 21.23 -9.92
CA THR A 181 -30.18 19.99 -10.48
C THR A 181 -30.33 19.01 -9.31
N HIS A 182 -31.46 18.33 -9.22
CA HIS A 182 -31.64 17.37 -8.12
C HIS A 182 -32.46 16.16 -8.54
N SER A 183 -32.41 15.13 -7.74
CA SER A 183 -33.26 13.97 -7.88
C SER A 183 -33.98 13.70 -6.59
N PRO A 184 -35.16 12.97 -6.75
CA PRO A 184 -35.85 12.63 -5.50
C PRO A 184 -35.02 11.86 -4.49
N TYR A 185 -34.16 11.00 -4.99
CA TYR A 185 -33.25 10.29 -4.15
C TYR A 185 -32.13 9.71 -5.03
N MET A 186 -31.11 9.23 -4.37
CA MET A 186 -30.02 8.52 -4.98
C MET A 186 -29.87 7.20 -4.24
N ARG A 187 -29.79 6.12 -5.01
CA ARG A 187 -29.65 4.78 -4.48
C ARG A 187 -28.18 4.50 -4.14
N PRO A 188 -27.91 4.12 -2.90
CA PRO A 188 -26.53 3.70 -2.54
C PRO A 188 -26.19 2.31 -3.02
N VAL A 189 -24.94 1.83 -2.80
CA VAL A 189 -24.67 0.45 -3.05
C VAL A 189 -24.84 -0.34 -1.78
N TYR A 190 -25.01 -1.65 -1.95
CA TYR A 190 -25.07 -2.58 -0.84
C TYR A 190 -23.62 -3.04 -0.55
N PRO A 191 -23.26 -3.21 0.72
CA PRO A 191 -23.96 -2.88 1.96
C PRO A 191 -24.12 -1.39 2.11
N THR A 192 -25.28 -0.91 2.59
CA THR A 192 -25.49 0.52 2.68
C THR A 192 -24.79 1.11 3.91
N LYS A 193 -23.47 0.99 3.88
CA LYS A 193 -22.56 1.42 4.93
C LYS A 193 -21.62 2.47 4.34
N THR A 194 -20.96 3.17 5.23
CA THR A 194 -20.19 4.37 4.90
C THR A 194 -19.01 4.10 3.98
N PHE A 195 -18.12 3.21 4.37
CA PHE A 195 -16.94 2.96 3.53
C PHE A 195 -17.19 2.37 2.14
N PRO A 196 -18.05 1.36 1.99
CA PRO A 196 -18.35 0.87 0.65
C PRO A 196 -18.94 1.94 -0.23
N ASN A 197 -19.74 2.85 0.36
CA ASN A 197 -20.40 3.84 -0.44
C ASN A 197 -19.50 5.03 -0.80
N LEU A 198 -18.67 5.50 0.13
CA LEU A 198 -17.71 6.56 -0.19
C LEU A 198 -16.75 6.13 -1.29
N TYR A 199 -16.31 4.86 -1.28
CA TYR A 199 -15.33 4.44 -2.28
C TYR A 199 -15.96 4.13 -3.64
N THR A 200 -17.26 3.76 -3.62
CA THR A 200 -18.06 3.63 -4.83
C THR A 200 -18.19 5.02 -5.47
N LEU A 201 -18.55 6.02 -4.68
CA LEU A 201 -18.64 7.40 -5.17
CA LEU A 201 -18.63 7.41 -5.17
C LEU A 201 -17.32 7.83 -5.83
N ALA A 202 -16.22 7.50 -5.16
CA ALA A 202 -14.88 7.81 -5.65
C ALA A 202 -14.45 7.06 -6.93
N THR A 203 -14.96 5.88 -7.13
CA THR A 203 -14.45 4.98 -8.20
C THR A 203 -15.39 4.61 -9.33
N GLY A 204 -16.69 4.80 -9.12
CA GLY A 204 -17.67 4.22 -10.04
C GLY A 204 -17.86 2.71 -10.05
N LEU A 205 -17.26 2.00 -9.08
CA LEU A 205 -17.28 0.58 -9.04
C LEU A 205 -18.15 0.05 -7.92
N TYR A 206 -18.69 -1.13 -8.15
CA TYR A 206 -19.32 -1.94 -7.15
C TYR A 206 -18.22 -2.27 -6.11
N PRO A 207 -18.61 -2.33 -4.83
CA PRO A 207 -17.67 -2.81 -3.79
C PRO A 207 -16.93 -4.10 -4.14
N GLU A 208 -17.59 -5.07 -4.75
CA GLU A 208 -16.92 -6.32 -5.14
C GLU A 208 -15.70 -6.06 -6.05
N SER A 209 -15.75 -4.96 -6.80
CA SER A 209 -14.67 -4.56 -7.67
C SER A 209 -13.71 -3.60 -7.02
N HIS A 210 -14.19 -2.65 -6.22
CA HIS A 210 -13.23 -1.73 -5.64
C HIS A 210 -12.54 -2.28 -4.38
N GLY A 211 -13.14 -3.32 -3.77
CA GLY A 211 -12.51 -4.08 -2.66
C GLY A 211 -12.96 -3.73 -1.27
N ILE A 212 -13.61 -2.58 -1.13
CA ILE A 212 -14.12 -2.18 0.15
C ILE A 212 -15.54 -2.76 0.29
N VAL A 213 -15.60 -4.07 0.60
CA VAL A 213 -16.84 -4.85 0.64
C VAL A 213 -17.64 -4.59 1.95
N GLY A 214 -17.06 -3.89 2.89
CA GLY A 214 -17.71 -3.63 4.15
C GLY A 214 -16.87 -2.69 4.99
N ASN A 215 -17.48 -2.11 6.03
CA ASN A 215 -16.71 -1.37 7.01
C ASN A 215 -15.70 -2.25 7.74
N SER A 216 -16.03 -3.53 7.87
CA SER A 216 -15.11 -4.55 8.38
C SER A 216 -14.98 -5.65 7.37
N MET A 217 -13.77 -6.19 7.15
CA MET A 217 -13.56 -7.34 6.26
C MET A 217 -12.29 -8.12 6.53
N TYR A 218 -12.31 -9.39 6.15
CA TYR A 218 -11.17 -10.28 6.27
C TYR A 218 -10.70 -10.70 4.90
N ASP A 219 -9.40 -10.54 4.64
CA ASP A 219 -8.83 -10.94 3.32
C ASP A 219 -7.97 -12.18 3.53
N PRO A 220 -8.39 -13.33 2.97
CA PRO A 220 -7.62 -14.57 3.20
C PRO A 220 -6.23 -14.56 2.61
N VAL A 221 -6.03 -13.78 1.54
CA VAL A 221 -4.73 -13.65 0.93
C VAL A 221 -3.79 -12.83 1.81
N PHE A 222 -4.27 -11.71 2.36
CA PHE A 222 -3.51 -10.94 3.32
C PHE A 222 -3.46 -11.66 4.65
N ASP A 223 -4.53 -12.38 4.97
CA ASP A 223 -4.75 -12.93 6.30
C ASP A 223 -4.71 -11.80 7.31
N ALA A 224 -5.51 -10.77 7.07
CA ALA A 224 -5.64 -9.63 7.95
C ALA A 224 -7.06 -9.11 7.90
N THR A 225 -7.50 -8.37 8.91
CA THR A 225 -8.82 -7.77 8.87
C THR A 225 -8.77 -6.24 8.87
N PHE A 226 -9.73 -5.66 8.17
CA PHE A 226 -9.87 -4.24 7.94
C PHE A 226 -10.98 -3.79 8.85
N HIS A 227 -10.79 -2.67 9.54
CA HIS A 227 -11.79 -2.15 10.47
C HIS A 227 -11.83 -0.65 10.38
N LEU A 228 -12.97 -0.08 10.77
CA LEU A 228 -13.15 1.37 10.82
C LEU A 228 -12.14 2.03 11.75
N ARG A 229 -11.89 1.39 12.88
CA ARG A 229 -10.88 1.86 13.82
C ARG A 229 -9.64 1.03 13.58
N GLY A 230 -8.48 1.69 13.49
CA GLY A 230 -7.20 1.00 13.29
C GLY A 230 -6.41 1.57 12.13
N ARG A 231 -5.15 1.16 12.05
CA ARG A 231 -4.23 1.68 11.06
C ARG A 231 -4.29 0.84 9.79
N GLU A 232 -4.90 -0.34 9.90
CA GLU A 232 -4.98 -1.29 8.82
C GLU A 232 -5.56 -0.65 7.58
N LYS A 233 -6.63 0.13 7.78
CA LYS A 233 -7.35 0.76 6.67
C LYS A 233 -6.52 1.76 5.84
N PHE A 234 -5.43 2.27 6.41
CA PHE A 234 -4.56 3.20 5.70
C PHE A 234 -3.69 2.51 4.68
N ASN A 235 -3.51 1.20 4.79
CA ASN A 235 -2.66 0.49 3.86
CA ASN A 235 -2.67 0.45 3.85
C ASN A 235 -3.34 0.38 2.48
N HIS A 236 -2.61 0.79 1.47
CA HIS A 236 -3.17 0.88 0.14
C HIS A 236 -3.63 -0.46 -0.44
N ARG A 237 -3.12 -1.58 0.07
CA ARG A 237 -3.40 -2.90 -0.50
C ARG A 237 -4.90 -3.20 -0.54
N TRP A 238 -5.66 -2.61 0.37
CA TRP A 238 -7.13 -2.78 0.45
C TRP A 238 -7.93 -2.08 -0.66
N TRP A 239 -7.38 -0.98 -1.19
CA TRP A 239 -8.13 -0.07 -2.06
C TRP A 239 -7.83 -0.30 -3.55
N GLY A 240 -8.82 -0.80 -4.27
CA GLY A 240 -8.72 -1.17 -5.68
C GLY A 240 -9.29 -0.03 -6.54
N GLY A 241 -9.42 -0.29 -7.83
CA GLY A 241 -9.92 0.70 -8.79
C GLY A 241 -9.03 1.89 -8.97
N GLN A 242 -9.62 3.00 -9.43
CA GLN A 242 -8.89 4.24 -9.52
C GLN A 242 -9.81 5.37 -9.05
N PRO A 243 -9.60 5.87 -7.84
CA PRO A 243 -10.49 6.92 -7.35
C PRO A 243 -10.23 8.26 -8.05
N LEU A 244 -11.22 9.14 -7.98
CA LEU A 244 -11.19 10.43 -8.64
C LEU A 244 -9.94 11.23 -8.44
N TRP A 245 -9.44 11.29 -7.21
CA TRP A 245 -8.24 12.08 -6.93
C TRP A 245 -7.03 11.57 -7.73
N ILE A 246 -6.92 10.27 -7.94
CA ILE A 246 -5.84 9.67 -8.78
C ILE A 246 -6.13 9.89 -10.26
N THR A 247 -7.38 9.72 -10.67
CA THR A 247 -7.73 10.02 -12.07
C THR A 247 -7.36 11.48 -12.41
N ALA A 248 -7.69 12.44 -11.53
CA ALA A 248 -7.33 13.84 -11.72
C ALA A 248 -5.77 14.02 -11.81
N THR A 249 -5.05 13.51 -10.82
CA THR A 249 -3.58 13.63 -10.78
C THR A 249 -2.87 13.09 -12.00
N LYS A 250 -3.23 11.90 -12.42
CA LYS A 250 -2.65 11.25 -13.58
C LYS A 250 -2.88 12.03 -14.87
N GLN A 251 -3.91 12.90 -14.87
CA GLN A 251 -4.26 13.63 -16.06
C GLN A 251 -3.96 15.12 -15.93
N GLY A 252 -3.09 15.44 -14.99
CA GLY A 252 -2.61 16.81 -14.79
C GLY A 252 -3.55 17.77 -14.07
N VAL A 253 -4.58 17.25 -13.39
CA VAL A 253 -5.54 18.11 -12.68
C VAL A 253 -5.33 17.93 -11.17
N LYS A 254 -4.99 19.00 -10.48
CA LYS A 254 -4.59 18.94 -9.07
C LYS A 254 -5.77 18.66 -8.14
N ALA A 255 -5.61 17.72 -7.21
CA ALA A 255 -6.71 17.34 -6.32
C ALA A 255 -6.42 17.82 -4.92
N GLY A 256 -7.43 18.37 -4.25
CA GLY A 256 -7.33 18.67 -2.83
C GLY A 256 -7.51 17.37 -2.05
N THR A 257 -7.45 17.47 -0.73
CA THR A 257 -7.61 16.25 0.05
C THR A 257 -9.10 15.92 0.14
N PHE A 258 -9.40 14.63 0.16
CA PHE A 258 -10.77 14.17 0.27
C PHE A 258 -11.13 13.75 1.70
N PHE A 259 -10.12 13.58 2.56
CA PHE A 259 -10.37 13.12 3.94
C PHE A 259 -9.83 14.07 5.02
N TRP A 260 -10.51 14.09 6.16
CA TRP A 260 -10.26 15.03 7.26
C TRP A 260 -10.22 14.27 8.59
N SER A 261 -9.19 14.52 9.41
CA SER A 261 -9.14 13.93 10.74
C SER A 261 -10.37 14.37 11.51
N VAL A 262 -10.89 13.45 12.32
CA VAL A 262 -12.08 13.71 13.14
C VAL A 262 -11.89 14.96 13.97
N VAL A 263 -10.66 15.21 14.40
CA VAL A 263 -10.36 16.39 15.20
C VAL A 263 -10.80 17.72 14.55
N ILE A 264 -10.66 17.86 13.23
CA ILE A 264 -10.87 19.17 12.58
C ILE A 264 -12.35 19.53 12.61
N PRO A 265 -12.73 20.67 13.24
CA PRO A 265 -14.15 21.03 13.18
C PRO A 265 -14.62 21.27 11.78
N HIS A 266 -15.91 21.10 11.54
CA HIS A 266 -16.50 21.35 10.21
C HIS A 266 -16.25 22.75 9.65
N GLU A 267 -16.29 23.74 10.53
CA GLU A 267 -16.13 25.13 10.13
C GLU A 267 -14.72 25.37 9.60
N ARG A 268 -13.78 24.67 10.23
CA ARG A 268 -12.37 24.70 9.83
C ARG A 268 -12.14 24.01 8.47
N ARG A 269 -12.87 22.92 8.21
CA ARG A 269 -12.78 22.22 6.92
C ARG A 269 -13.18 23.17 5.79
N ILE A 270 -14.30 23.87 6.00
CA ILE A 270 -14.77 24.84 5.03
C ILE A 270 -13.73 25.94 4.85
N LEU A 271 -13.25 26.53 5.95
CA LEU A 271 -12.25 27.60 5.87
C LEU A 271 -11.01 27.16 5.10
N THR A 272 -10.59 25.92 5.29
CA THR A 272 -9.35 25.42 4.68
C THR A 272 -9.51 25.28 3.15
N ILE A 273 -10.67 24.76 2.73
CA ILE A 273 -11.03 24.67 1.31
C ILE A 273 -11.08 26.08 0.70
N LEU A 274 -11.70 27.02 1.39
CA LEU A 274 -11.79 28.38 0.87
C LEU A 274 -10.42 29.04 0.75
N GLN A 275 -9.52 28.77 1.69
CA GLN A 275 -8.15 29.28 1.64
C GLN A 275 -7.36 28.66 0.49
N TRP A 276 -7.53 27.37 0.27
CA TRP A 276 -6.88 26.69 -0.86
C TRP A 276 -7.32 27.28 -2.21
N LEU A 277 -8.57 27.75 -2.26
CA LEU A 277 -9.10 28.34 -3.47
C LEU A 277 -8.54 29.73 -3.78
N THR A 278 -7.85 30.32 -2.81
CA THR A 278 -7.13 31.60 -3.00
C THR A 278 -5.67 31.40 -3.45
N LEU A 279 -5.20 30.17 -3.49
CA LEU A 279 -3.84 29.91 -3.94
C LEU A 279 -3.66 30.24 -5.43
N PRO A 280 -2.41 30.53 -5.85
CA PRO A 280 -2.15 30.84 -7.25
C PRO A 280 -2.32 29.61 -8.14
N ASP A 281 -2.54 29.86 -9.42
CA ASP A 281 -2.87 28.89 -10.46
C ASP A 281 -2.17 27.56 -10.40
N HIS A 282 -0.85 27.57 -10.27
CA HIS A 282 -0.09 26.32 -10.31
C HIS A 282 -0.14 25.53 -8.99
N GLU A 283 -0.64 26.16 -7.91
CA GLU A 283 -0.74 25.49 -6.62
C GLU A 283 -2.17 25.05 -6.27
N ARG A 284 -3.16 25.63 -6.94
CA ARG A 284 -4.54 25.55 -6.52
C ARG A 284 -5.18 24.28 -7.08
N PRO A 285 -5.75 23.43 -6.20
CA PRO A 285 -6.52 22.28 -6.68
C PRO A 285 -7.76 22.66 -7.44
N SER A 286 -8.19 21.78 -8.33
CA SER A 286 -9.46 21.93 -9.07
C SER A 286 -10.61 21.10 -8.46
N VAL A 287 -10.29 20.16 -7.58
CA VAL A 287 -11.31 19.31 -6.97
C VAL A 287 -11.04 19.18 -5.48
N TYR A 288 -12.14 19.27 -4.71
CA TYR A 288 -12.15 19.27 -3.26
C TYR A 288 -13.30 18.45 -2.69
N ALA A 289 -13.13 17.94 -1.47
CA ALA A 289 -14.24 17.31 -0.76
C ALA A 289 -14.28 17.73 0.70
N PHE A 290 -15.51 18.06 1.10
CA PHE A 290 -15.88 18.21 2.49
C PHE A 290 -16.66 16.95 2.92
N TYR A 291 -16.50 16.60 4.20
CA TYR A 291 -17.20 15.46 4.81
C TYR A 291 -17.66 15.84 6.20
N SER A 292 -18.85 15.36 6.55
CA SER A 292 -19.40 15.46 7.91
CA SER A 292 -19.32 15.43 7.93
C SER A 292 -19.98 14.11 8.32
N GLU A 293 -19.68 13.68 9.54
CA GLU A 293 -20.27 12.50 10.16
C GLU A 293 -21.75 12.68 10.49
N GLN A 294 -22.28 13.88 10.27
CA GLN A 294 -23.70 14.19 10.43
C GLN A 294 -24.46 14.22 9.10
N PRO A 295 -25.74 13.79 9.10
CA PRO A 295 -26.52 13.42 10.28
C PRO A 295 -26.48 11.94 10.71
N ASP A 296 -25.51 11.18 10.23
CA ASP A 296 -25.40 9.76 10.60
C ASP A 296 -25.34 9.63 12.11
N PHE A 297 -24.36 10.30 12.72
CA PHE A 297 -24.07 10.18 14.17
C PHE A 297 -25.36 10.39 14.98
N SER A 298 -26.14 11.43 14.67
CA SER A 298 -27.39 11.66 15.40
C SER A 298 -28.50 10.65 15.06
N GLY A 299 -28.60 10.25 13.79
CA GLY A 299 -29.48 9.13 13.39
C GLY A 299 -29.24 7.92 14.26
N HIS A 300 -27.99 7.53 14.47
CA HIS A 300 -27.72 6.36 15.27
C HIS A 300 -28.24 6.51 16.70
N LYS A 301 -28.08 7.70 17.28
CA LYS A 301 -28.49 7.93 18.67
C LYS A 301 -30.01 8.07 18.78
N TYR A 302 -30.65 8.83 17.88
CA TYR A 302 -32.08 9.16 18.05
C TYR A 302 -33.04 8.50 17.08
N GLY A 303 -32.51 7.79 16.10
CA GLY A 303 -33.37 7.30 15.01
C GLY A 303 -33.78 8.43 14.10
N PRO A 304 -34.19 8.10 12.86
CA PRO A 304 -34.36 9.01 11.74
C PRO A 304 -35.59 9.91 11.78
N PHE A 305 -36.65 9.42 12.36
CA PHE A 305 -37.95 10.06 12.26
C PHE A 305 -38.15 11.03 13.42
N GLY A 306 -37.21 11.05 14.37
CA GLY A 306 -37.30 11.95 15.50
C GLY A 306 -37.43 13.44 15.15
N PRO A 307 -38.22 14.19 15.95
CA PRO A 307 -38.11 15.65 16.03
C PRO A 307 -36.71 16.15 16.43
N GLU A 308 -35.95 15.38 17.21
CA GLU A 308 -34.56 15.74 17.61
C GLU A 308 -33.52 15.56 16.47
N MET A 309 -34.01 15.50 15.24
CA MET A 309 -33.18 15.47 14.04
C MET A 309 -33.18 16.83 13.40
N THR A 310 -33.95 17.77 13.96
CA THR A 310 -34.15 19.05 13.32
C THR A 310 -32.90 19.87 13.55
N ASN A 311 -32.33 19.76 14.75
CA ASN A 311 -31.15 20.52 15.09
C ASN A 311 -29.88 20.07 14.38
N PRO A 312 -29.64 18.75 14.30
CA PRO A 312 -28.47 18.34 13.52
C PRO A 312 -28.56 18.82 12.06
N LEU A 313 -29.77 18.81 11.52
CA LEU A 313 -29.97 19.20 10.14
C LEU A 313 -29.74 20.68 9.95
N ARG A 314 -30.07 21.48 10.97
CA ARG A 314 -29.81 22.93 10.84
C ARG A 314 -28.34 23.26 11.03
N GLU A 315 -27.63 22.52 11.88
CA GLU A 315 -26.20 22.66 11.99
C GLU A 315 -25.49 22.35 10.65
N ILE A 316 -26.00 21.39 9.87
CA ILE A 316 -25.42 21.07 8.54
C ILE A 316 -25.73 22.20 7.59
N ASP A 317 -26.96 22.69 7.63
CA ASP A 317 -27.32 23.75 6.71
C ASP A 317 -26.48 24.99 6.99
N LYS A 318 -26.12 25.21 8.26
CA LYS A 318 -25.24 26.31 8.66
C LYS A 318 -23.88 26.19 7.98
N ILE A 319 -23.31 24.97 7.98
CA ILE A 319 -22.01 24.76 7.37
C ILE A 319 -22.13 24.96 5.84
N VAL A 320 -23.20 24.47 5.25
CA VAL A 320 -23.44 24.73 3.82
C VAL A 320 -23.49 26.24 3.54
N GLY A 321 -24.13 27.00 4.45
CA GLY A 321 -24.24 28.46 4.29
C GLY A 321 -22.90 29.16 4.41
N GLN A 322 -22.07 28.69 5.34
CA GLN A 322 -20.72 29.16 5.47
C GLN A 322 -19.99 28.95 4.16
N LEU A 323 -20.15 27.78 3.55
CA LEU A 323 -19.49 27.49 2.28
C LEU A 323 -19.91 28.40 1.15
N MET A 324 -21.20 28.66 1.00
CA MET A 324 -21.67 29.45 -0.11
C MET A 324 -21.42 30.95 0.12
N ASP A 325 -21.53 31.39 1.37
CA ASP A 325 -21.13 32.78 1.73
C ASP A 325 -19.64 32.97 1.45
N GLY A 326 -18.84 31.97 1.86
CA GLY A 326 -17.41 31.98 1.64
C GLY A 326 -17.05 32.05 0.17
N LEU A 327 -17.73 31.25 -0.65
CA LEU A 327 -17.50 31.27 -2.08
C LEU A 327 -17.91 32.63 -2.65
N LYS A 328 -19.02 33.16 -2.15
CA LYS A 328 -19.53 34.42 -2.67
C LYS A 328 -18.54 35.56 -2.47
N GLN A 329 -17.96 35.66 -1.27
CA GLN A 329 -17.05 36.77 -0.99
C GLN A 329 -15.72 36.62 -1.74
N LEU A 330 -15.36 35.39 -2.11
CA LEU A 330 -14.22 35.17 -3.01
C LEU A 330 -14.62 35.24 -4.49
N LYS A 331 -15.84 35.68 -4.77
CA LYS A 331 -16.32 35.77 -6.16
C LYS A 331 -16.26 34.42 -6.91
N LEU A 332 -16.54 33.33 -6.20
CA LEU A 332 -16.49 31.97 -6.76
C LEU A 332 -17.85 31.27 -6.78
N HIS A 333 -18.88 31.92 -6.23
CA HIS A 333 -20.21 31.33 -6.11
C HIS A 333 -20.94 31.10 -7.45
N ARG A 334 -20.40 31.63 -8.55
CA ARG A 334 -20.88 31.32 -9.89
C ARG A 334 -19.78 30.72 -10.75
N CYS A 335 -18.76 30.17 -10.09
CA CYS A 335 -17.64 29.52 -10.77
C CYS A 335 -17.60 27.99 -10.45
N VAL A 336 -17.75 27.67 -9.17
CA VAL A 336 -17.52 26.32 -8.64
C VAL A 336 -18.75 25.43 -8.85
N ASN A 337 -18.56 24.22 -9.35
CA ASN A 337 -19.61 23.21 -9.23
C ASN A 337 -19.60 22.58 -7.84
N VAL A 338 -20.81 22.49 -7.25
CA VAL A 338 -21.00 21.92 -5.92
C VAL A 338 -21.91 20.71 -6.01
N ILE A 339 -21.46 19.61 -5.43
CA ILE A 339 -22.26 18.41 -5.30
C ILE A 339 -22.52 18.20 -3.82
N PHE A 340 -23.80 18.16 -3.46
CA PHE A 340 -24.26 17.79 -2.14
C PHE A 340 -24.76 16.32 -2.25
N VAL A 341 -24.10 15.41 -1.54
CA VAL A 341 -24.41 14.00 -1.71
C VAL A 341 -24.24 13.25 -0.38
N GLY A 342 -25.08 12.24 -0.17
CA GLY A 342 -24.96 11.36 0.98
C GLY A 342 -24.52 9.97 0.55
N ASP A 343 -24.18 9.15 1.54
CA ASP A 343 -23.67 7.81 1.28
C ASP A 343 -24.70 6.70 1.52
N HIS A 344 -25.69 6.98 2.38
CA HIS A 344 -26.79 6.08 2.65
C HIS A 344 -27.79 6.81 3.58
N GLY A 345 -28.89 6.13 3.86
CA GLY A 345 -29.95 6.68 4.68
C GLY A 345 -29.83 6.12 6.07
N MET A 346 -30.98 6.02 6.74
CA MET A 346 -31.04 5.63 8.15
C MET A 346 -32.41 5.05 8.50
N GLU A 347 -32.41 3.98 9.29
CA GLU A 347 -33.64 3.24 9.63
C GLU A 347 -33.80 3.13 11.13
N ASP A 348 -35.05 2.98 11.59
CA ASP A 348 -35.33 2.72 13.02
C ASP A 348 -34.85 1.33 13.44
N VAL A 349 -33.85 1.27 14.32
CA VAL A 349 -33.32 -0.01 14.73
C VAL A 349 -32.98 0.11 16.19
N THR A 350 -33.49 -0.80 17.02
CA THR A 350 -33.27 -0.79 18.48
C THR A 350 -32.65 -2.08 19.03
N CYS A 351 -32.13 -1.97 20.25
CA CYS A 351 -31.51 -3.11 20.95
C CYS A 351 -32.43 -4.37 21.05
N ASP A 352 -33.74 -4.16 21.19
CA ASP A 352 -34.68 -5.28 21.36
C ASP A 352 -34.93 -6.03 20.05
N ARG A 353 -34.68 -5.40 18.91
CA ARG A 353 -34.94 -6.06 17.62
C ARG A 353 -33.70 -6.72 17.06
N THR A 354 -33.15 -7.65 17.81
CA THR A 354 -31.94 -8.40 17.44
C THR A 354 -32.26 -9.90 17.35
N GLU A 355 -31.90 -10.52 16.22
CA GLU A 355 -31.87 -11.98 16.09
C GLU A 355 -30.50 -12.46 16.54
N PHE A 356 -30.44 -13.60 17.23
CA PHE A 356 -29.16 -14.15 17.66
C PHE A 356 -28.94 -15.48 17.00
N LEU A 357 -27.77 -15.67 16.38
CA LEU A 357 -27.48 -16.93 15.72
C LEU A 357 -27.49 -18.11 16.68
N SER A 358 -27.20 -17.82 17.95
CA SER A 358 -27.15 -18.84 19.01
C SER A 358 -28.50 -19.54 19.16
N ASN A 359 -29.57 -18.82 18.82
CA ASN A 359 -30.92 -19.38 18.72
C ASN A 359 -31.28 -20.16 17.43
N TYR A 360 -30.30 -20.40 16.57
CA TYR A 360 -30.47 -21.18 15.34
C TYR A 360 -29.41 -22.24 15.22
N LEU A 361 -28.18 -21.90 15.63
CA LEU A 361 -27.06 -22.77 15.46
C LEU A 361 -26.67 -23.29 16.82
N THR A 362 -26.40 -24.60 16.88
CA THR A 362 -25.88 -25.23 18.08
C THR A 362 -24.37 -25.06 18.20
N ASN A 363 -23.69 -24.82 17.09
CA ASN A 363 -22.23 -24.65 17.08
C ASN A 363 -21.82 -23.20 16.82
N VAL A 364 -22.37 -22.27 17.57
CA VAL A 364 -22.10 -20.84 17.37
C VAL A 364 -20.68 -20.41 17.72
N ASP A 365 -19.95 -21.24 18.47
CA ASP A 365 -18.59 -20.89 18.90
C ASP A 365 -17.56 -21.26 17.86
N ASP A 366 -17.92 -22.10 16.91
CA ASP A 366 -17.02 -22.46 15.81
C ASP A 366 -17.09 -21.50 14.59
N ILE A 367 -17.92 -20.45 14.67
CA ILE A 367 -18.09 -19.50 13.55
C ILE A 367 -17.79 -18.04 13.91
N THR A 368 -17.27 -17.31 12.92
CA THR A 368 -17.16 -15.86 13.02
C THR A 368 -18.31 -15.21 12.26
N LEU A 369 -18.93 -14.21 12.87
CA LEU A 369 -20.02 -13.48 12.23
C LEU A 369 -19.73 -11.99 12.13
N VAL A 370 -19.83 -11.44 10.92
CA VAL A 370 -19.91 -10.01 10.76
C VAL A 370 -21.34 -9.61 11.01
N PRO A 371 -21.59 -8.89 12.09
CA PRO A 371 -22.96 -8.70 12.48
C PRO A 371 -23.56 -7.40 12.09
N GLY A 372 -24.82 -7.28 12.39
CA GLY A 372 -25.51 -6.02 12.43
C GLY A 372 -26.69 -6.01 11.48
N THR A 373 -26.67 -5.08 10.55
CA THR A 373 -27.75 -4.96 9.56
C THR A 373 -27.50 -5.82 8.33
N LEU A 374 -26.40 -6.56 8.36
CA LEU A 374 -26.14 -7.63 7.44
C LEU A 374 -25.40 -8.69 8.23
N GLY A 375 -25.28 -9.86 7.63
CA GLY A 375 -24.49 -10.94 8.25
C GLY A 375 -23.56 -11.57 7.26
N ARG A 376 -22.35 -11.89 7.70
CA ARG A 376 -21.44 -12.62 6.88
C ARG A 376 -20.82 -13.64 7.83
N ILE A 377 -20.84 -14.91 7.42
CA ILE A 377 -20.46 -16.00 8.31
C ILE A 377 -19.32 -16.77 7.71
N ARG A 378 -18.29 -17.06 8.51
CA ARG A 378 -17.24 -17.99 8.09
C ARG A 378 -16.74 -18.86 9.28
N SER A 379 -15.95 -19.88 8.94
CA SER A 379 -15.41 -20.81 9.93
C SER A 379 -14.42 -20.05 10.78
N LYS A 380 -14.63 -20.03 12.09
CA LYS A 380 -13.69 -19.38 12.99
C LYS A 380 -12.32 -20.05 12.89
N PHE A 381 -12.29 -21.37 12.82
CA PHE A 381 -11.05 -22.14 12.76
C PHE A 381 -10.71 -22.59 11.36
N SER A 382 -9.41 -22.72 11.07
CA SER A 382 -8.95 -23.03 9.71
C SER A 382 -9.32 -24.44 9.27
N ASN A 383 -8.75 -25.44 9.91
CA ASN A 383 -8.95 -26.83 9.52
C ASN A 383 -9.98 -27.51 10.42
N ASN A 384 -11.22 -27.04 10.35
CA ASN A 384 -12.32 -27.65 11.10
C ASN A 384 -13.20 -28.49 10.19
N ALA A 385 -13.03 -29.80 10.27
CA ALA A 385 -13.86 -30.74 9.50
C ALA A 385 -15.27 -30.89 10.09
N LYS A 386 -15.53 -30.33 11.27
CA LYS A 386 -16.90 -30.23 11.79
C LYS A 386 -17.66 -28.99 11.26
N TYR A 387 -16.99 -28.15 10.46
CA TYR A 387 -17.64 -26.98 9.85
C TYR A 387 -18.34 -27.41 8.58
N ASP A 388 -19.65 -27.19 8.57
CA ASP A 388 -20.51 -27.61 7.48
C ASP A 388 -21.38 -26.41 7.08
N PRO A 389 -21.03 -25.70 5.99
CA PRO A 389 -21.82 -24.56 5.51
C PRO A 389 -23.20 -24.96 4.96
N LYS A 390 -23.29 -26.13 4.32
CA LYS A 390 -24.61 -26.67 3.91
C LYS A 390 -25.52 -26.81 5.14
N ALA A 391 -25.00 -27.33 6.25
CA ALA A 391 -25.80 -27.52 7.43
C ALA A 391 -26.16 -26.18 8.10
N ILE A 392 -25.21 -25.24 8.07
CA ILE A 392 -25.42 -23.95 8.67
C ILE A 392 -26.55 -23.23 7.93
N ILE A 393 -26.50 -23.26 6.61
CA ILE A 393 -27.56 -22.62 5.79
C ILE A 393 -28.94 -23.23 6.09
N ALA A 394 -29.02 -24.55 6.04
CA ALA A 394 -30.26 -25.25 6.34
C ALA A 394 -30.75 -24.92 7.74
N ALA A 395 -29.85 -24.88 8.73
CA ALA A 395 -30.21 -24.47 10.10
C ALA A 395 -30.74 -23.03 10.21
N LEU A 396 -30.41 -22.19 9.22
CA LEU A 396 -30.83 -20.79 9.23
C LEU A 396 -32.01 -20.51 8.32
N THR A 397 -32.55 -21.56 7.70
CA THR A 397 -33.65 -21.41 6.72
C THR A 397 -35.07 -21.63 7.28
N CYS A 398 -35.86 -20.56 7.29
CA CYS A 398 -37.31 -20.62 7.54
C CYS A 398 -37.61 -21.43 8.81
N LYS A 399 -36.94 -21.05 9.88
CA LYS A 399 -37.01 -21.81 11.13
C LYS A 399 -38.07 -21.32 12.08
N LYS A 400 -38.32 -20.02 12.07
CA LYS A 400 -39.32 -19.39 12.94
C LYS A 400 -40.22 -18.52 12.10
N PRO A 401 -41.50 -18.41 12.47
CA PRO A 401 -42.53 -17.73 11.64
C PRO A 401 -42.26 -16.26 11.29
N ASP A 402 -41.59 -15.55 12.19
CA ASP A 402 -41.35 -14.12 11.99
C ASP A 402 -39.90 -13.84 11.60
N GLN A 403 -39.13 -14.88 11.31
CA GLN A 403 -37.67 -14.80 11.18
C GLN A 403 -37.28 -13.52 10.44
N HIS A 404 -36.37 -12.73 11.02
CA HIS A 404 -36.07 -11.39 10.49
C HIS A 404 -34.78 -11.33 9.70
N PHE A 405 -34.40 -12.45 9.09
CA PHE A 405 -33.26 -12.52 8.17
C PHE A 405 -33.42 -13.70 7.25
N LYS A 406 -32.70 -13.70 6.12
CA LYS A 406 -32.65 -14.87 5.23
C LYS A 406 -31.19 -15.21 4.82
N PRO A 407 -30.79 -16.49 4.96
CA PRO A 407 -29.44 -16.90 4.58
C PRO A 407 -29.36 -17.13 3.06
N TYR A 408 -28.23 -16.76 2.45
CA TYR A 408 -27.93 -17.04 1.07
C TYR A 408 -26.46 -17.44 0.98
N LEU A 409 -26.14 -18.40 0.13
CA LEU A 409 -24.81 -18.44 -0.48
C LEU A 409 -24.70 -17.21 -1.39
N LYS A 410 -23.55 -16.56 -1.40
CA LYS A 410 -23.39 -15.26 -2.07
C LYS A 410 -23.77 -15.29 -3.57
N GLN A 411 -23.57 -16.44 -4.25
CA GLN A 411 -23.90 -16.55 -5.65
C GLN A 411 -25.42 -16.52 -5.85
N HIS A 412 -26.15 -16.77 -4.76
CA HIS A 412 -27.60 -16.77 -4.79
C HIS A 412 -28.27 -15.46 -4.38
N LEU A 413 -27.49 -14.47 -3.94
CA LEU A 413 -28.01 -13.13 -3.65
C LEU A 413 -28.58 -12.54 -4.92
N PRO A 414 -29.64 -11.71 -4.79
CA PRO A 414 -30.08 -10.99 -5.98
C PRO A 414 -28.90 -10.37 -6.76
N LYS A 415 -28.90 -10.58 -8.08
CA LYS A 415 -27.81 -10.14 -8.93
C LYS A 415 -27.68 -8.62 -8.96
N ARG A 416 -28.81 -7.91 -8.75
CA ARG A 416 -28.79 -6.46 -8.63
C ARG A 416 -27.90 -5.91 -7.54
N LEU A 417 -27.62 -6.71 -6.50
CA LEU A 417 -26.73 -6.28 -5.43
C LEU A 417 -25.23 -6.34 -5.81
N HIS A 418 -24.94 -7.10 -6.85
CA HIS A 418 -23.59 -7.18 -7.40
C HIS A 418 -22.61 -7.45 -6.28
N TYR A 419 -22.97 -8.36 -5.35
CA TYR A 419 -22.23 -8.59 -4.12
C TYR A 419 -21.66 -10.01 -3.93
N ALA A 420 -20.69 -10.41 -4.78
CA ALA A 420 -20.18 -11.78 -4.72
C ALA A 420 -18.74 -11.97 -5.15
N ASN A 421 -18.28 -11.20 -6.14
CA ASN A 421 -17.01 -11.54 -6.83
C ASN A 421 -15.86 -10.89 -6.14
N ASN A 422 -15.65 -11.31 -4.90
CA ASN A 422 -14.47 -10.84 -4.18
C ASN A 422 -14.14 -11.88 -3.12
N ARG A 423 -12.85 -12.21 -2.96
CA ARG A 423 -12.44 -13.15 -1.91
C ARG A 423 -12.76 -12.65 -0.48
N ARG A 424 -12.97 -11.35 -0.35
CA ARG A 424 -13.35 -10.79 0.93
C ARG A 424 -14.82 -10.97 1.27
N ILE A 425 -15.63 -11.43 0.30
CA ILE A 425 -17.05 -11.70 0.62
C ILE A 425 -17.22 -13.18 0.95
N GLU A 426 -17.58 -13.43 2.19
CA GLU A 426 -17.85 -14.78 2.65
C GLU A 426 -18.94 -15.46 1.84
N ASP A 427 -18.79 -16.76 1.65
CA ASP A 427 -19.79 -17.57 0.95
C ASP A 427 -21.17 -17.42 1.61
N ILE A 428 -21.22 -17.42 2.93
CA ILE A 428 -22.52 -17.37 3.62
C ILE A 428 -22.85 -15.93 3.93
N HIS A 429 -24.05 -15.49 3.51
CA HIS A 429 -24.52 -14.17 3.77
C HIS A 429 -25.90 -14.19 4.36
N LEU A 430 -26.21 -13.21 5.21
CA LEU A 430 -27.55 -12.99 5.72
C LEU A 430 -28.05 -11.66 5.31
N LEU A 431 -29.17 -11.66 4.58
CA LEU A 431 -29.85 -10.43 4.20
C LEU A 431 -30.83 -10.19 5.35
N VAL A 432 -30.64 -9.08 6.05
CA VAL A 432 -31.36 -8.84 7.30
C VAL A 432 -32.58 -7.99 7.01
N GLU A 433 -33.67 -8.24 7.73
CA GLU A 433 -34.90 -7.48 7.50
C GLU A 433 -34.75 -6.02 8.00
N ARG A 434 -35.31 -5.08 7.27
CA ARG A 434 -35.22 -3.69 7.67
C ARG A 434 -35.81 -3.57 9.10
N ARG A 435 -35.18 -2.73 9.91
CA ARG A 435 -35.51 -2.50 11.35
C ARG A 435 -34.87 -3.47 12.35
N TRP A 436 -34.08 -4.44 11.87
CA TRP A 436 -33.52 -5.50 12.74
C TRP A 436 -32.03 -5.62 12.67
N HIS A 437 -31.41 -6.26 13.66
CA HIS A 437 -30.01 -6.61 13.62
C HIS A 437 -29.94 -8.12 13.76
N VAL A 438 -28.79 -8.68 13.41
CA VAL A 438 -28.46 -10.05 13.72
C VAL A 438 -27.13 -10.03 14.46
N ALA A 439 -27.06 -10.72 15.61
CA ALA A 439 -25.81 -10.87 16.35
C ALA A 439 -25.53 -12.34 16.63
N ARG A 440 -24.31 -12.64 17.07
CA ARG A 440 -23.93 -14.00 17.33
C ARG A 440 -24.60 -14.50 18.61
N LYS A 441 -24.41 -13.77 19.72
CA LYS A 441 -24.95 -14.12 21.06
C LYS A 441 -25.65 -12.94 21.73
N PRO A 442 -26.38 -13.19 22.84
CA PRO A 442 -27.13 -12.11 23.50
C PRO A 442 -26.30 -11.29 24.50
N PHE A 454 -28.66 2.39 23.81
CA PHE A 454 -27.64 3.37 23.42
C PHE A 454 -27.75 3.77 21.94
N PHE A 455 -28.59 3.08 21.17
CA PHE A 455 -28.79 3.43 19.75
C PHE A 455 -30.21 3.16 19.31
N GLN A 456 -30.77 4.07 18.51
CA GLN A 456 -32.10 3.94 17.95
C GLN A 456 -32.14 3.93 16.40
N GLY A 457 -30.97 3.93 15.77
CA GLY A 457 -30.88 3.99 14.30
C GLY A 457 -29.73 3.16 13.75
N ASP A 458 -29.95 2.61 12.55
CA ASP A 458 -28.84 1.99 11.86
C ASP A 458 -29.14 1.86 10.37
N HIS A 459 -28.19 1.33 9.61
CA HIS A 459 -28.36 1.24 8.15
C HIS A 459 -27.38 0.21 7.71
N GLY A 460 -27.45 -0.19 6.44
CA GLY A 460 -26.63 -1.31 5.95
C GLY A 460 -27.42 -2.32 5.13
N PHE A 461 -28.75 -2.24 5.27
CA PHE A 461 -29.71 -3.08 4.59
C PHE A 461 -29.68 -2.95 3.06
N ASP A 462 -30.25 -3.96 2.47
CA ASP A 462 -30.57 -4.03 1.02
C ASP A 462 -30.77 -2.63 0.45
N ASN A 463 -30.05 -2.32 -0.64
CA ASN A 463 -30.07 -0.97 -1.16
C ASN A 463 -31.34 -0.55 -1.90
N LYS A 464 -32.33 -1.43 -2.01
CA LYS A 464 -33.59 -0.95 -2.55
C LYS A 464 -34.55 -0.52 -1.45
N VAL A 465 -34.19 -0.74 -0.20
CA VAL A 465 -35.04 -0.32 0.94
C VAL A 465 -35.18 1.23 1.02
N ASN A 466 -36.41 1.75 1.14
CA ASN A 466 -36.63 3.21 1.09
C ASN A 466 -35.85 4.02 2.09
N SER A 467 -35.81 3.53 3.32
CA SER A 467 -35.02 4.14 4.37
C SER A 467 -33.53 4.26 4.05
N MET A 468 -32.99 3.38 3.21
CA MET A 468 -31.55 3.51 2.82
C MET A 468 -31.18 4.50 1.73
N GLN A 469 -32.16 5.14 1.11
CA GLN A 469 -31.91 6.03 0.04
C GLN A 469 -31.33 7.32 0.61
N THR A 470 -30.48 7.94 -0.20
CA THR A 470 -29.76 9.14 0.23
C THR A 470 -29.98 10.21 -0.82
N VAL A 471 -29.17 11.26 -0.80
CA VAL A 471 -29.48 12.46 -1.60
C VAL A 471 -28.44 12.80 -2.66
N PHE A 472 -28.91 13.50 -3.67
CA PHE A 472 -28.04 14.15 -4.66
C PHE A 472 -28.58 15.53 -5.01
N VAL A 473 -27.69 16.50 -5.03
CA VAL A 473 -27.92 17.82 -5.64
C VAL A 473 -26.63 18.25 -6.29
N GLY A 474 -26.74 18.74 -7.53
CA GLY A 474 -25.68 19.42 -8.21
C GLY A 474 -26.03 20.87 -8.55
N TYR A 475 -25.17 21.78 -8.14
CA TYR A 475 -25.34 23.21 -8.33
C TYR A 475 -24.09 23.81 -8.96
N GLY A 476 -24.28 24.58 -10.00
CA GLY A 476 -23.18 25.31 -10.56
C GLY A 476 -23.26 25.45 -12.04
N SER A 477 -22.21 26.00 -12.58
CA SER A 477 -22.15 26.35 -13.95
C SER A 477 -22.39 25.19 -14.91
N THR A 478 -21.96 23.99 -14.55
CA THR A 478 -22.08 22.89 -15.47
C THR A 478 -23.29 21.98 -15.26
N PHE A 479 -23.95 22.16 -14.13
CA PHE A 479 -25.22 21.51 -13.86
C PHE A 479 -26.36 22.33 -14.48
N LYS A 480 -27.48 21.67 -14.77
CA LYS A 480 -28.68 22.37 -15.25
C LYS A 480 -29.30 23.24 -14.17
N TYR A 481 -30.20 24.13 -14.61
CA TYR A 481 -30.80 25.17 -13.80
C TYR A 481 -32.22 24.72 -13.43
N LYS A 482 -32.54 24.70 -12.14
CA LYS A 482 -33.88 24.34 -11.64
C LYS A 482 -34.43 23.08 -12.30
N THR A 483 -33.66 21.99 -12.25
CA THR A 483 -33.99 20.80 -13.05
C THR A 483 -34.09 19.60 -12.14
N LYS A 484 -35.16 18.84 -12.33
CA LYS A 484 -35.39 17.62 -11.61
C LYS A 484 -35.01 16.48 -12.52
N VAL A 485 -34.33 15.49 -11.96
CA VAL A 485 -34.04 14.31 -12.71
C VAL A 485 -34.46 13.10 -11.88
N PRO A 486 -34.72 11.97 -12.53
CA PRO A 486 -35.16 10.72 -11.88
C PRO A 486 -34.07 10.16 -10.95
N PRO A 487 -34.46 9.35 -9.96
CA PRO A 487 -33.48 8.72 -9.09
C PRO A 487 -32.45 7.95 -9.89
N PHE A 488 -31.23 7.88 -9.37
CA PHE A 488 -30.18 7.14 -10.08
C PHE A 488 -29.28 6.57 -9.01
N GLU A 489 -28.34 5.75 -9.46
CA GLU A 489 -27.45 5.06 -8.55
C GLU A 489 -26.11 5.72 -8.43
N ASN A 490 -25.51 5.63 -7.24
CA ASN A 490 -24.33 6.40 -6.94
C ASN A 490 -23.13 5.91 -7.76
N ILE A 491 -23.24 4.71 -8.32
CA ILE A 491 -22.14 4.17 -9.20
C ILE A 491 -21.99 5.09 -10.42
N GLU A 492 -23.04 5.86 -10.76
CA GLU A 492 -22.97 6.66 -11.96
C GLU A 492 -22.20 8.00 -11.80
N LEU A 493 -21.95 8.43 -10.56
CA LEU A 493 -21.39 9.78 -10.32
C LEU A 493 -19.94 10.01 -10.70
N TYR A 494 -19.13 8.97 -10.54
CA TYR A 494 -17.71 9.07 -10.90
C TYR A 494 -17.58 9.55 -12.35
N ASN A 495 -18.29 8.94 -13.29
CA ASN A 495 -18.28 9.46 -14.70
C ASN A 495 -18.60 10.95 -14.82
N VAL A 496 -19.65 11.39 -14.10
CA VAL A 496 -20.09 12.76 -14.12
C VAL A 496 -19.05 13.69 -13.53
N MET A 497 -18.51 13.31 -12.38
CA MET A 497 -17.43 14.08 -11.78
C MET A 497 -16.22 14.19 -12.70
N CYS A 498 -15.92 13.12 -13.42
CA CYS A 498 -14.86 13.14 -14.42
C CYS A 498 -15.20 14.16 -15.51
N ASP A 499 -16.40 14.05 -16.05
CA ASP A 499 -16.85 15.04 -17.05
C ASP A 499 -16.76 16.48 -16.56
N LEU A 500 -17.18 16.74 -15.34
CA LEU A 500 -17.10 18.07 -14.72
CA LEU A 500 -17.10 18.06 -14.70
C LEU A 500 -15.68 18.62 -14.63
N LEU A 501 -14.69 17.72 -14.66
CA LEU A 501 -13.30 18.12 -14.54
C LEU A 501 -12.49 17.91 -15.79
N GLY A 502 -13.14 17.55 -16.88
CA GLY A 502 -12.47 17.28 -18.13
C GLY A 502 -11.57 16.04 -18.14
N LEU A 503 -11.88 15.04 -17.31
CA LEU A 503 -11.09 13.83 -17.18
C LEU A 503 -11.71 12.69 -17.95
N LYS A 504 -10.84 11.84 -18.49
CA LYS A 504 -11.27 10.60 -19.04
C LYS A 504 -11.44 9.59 -17.87
N PRO A 505 -12.67 9.09 -17.63
CA PRO A 505 -12.87 8.15 -16.52
C PRO A 505 -12.15 6.83 -16.74
N ALA A 506 -11.60 6.28 -15.66
CA ALA A 506 -11.07 4.94 -15.70
C ALA A 506 -12.24 3.97 -15.86
N PRO A 507 -11.99 2.74 -16.35
CA PRO A 507 -13.09 1.79 -16.54
C PRO A 507 -13.90 1.58 -15.25
N ASN A 508 -15.22 1.68 -15.35
CA ASN A 508 -16.04 1.55 -14.13
C ASN A 508 -17.46 0.97 -14.41
N ASN A 509 -18.31 0.90 -13.40
CA ASN A 509 -19.63 0.24 -13.50
C ASN A 509 -20.80 1.21 -13.78
N GLY A 510 -20.50 2.51 -13.78
CA GLY A 510 -21.45 3.51 -14.35
C GLY A 510 -21.64 3.25 -15.84
N THR A 511 -22.67 3.84 -16.39
CA THR A 511 -23.00 3.70 -17.81
C THR A 511 -22.88 5.13 -18.31
N HIS A 512 -21.79 5.39 -19.03
CA HIS A 512 -21.37 6.76 -19.30
C HIS A 512 -22.27 7.30 -20.37
N GLY A 513 -22.99 8.37 -20.04
CA GLY A 513 -24.03 8.90 -20.92
C GLY A 513 -25.37 8.82 -20.25
N SER A 514 -25.54 7.88 -19.33
CA SER A 514 -26.82 7.72 -18.66
C SER A 514 -27.22 8.94 -17.79
N LEU A 515 -26.26 9.80 -17.42
CA LEU A 515 -26.55 10.99 -16.61
C LEU A 515 -26.24 12.29 -17.36
N ASN A 516 -26.15 12.20 -18.68
CA ASN A 516 -25.89 13.41 -19.50
C ASN A 516 -27.01 14.44 -19.31
N HIS A 517 -28.20 13.98 -18.94
CA HIS A 517 -29.33 14.88 -18.74
C HIS A 517 -29.20 15.70 -17.44
N LEU A 518 -28.12 15.52 -16.69
CA LEU A 518 -27.93 16.32 -15.50
C LEU A 518 -27.19 17.61 -15.80
N LEU A 519 -26.54 17.63 -16.96
CA LEU A 519 -25.54 18.65 -17.27
C LEU A 519 -25.98 19.61 -18.34
N ARG A 520 -25.60 20.87 -18.15
CA ARG A 520 -25.84 21.92 -19.14
C ARG A 520 -25.09 21.60 -20.43
N THR A 521 -23.79 21.29 -20.35
CA THR A 521 -23.08 20.79 -21.54
C THR A 521 -22.33 19.49 -21.27
N ASN A 522 -22.22 18.70 -22.33
CA ASN A 522 -21.66 17.36 -22.29
C ASN A 522 -20.50 17.19 -23.25
N THR A 523 -19.31 17.06 -22.70
CA THR A 523 -18.12 16.82 -23.51
C THR A 523 -18.12 15.37 -24.04
N PHE A 524 -18.77 14.45 -23.32
CA PHE A 524 -18.83 13.04 -23.72
C PHE A 524 -20.13 12.63 -24.44
N ARG A 525 -19.97 12.09 -25.65
CA ARG A 525 -21.07 11.60 -26.47
C ARG A 525 -21.00 10.08 -26.53
N PRO A 526 -21.97 9.38 -25.92
CA PRO A 526 -21.91 7.92 -25.97
C PRO A 526 -22.17 7.34 -27.36
N THR A 527 -21.59 6.19 -27.64
CA THR A 527 -21.92 5.46 -28.85
C THR A 527 -22.26 3.99 -28.56
N MET A 528 -23.23 3.51 -29.31
CA MET A 528 -23.71 2.16 -29.18
C MET A 528 -22.59 1.19 -29.56
N PRO A 529 -22.47 0.05 -28.86
CA PRO A 529 -21.42 -0.88 -29.26
C PRO A 529 -21.71 -1.53 -30.61
N GLU A 530 -20.65 -1.87 -31.34
CA GLU A 530 -20.79 -2.58 -32.61
C GLU A 530 -21.11 -4.06 -32.35
N GLU A 531 -22.03 -4.63 -33.12
CA GLU A 531 -22.29 -6.08 -33.10
C GLU A 531 -21.02 -6.85 -33.34
N VAL A 532 -20.77 -7.91 -32.60
CA VAL A 532 -19.57 -8.70 -32.79
C VAL A 532 -19.85 -9.96 -33.60
N THR A 533 -21.08 -10.46 -33.57
CA THR A 533 -21.50 -11.49 -34.52
C THR A 533 -22.83 -11.16 -35.15
N ARG A 534 -22.85 -11.34 -36.48
CA ARG A 534 -24.05 -11.15 -37.26
C ARG A 534 -24.82 -12.45 -37.18
N PRO A 535 -26.16 -12.36 -37.24
CA PRO A 535 -26.99 -13.55 -37.22
C PRO A 535 -26.94 -14.37 -38.53
N ASN A 536 -27.64 -15.50 -38.52
CA ASN A 536 -28.05 -16.22 -39.72
C ASN A 536 -29.56 -16.25 -39.70
N TYR A 537 -30.17 -16.47 -40.86
CA TYR A 537 -31.63 -16.53 -40.94
C TYR A 537 -32.04 -17.81 -41.68
N PRO A 538 -31.66 -18.99 -41.13
CA PRO A 538 -31.96 -20.30 -41.70
C PRO A 538 -33.32 -20.46 -42.34
N GLY A 539 -33.29 -21.10 -43.50
CA GLY A 539 -34.46 -21.77 -44.03
C GLY A 539 -34.29 -23.28 -43.80
N ILE A 540 -35.40 -23.98 -44.05
CA ILE A 540 -35.46 -25.45 -44.03
C ILE A 540 -34.22 -26.08 -44.66
N MET A 541 -33.27 -26.51 -43.83
CA MET A 541 -32.04 -27.12 -44.33
C MET A 541 -31.98 -28.61 -43.98
N TYR A 542 -32.99 -29.12 -43.27
CA TYR A 542 -32.97 -30.51 -42.76
C TYR A 542 -34.30 -31.26 -42.82
N LEU A 543 -34.21 -32.59 -42.70
CA LEU A 543 -35.33 -33.51 -42.86
C LEU A 543 -35.73 -34.11 -41.51
N GLN A 544 -37.01 -34.13 -41.20
CA GLN A 544 -37.46 -34.76 -39.96
C GLN A 544 -36.65 -36.05 -39.66
N SER A 545 -36.68 -37.00 -40.60
CA SER A 545 -35.89 -38.25 -40.51
C SER A 545 -34.44 -38.02 -40.16
N ASP A 546 -33.97 -36.81 -40.43
CA ASP A 546 -32.65 -36.33 -40.03
C ASP A 546 -32.40 -36.47 -38.52
N PHE A 547 -33.43 -36.25 -37.72
CA PHE A 547 -33.29 -36.04 -36.27
C PHE A 547 -33.45 -37.30 -35.41
N ASP A 548 -32.69 -37.37 -34.33
CA ASP A 548 -32.72 -38.48 -33.38
C ASP A 548 -33.02 -37.92 -31.97
N LEU A 549 -34.25 -37.41 -31.77
CA LEU A 549 -34.59 -36.58 -30.58
C LEU A 549 -34.95 -37.36 -29.29
N GLY A 550 -35.98 -38.21 -29.35
CA GLY A 550 -36.38 -39.02 -28.18
C GLY A 550 -37.58 -38.50 -27.43
N THR A 576 -43.83 -10.78 -38.42
CA THR A 576 -43.41 -11.17 -37.07
C THR A 576 -42.74 -10.01 -36.32
N GLU A 577 -41.69 -9.46 -36.91
CA GLU A 577 -40.96 -8.32 -36.33
C GLU A 577 -41.85 -7.17 -35.88
N GLU A 578 -42.68 -6.67 -36.78
CA GLU A 578 -43.55 -5.52 -36.47
C GLU A 578 -44.31 -5.78 -35.17
N ARG A 579 -44.76 -7.02 -35.00
CA ARG A 579 -45.58 -7.42 -33.85
C ARG A 579 -44.76 -7.71 -32.55
N HIS A 580 -43.65 -8.44 -32.67
CA HIS A 580 -43.00 -9.06 -31.52
C HIS A 580 -41.60 -8.59 -31.17
N LEU A 581 -40.97 -7.85 -32.08
CA LEU A 581 -39.62 -7.31 -31.88
C LEU A 581 -39.67 -5.77 -31.99
N LEU A 582 -40.07 -5.09 -30.92
CA LEU A 582 -40.43 -3.68 -31.02
C LEU A 582 -39.29 -2.68 -30.93
N TYR A 583 -38.13 -3.12 -30.49
CA TYR A 583 -37.00 -2.19 -30.29
C TYR A 583 -35.76 -2.66 -31.00
N GLY A 584 -35.92 -3.42 -32.08
CA GLY A 584 -34.75 -3.90 -32.84
C GLY A 584 -34.18 -5.17 -32.26
N ARG A 585 -33.43 -5.90 -33.05
CA ARG A 585 -32.83 -7.13 -32.56
C ARG A 585 -31.71 -6.80 -31.57
N PRO A 586 -31.60 -7.58 -30.49
CA PRO A 586 -30.47 -7.39 -29.61
C PRO A 586 -29.17 -7.68 -30.33
N ALA A 587 -28.14 -6.88 -30.07
CA ALA A 587 -26.85 -7.13 -30.66
C ALA A 587 -26.07 -8.07 -29.77
N VAL A 588 -25.44 -9.06 -30.39
CA VAL A 588 -24.59 -10.03 -29.72
C VAL A 588 -23.18 -9.48 -29.72
N LEU A 589 -22.60 -9.28 -28.53
CA LEU A 589 -21.33 -8.59 -28.42
C LEU A 589 -20.14 -9.52 -28.18
N TYR A 590 -20.26 -10.78 -28.57
CA TYR A 590 -19.16 -11.72 -28.42
C TYR A 590 -19.13 -12.65 -29.63
N ARG A 591 -18.03 -13.37 -29.83
CA ARG A 591 -17.92 -14.33 -30.94
C ARG A 591 -18.69 -15.66 -30.66
N THR A 592 -19.73 -15.93 -31.46
CA THR A 592 -20.47 -17.20 -31.45
C THR A 592 -21.15 -17.34 -32.78
N ARG A 593 -22.01 -18.35 -32.90
CA ARG A 593 -22.85 -18.52 -34.08
C ARG A 593 -24.28 -18.69 -33.61
N TYR A 594 -25.17 -17.86 -34.14
CA TYR A 594 -26.56 -17.95 -33.78
C TYR A 594 -27.46 -17.68 -34.97
N ASP A 595 -28.70 -18.18 -34.89
CA ASP A 595 -29.70 -18.03 -35.94
C ASP A 595 -30.88 -17.25 -35.41
N ILE A 596 -31.44 -16.36 -36.24
CA ILE A 596 -32.72 -15.71 -35.96
C ILE A 596 -33.88 -16.58 -36.40
N LEU A 597 -34.92 -16.72 -35.56
CA LEU A 597 -36.07 -17.58 -35.88
C LEU A 597 -37.41 -16.85 -35.76
N TYR A 598 -38.21 -16.91 -36.83
CA TYR A 598 -39.52 -16.28 -36.89
C TYR A 598 -40.67 -17.26 -36.63
N HIS A 599 -41.75 -16.77 -36.00
CA HIS A 599 -42.95 -17.55 -35.71
C HIS A 599 -44.08 -16.55 -35.57
N THR A 600 -45.32 -17.03 -35.63
CA THR A 600 -46.51 -16.19 -35.53
C THR A 600 -46.56 -15.36 -34.25
N ASP A 601 -46.02 -15.96 -33.19
CA ASP A 601 -46.21 -15.49 -31.83
C ASP A 601 -44.94 -14.93 -31.21
N PHE A 602 -43.78 -15.19 -31.79
CA PHE A 602 -42.52 -14.77 -31.17
C PHE A 602 -41.33 -14.92 -32.10
N GLU A 603 -40.30 -14.14 -31.82
CA GLU A 603 -39.03 -14.24 -32.50
C GLU A 603 -37.94 -14.60 -31.49
N SER A 604 -36.92 -15.32 -31.94
CA SER A 604 -35.84 -15.68 -31.05
C SER A 604 -34.51 -15.64 -31.76
N GLY A 605 -33.46 -15.46 -30.97
CA GLY A 605 -32.08 -15.64 -31.39
C GLY A 605 -31.45 -16.91 -30.83
N TYR A 606 -31.51 -18.00 -31.61
CA TYR A 606 -31.02 -19.32 -31.16
C TYR A 606 -29.51 -19.49 -31.27
N SER A 607 -28.85 -19.87 -30.17
CA SER A 607 -27.41 -20.12 -30.18
C SER A 607 -27.07 -21.60 -30.46
N GLU A 608 -26.21 -21.83 -31.46
CA GLU A 608 -25.82 -23.19 -31.86
C GLU A 608 -24.66 -23.70 -31.02
N ILE A 609 -24.10 -22.81 -30.21
CA ILE A 609 -23.08 -23.16 -29.23
C ILE A 609 -23.79 -23.64 -27.96
N PHE A 610 -24.71 -22.83 -27.42
CA PHE A 610 -25.35 -23.14 -26.11
C PHE A 610 -26.61 -23.99 -26.28
N LEU A 611 -26.98 -24.28 -27.54
CA LEU A 611 -28.13 -25.14 -27.90
C LEU A 611 -29.48 -24.60 -27.43
N MET A 612 -29.60 -23.27 -27.31
CA MET A 612 -30.86 -22.64 -26.89
C MET A 612 -30.85 -21.19 -27.30
N PRO A 613 -32.02 -20.50 -27.23
CA PRO A 613 -31.99 -19.07 -27.49
C PRO A 613 -31.25 -18.28 -26.45
N LEU A 614 -30.60 -17.24 -26.92
CA LEU A 614 -30.04 -16.21 -26.08
C LEU A 614 -31.17 -15.26 -25.70
N TRP A 615 -32.20 -15.17 -26.52
CA TRP A 615 -33.31 -14.29 -26.26
C TRP A 615 -34.52 -14.72 -27.04
N THR A 616 -35.67 -14.38 -26.50
CA THR A 616 -36.92 -14.69 -27.10
C THR A 616 -37.82 -13.49 -26.85
N SER A 617 -38.49 -12.99 -27.90
CA SER A 617 -39.23 -11.73 -27.86
C SER A 617 -40.65 -11.90 -28.35
N TYR A 618 -41.62 -11.46 -27.55
CA TYR A 618 -43.01 -11.58 -27.91
C TYR A 618 -43.83 -10.51 -27.25
N THR A 619 -45.01 -10.23 -27.82
CA THR A 619 -45.81 -9.12 -27.37
C THR A 619 -47.18 -9.66 -27.01
N VAL A 620 -47.64 -9.30 -25.83
CA VAL A 620 -48.92 -9.77 -25.32
C VAL A 620 -49.79 -8.56 -25.23
N SER A 621 -50.89 -8.54 -25.96
CA SER A 621 -51.70 -7.33 -25.97
C SER A 621 -52.55 -7.35 -24.71
N LYS A 622 -52.99 -6.17 -24.29
CA LYS A 622 -53.85 -5.99 -23.12
C LYS A 622 -55.04 -6.94 -23.08
N GLN A 623 -55.62 -7.18 -24.26
CA GLN A 623 -56.87 -7.90 -24.41
C GLN A 623 -56.62 -9.31 -24.92
N ALA A 624 -55.50 -9.92 -24.51
CA ALA A 624 -55.12 -11.25 -25.00
C ALA A 624 -55.60 -12.33 -24.04
N GLU A 625 -55.59 -13.58 -24.51
CA GLU A 625 -56.18 -14.70 -23.78
C GLU A 625 -55.14 -15.78 -23.41
N VAL A 626 -55.32 -16.39 -22.24
CA VAL A 626 -54.49 -17.53 -21.79
C VAL A 626 -55.30 -18.81 -21.91
N SER A 627 -54.68 -19.89 -22.41
CA SER A 627 -55.36 -21.19 -22.56
C SER A 627 -54.42 -22.37 -22.25
N SER A 635 -46.55 -33.18 -23.44
CA SER A 635 -45.09 -33.09 -23.54
C SER A 635 -44.56 -33.36 -24.95
N CYS A 636 -45.20 -32.74 -25.93
CA CYS A 636 -44.68 -32.67 -27.28
C CYS A 636 -43.42 -31.81 -27.31
N VAL A 637 -42.35 -32.34 -27.89
CA VAL A 637 -41.21 -31.56 -28.33
C VAL A 637 -40.93 -32.04 -29.74
N ARG A 638 -40.88 -31.12 -30.70
CA ARG A 638 -40.68 -31.51 -32.09
C ARG A 638 -39.48 -30.78 -32.68
N PRO A 639 -38.76 -31.43 -33.63
CA PRO A 639 -37.48 -30.85 -34.06
C PRO A 639 -37.66 -29.57 -34.87
N ASP A 640 -36.57 -28.80 -34.99
CA ASP A 640 -36.60 -27.58 -35.78
C ASP A 640 -35.84 -27.80 -37.09
N VAL A 641 -36.59 -27.68 -38.18
CA VAL A 641 -36.07 -28.01 -39.48
C VAL A 641 -34.89 -27.09 -39.84
N ARG A 642 -34.95 -25.82 -39.41
CA ARG A 642 -33.94 -24.86 -39.81
C ARG A 642 -32.59 -25.09 -39.15
N VAL A 643 -32.51 -26.03 -38.19
CA VAL A 643 -31.30 -26.23 -37.38
C VAL A 643 -30.77 -27.67 -37.45
N SER A 644 -29.48 -27.81 -37.76
CA SER A 644 -28.80 -29.11 -37.75
C SER A 644 -29.03 -29.87 -36.44
N PRO A 645 -29.33 -31.18 -36.52
CA PRO A 645 -29.30 -32.05 -35.34
C PRO A 645 -28.05 -31.82 -34.51
N SER A 646 -26.94 -31.51 -35.17
CA SER A 646 -25.69 -31.20 -34.48
C SER A 646 -25.86 -30.11 -33.41
N PHE A 647 -26.76 -29.16 -33.66
CA PHE A 647 -26.85 -27.95 -32.84
C PHE A 647 -28.26 -27.81 -32.28
N SER A 648 -28.81 -28.96 -31.90
CA SER A 648 -30.14 -29.06 -31.35
C SER A 648 -30.05 -29.89 -30.07
N GLN A 649 -30.97 -29.62 -29.14
CA GLN A 649 -31.06 -30.40 -27.90
C GLN A 649 -31.77 -31.71 -28.20
N ASN A 650 -31.75 -32.65 -27.27
CA ASN A 650 -32.56 -33.87 -27.41
C ASN A 650 -33.33 -34.16 -26.12
N CYS A 651 -34.48 -34.82 -26.25
CA CYS A 651 -35.31 -35.24 -25.11
C CYS A 651 -34.66 -36.36 -24.27
N LEU A 652 -33.93 -37.26 -24.91
CA LEU A 652 -33.28 -38.37 -24.18
C LEU A 652 -32.45 -37.88 -22.98
N ALA A 653 -31.70 -36.78 -23.18
CA ALA A 653 -30.90 -36.18 -22.11
C ALA A 653 -31.75 -35.81 -20.88
N TYR A 654 -32.93 -35.26 -21.10
CA TYR A 654 -33.84 -34.93 -19.99
C TYR A 654 -34.43 -36.19 -19.35
N LYS A 655 -34.75 -37.20 -20.15
CA LYS A 655 -35.22 -38.48 -19.63
C LYS A 655 -34.16 -39.05 -18.72
N ASN A 656 -32.91 -39.04 -19.15
CA ASN A 656 -31.86 -39.57 -18.30
C ASN A 656 -31.49 -38.71 -17.10
N ASP A 657 -31.64 -37.39 -17.18
CA ASP A 657 -31.32 -36.54 -16.02
C ASP A 657 -32.45 -36.58 -15.02
N LYS A 658 -32.20 -37.22 -13.89
CA LYS A 658 -33.20 -37.45 -12.86
C LYS A 658 -33.78 -36.16 -12.28
N GLN A 659 -32.97 -35.12 -12.23
CA GLN A 659 -33.31 -33.89 -11.52
C GLN A 659 -33.68 -32.73 -12.40
N MET A 660 -33.40 -32.86 -13.70
CA MET A 660 -33.65 -31.81 -14.66
C MET A 660 -34.87 -32.06 -15.54
N SER A 661 -35.79 -31.10 -15.58
CA SER A 661 -36.84 -31.10 -16.55
C SER A 661 -36.59 -29.98 -17.61
N TYR A 662 -37.63 -29.49 -18.23
CA TYR A 662 -37.45 -28.46 -19.26
C TYR A 662 -38.70 -27.57 -19.30
N GLY A 663 -38.48 -26.33 -19.76
CA GLY A 663 -39.56 -25.36 -19.91
C GLY A 663 -39.39 -24.69 -21.28
N PHE A 664 -40.20 -23.69 -21.56
CA PHE A 664 -40.12 -23.00 -22.85
C PHE A 664 -39.96 -21.50 -22.66
N LEU A 665 -39.15 -20.86 -23.49
CA LEU A 665 -39.04 -19.39 -23.40
C LEU A 665 -40.29 -18.66 -23.88
N PHE A 666 -40.83 -19.01 -25.06
CA PHE A 666 -42.18 -18.56 -25.38
C PHE A 666 -43.17 -19.60 -24.87
N PRO A 667 -44.19 -19.17 -24.09
CA PRO A 667 -45.01 -20.18 -23.44
C PRO A 667 -46.19 -20.68 -24.26
N PRO A 668 -46.28 -21.99 -24.47
CA PRO A 668 -47.47 -22.52 -25.11
C PRO A 668 -48.80 -21.91 -24.65
N TYR A 669 -48.98 -21.67 -23.36
CA TYR A 669 -50.23 -21.08 -22.84
C TYR A 669 -50.64 -19.78 -23.53
N LEU A 670 -49.71 -19.13 -24.21
CA LEU A 670 -50.00 -17.84 -24.84
C LEU A 670 -50.08 -17.91 -26.36
N SER A 671 -50.09 -19.11 -26.92
CA SER A 671 -50.26 -19.24 -28.38
C SER A 671 -51.53 -18.48 -28.87
N SER A 672 -51.45 -17.90 -30.06
CA SER A 672 -52.60 -17.16 -30.65
C SER A 672 -53.64 -18.14 -31.21
N SER A 673 -53.19 -19.32 -31.60
CA SER A 673 -54.03 -20.35 -32.18
C SER A 673 -53.43 -21.75 -31.91
N PRO A 674 -54.27 -22.80 -31.99
CA PRO A 674 -53.77 -24.18 -31.91
C PRO A 674 -52.75 -24.54 -33.00
N GLU A 675 -52.85 -23.90 -34.17
CA GLU A 675 -51.82 -24.05 -35.22
C GLU A 675 -50.51 -23.38 -34.76
N ALA A 676 -50.64 -22.14 -34.31
CA ALA A 676 -49.47 -21.38 -33.81
C ALA A 676 -48.80 -22.12 -32.65
N LYS A 677 -49.63 -22.68 -31.77
CA LYS A 677 -49.15 -23.37 -30.56
C LYS A 677 -48.11 -24.45 -30.80
N TYR A 678 -48.09 -25.07 -31.98
CA TYR A 678 -47.09 -26.11 -32.26
C TYR A 678 -45.67 -25.54 -32.38
N ASP A 679 -45.58 -24.26 -32.74
CA ASP A 679 -44.29 -23.55 -32.78
C ASP A 679 -43.70 -23.45 -31.37
N ALA A 680 -44.56 -23.22 -30.39
CA ALA A 680 -44.12 -23.16 -29.00
C ALA A 680 -43.54 -24.50 -28.49
N PHE A 681 -43.78 -25.61 -29.20
CA PHE A 681 -43.21 -26.90 -28.81
C PHE A 681 -41.98 -27.29 -29.63
N LEU A 682 -41.45 -26.38 -30.45
CA LEU A 682 -40.18 -26.63 -31.13
C LEU A 682 -39.02 -26.84 -30.14
N VAL A 683 -38.13 -27.78 -30.45
CA VAL A 683 -36.89 -28.02 -29.68
C VAL A 683 -35.98 -26.78 -29.55
N THR A 684 -36.21 -25.80 -30.40
CA THR A 684 -35.46 -24.56 -30.38
C THR A 684 -36.03 -23.55 -29.40
N ASN A 685 -37.21 -23.83 -28.84
CA ASN A 685 -37.85 -22.96 -27.84
C ASN A 685 -37.68 -23.50 -26.42
N MET A 686 -36.91 -24.57 -26.29
CA MET A 686 -36.90 -25.37 -25.08
C MET A 686 -35.67 -25.02 -24.28
N VAL A 687 -35.82 -24.97 -22.96
CA VAL A 687 -34.70 -24.69 -22.06
C VAL A 687 -34.73 -25.57 -20.81
N PRO A 688 -33.55 -25.90 -20.27
CA PRO A 688 -33.53 -26.78 -19.10
C PRO A 688 -33.93 -26.07 -17.82
N MET A 689 -34.86 -26.71 -17.09
CA MET A 689 -35.41 -26.20 -15.85
C MET A 689 -35.65 -27.29 -14.82
N TYR A 690 -35.16 -27.09 -13.60
CA TYR A 690 -35.54 -27.87 -12.43
C TYR A 690 -37.03 -27.79 -12.23
N PRO A 691 -37.67 -28.92 -11.80
CA PRO A 691 -39.10 -28.91 -11.45
C PRO A 691 -39.48 -27.82 -10.44
N ALA A 692 -38.62 -27.61 -9.43
CA ALA A 692 -38.92 -26.56 -8.45
C ALA A 692 -38.98 -25.19 -9.10
N PHE A 693 -38.11 -24.95 -10.06
CA PHE A 693 -38.11 -23.67 -10.73
C PHE A 693 -39.31 -23.52 -11.66
N LYS A 694 -39.75 -24.64 -12.25
CA LYS A 694 -40.90 -24.62 -13.18
C LYS A 694 -42.14 -24.04 -12.51
N ARG A 695 -42.27 -24.27 -11.20
CA ARG A 695 -43.38 -23.69 -10.42
C ARG A 695 -43.40 -22.16 -10.54
N VAL A 696 -42.22 -21.57 -10.45
CA VAL A 696 -41.98 -20.11 -10.56
C VAL A 696 -42.24 -19.69 -11.98
N TRP A 697 -41.56 -20.35 -12.90
CA TRP A 697 -41.56 -19.97 -14.30
C TRP A 697 -42.97 -20.11 -14.94
N ASN A 698 -43.66 -21.21 -14.66
CA ASN A 698 -45.02 -21.43 -15.15
C ASN A 698 -46.00 -20.38 -14.65
N TYR A 699 -45.88 -19.99 -13.39
CA TYR A 699 -46.71 -18.97 -12.82
C TYR A 699 -46.46 -17.60 -13.43
N PHE A 700 -45.19 -17.26 -13.60
CA PHE A 700 -44.82 -16.05 -14.34
C PHE A 700 -45.46 -16.04 -15.73
N GLN A 701 -45.27 -17.12 -16.48
CA GLN A 701 -45.69 -17.13 -17.86
C GLN A 701 -47.19 -17.27 -18.04
N ARG A 702 -47.83 -18.07 -17.19
CA ARG A 702 -49.26 -18.33 -17.34
C ARG A 702 -50.17 -17.34 -16.65
N VAL A 703 -49.67 -16.71 -15.59
CA VAL A 703 -50.48 -15.85 -14.76
C VAL A 703 -50.00 -14.41 -14.78
N LEU A 704 -48.72 -14.18 -14.56
CA LEU A 704 -48.23 -12.82 -14.42
C LEU A 704 -48.13 -12.03 -15.72
N VAL A 705 -47.69 -12.66 -16.80
CA VAL A 705 -47.52 -11.91 -18.02
C VAL A 705 -48.89 -11.27 -18.42
N LYS A 706 -49.96 -12.07 -18.33
CA LYS A 706 -51.33 -11.59 -18.58
C LYS A 706 -51.68 -10.45 -17.70
N LYS A 707 -51.31 -10.54 -16.42
CA LYS A 707 -51.62 -9.49 -15.47
C LYS A 707 -50.89 -8.19 -15.83
N TYR A 708 -49.60 -8.32 -16.15
CA TYR A 708 -48.83 -7.16 -16.58
C TYR A 708 -49.41 -6.50 -17.86
N ALA A 709 -49.71 -7.33 -18.86
CA ALA A 709 -50.32 -6.88 -20.13
C ALA A 709 -51.62 -6.14 -19.88
N SER A 710 -52.36 -6.60 -18.88
CA SER A 710 -53.61 -5.99 -18.43
C SER A 710 -53.45 -4.68 -17.67
N GLU A 711 -52.33 -4.52 -16.96
CA GLU A 711 -52.11 -3.34 -16.15
C GLU A 711 -51.46 -2.21 -16.92
N ARG A 712 -50.75 -2.54 -17.98
CA ARG A 712 -49.82 -1.63 -18.64
C ARG A 712 -50.20 -1.38 -20.09
N ASN A 713 -51.38 -1.87 -20.49
CA ASN A 713 -51.83 -1.72 -21.87
C ASN A 713 -50.94 -2.46 -22.86
N GLY A 714 -50.77 -3.75 -22.60
CA GLY A 714 -49.90 -4.59 -23.38
C GLY A 714 -48.48 -4.55 -22.80
N VAL A 715 -47.74 -5.63 -22.99
CA VAL A 715 -46.29 -5.67 -22.73
C VAL A 715 -45.56 -6.42 -23.81
N ASN A 716 -44.33 -6.01 -24.11
CA ASN A 716 -43.38 -6.79 -24.87
C ASN A 716 -42.42 -7.45 -23.87
N VAL A 717 -42.21 -8.75 -24.05
CA VAL A 717 -41.38 -9.55 -23.17
C VAL A 717 -40.21 -10.06 -23.96
N ILE A 718 -39.01 -9.92 -23.41
CA ILE A 718 -37.85 -10.60 -23.96
C ILE A 718 -37.30 -11.44 -22.82
N SER A 719 -37.21 -12.75 -23.06
CA SER A 719 -36.76 -13.71 -22.04
C SER A 719 -35.54 -14.50 -22.54
N GLY A 720 -34.75 -15.00 -21.61
CA GLY A 720 -33.66 -15.84 -21.99
C GLY A 720 -32.88 -16.38 -20.81
N PRO A 721 -31.86 -17.19 -21.12
CA PRO A 721 -30.93 -17.78 -20.18
C PRO A 721 -29.76 -16.87 -19.81
N ILE A 722 -29.23 -17.08 -18.60
CA ILE A 722 -28.01 -16.46 -18.15
C ILE A 722 -27.08 -17.55 -17.60
N PHE A 723 -25.79 -17.47 -17.95
CA PHE A 723 -24.75 -18.36 -17.40
C PHE A 723 -23.70 -17.57 -16.62
N ASP A 724 -23.70 -17.69 -15.29
CA ASP A 724 -22.71 -16.96 -14.50
C ASP A 724 -22.20 -17.80 -13.34
N TYR A 725 -21.51 -18.86 -13.70
CA TYR A 725 -21.01 -19.82 -12.72
C TYR A 725 -19.91 -19.29 -11.79
N ASP A 726 -19.11 -18.34 -12.27
CA ASP A 726 -18.06 -17.69 -11.46
C ASP A 726 -18.56 -16.39 -10.77
N TYR A 727 -19.87 -16.17 -10.84
CA TYR A 727 -20.53 -15.03 -10.15
C TYR A 727 -19.80 -13.70 -10.31
N ASP A 728 -19.37 -13.40 -11.53
CA ASP A 728 -18.68 -12.14 -11.77
C ASP A 728 -19.58 -11.09 -12.42
N GLY A 729 -20.85 -11.46 -12.59
CA GLY A 729 -21.82 -10.57 -13.23
C GLY A 729 -21.71 -10.48 -14.74
N LEU A 730 -20.82 -11.30 -15.34
CA LEU A 730 -20.54 -11.25 -16.78
C LEU A 730 -20.87 -12.58 -17.45
N HIS A 731 -21.38 -12.52 -18.68
CA HIS A 731 -21.62 -13.69 -19.51
C HIS A 731 -20.41 -14.65 -19.44
N ASP A 732 -20.68 -15.93 -19.22
CA ASP A 732 -19.61 -16.94 -19.08
C ASP A 732 -19.19 -17.40 -20.47
N THR A 733 -17.91 -17.62 -20.65
CA THR A 733 -17.39 -18.46 -21.73
C THR A 733 -17.68 -19.94 -21.40
N GLU A 734 -17.68 -20.79 -22.43
CA GLU A 734 -17.99 -22.24 -22.31
C GLU A 734 -17.22 -22.95 -21.22
N ASP A 735 -15.96 -22.59 -21.05
CA ASP A 735 -15.08 -23.23 -20.07
C ASP A 735 -15.45 -22.91 -18.61
N LYS A 736 -16.23 -21.84 -18.40
CA LYS A 736 -16.71 -21.53 -17.04
C LYS A 736 -17.97 -22.30 -16.67
N ILE A 737 -18.67 -22.87 -17.66
CA ILE A 737 -19.91 -23.58 -17.38
C ILE A 737 -19.62 -24.90 -16.67
N LYS A 738 -20.20 -25.05 -15.48
CA LYS A 738 -19.89 -26.18 -14.59
C LYS A 738 -20.99 -27.21 -14.51
N GLN A 739 -22.07 -27.01 -15.26
CA GLN A 739 -23.17 -27.95 -15.26
C GLN A 739 -23.88 -28.09 -16.62
N TYR A 740 -24.15 -29.36 -16.97
CA TYR A 740 -24.76 -29.71 -18.22
C TYR A 740 -25.88 -30.68 -17.91
N VAL A 741 -26.86 -30.75 -18.80
CA VAL A 741 -27.89 -31.76 -18.70
C VAL A 741 -27.18 -33.10 -18.91
N GLU A 742 -27.47 -34.05 -18.02
CA GLU A 742 -26.61 -35.22 -17.81
C GLU A 742 -26.24 -35.92 -19.12
N GLY A 743 -24.94 -36.18 -19.29
CA GLY A 743 -24.44 -36.87 -20.47
C GLY A 743 -24.45 -36.05 -21.74
N SER A 744 -24.98 -34.83 -21.69
CA SER A 744 -25.11 -34.01 -22.89
C SER A 744 -24.20 -32.81 -22.84
N SER A 745 -24.29 -32.03 -23.91
CA SER A 745 -23.55 -30.79 -24.09
C SER A 745 -24.51 -29.59 -23.97
N ILE A 746 -25.68 -29.82 -23.37
CA ILE A 746 -26.65 -28.76 -23.10
C ILE A 746 -26.31 -28.13 -21.73
N PRO A 747 -25.84 -26.88 -21.75
CA PRO A 747 -25.42 -26.21 -20.53
C PRO A 747 -26.63 -25.79 -19.68
N VAL A 748 -26.48 -25.81 -18.36
CA VAL A 748 -27.61 -25.45 -17.49
C VAL A 748 -27.49 -23.98 -17.05
N PRO A 749 -28.54 -23.17 -17.26
CA PRO A 749 -28.40 -21.77 -16.87
C PRO A 749 -28.41 -21.58 -15.37
N THR A 750 -27.70 -20.55 -14.92
CA THR A 750 -27.69 -20.14 -13.50
C THR A 750 -28.93 -19.26 -13.22
N HIS A 751 -29.47 -18.65 -14.25
CA HIS A 751 -30.59 -17.72 -14.11
C HIS A 751 -31.40 -17.65 -15.37
N TYR A 752 -32.64 -17.15 -15.26
CA TYR A 752 -33.46 -16.79 -16.41
C TYR A 752 -33.92 -15.35 -16.23
N TYR A 753 -33.73 -14.55 -17.28
CA TYR A 753 -34.16 -13.17 -17.24
C TYR A 753 -35.46 -12.92 -18.00
N SER A 754 -36.13 -11.83 -17.66
CA SER A 754 -37.09 -11.23 -18.55
C SER A 754 -36.97 -9.73 -18.50
N ILE A 755 -37.15 -9.10 -19.67
CA ILE A 755 -37.27 -7.66 -19.77
C ILE A 755 -38.69 -7.40 -20.29
N ILE A 756 -39.48 -6.65 -19.54
CA ILE A 756 -40.88 -6.42 -19.84
C ILE A 756 -41.10 -4.95 -20.08
N THR A 757 -41.42 -4.58 -21.33
CA THR A 757 -41.51 -3.19 -21.75
C THR A 757 -42.95 -2.82 -22.20
N SER A 758 -43.38 -1.60 -21.89
CA SER A 758 -44.66 -1.02 -22.35
C SER A 758 -44.48 0.51 -22.60
N CYS A 759 -45.57 1.27 -22.77
CA CYS A 759 -45.43 2.67 -23.10
C CYS A 759 -45.55 3.44 -21.80
N LEU A 760 -44.65 4.38 -21.47
CA LEU A 760 -44.79 5.20 -20.25
CA LEU A 760 -44.81 5.18 -20.22
C LEU A 760 -46.17 5.86 -20.29
N ASP A 761 -46.53 6.35 -21.46
CA ASP A 761 -47.91 6.83 -21.70
C ASP A 761 -48.81 5.65 -21.91
N PHE A 762 -49.42 5.20 -20.83
CA PHE A 762 -50.20 3.97 -20.82
C PHE A 762 -51.52 4.09 -21.60
N THR A 763 -51.89 5.32 -21.98
CA THR A 763 -53.01 5.51 -22.94
C THR A 763 -52.63 5.04 -24.32
N GLN A 764 -51.35 4.72 -24.53
CA GLN A 764 -50.94 4.09 -25.79
C GLN A 764 -50.58 2.64 -25.55
N PRO A 765 -50.92 1.74 -26.50
CA PRO A 765 -50.58 0.30 -26.33
C PRO A 765 -49.09 0.10 -26.47
N ALA A 766 -48.55 -1.04 -26.00
CA ALA A 766 -47.11 -1.28 -26.07
C ALA A 766 -46.60 -1.31 -27.51
N ASP A 767 -47.40 -1.82 -28.43
CA ASP A 767 -46.94 -1.94 -29.82
C ASP A 767 -47.17 -0.68 -30.69
N LYS A 768 -47.77 0.36 -30.13
CA LYS A 768 -47.99 1.61 -30.87
C LYS A 768 -47.69 2.79 -29.96
N CYS A 769 -46.43 2.84 -29.52
CA CYS A 769 -45.94 3.78 -28.56
C CYS A 769 -45.10 4.84 -29.26
N ASP A 770 -45.48 6.10 -29.14
CA ASP A 770 -44.74 7.20 -29.79
C ASP A 770 -43.50 7.65 -29.03
N GLY A 771 -43.52 7.54 -27.70
CA GLY A 771 -42.62 8.33 -26.84
C GLY A 771 -41.80 7.45 -25.89
N PRO A 772 -41.47 7.99 -24.69
CA PRO A 772 -40.71 7.24 -23.69
C PRO A 772 -41.29 5.90 -23.27
N LEU A 773 -40.40 4.96 -22.94
CA LEU A 773 -40.77 3.59 -22.62
C LEU A 773 -40.75 3.39 -21.12
N SER A 774 -41.39 2.30 -20.72
CA SER A 774 -41.48 1.88 -19.35
C SER A 774 -40.96 0.45 -19.34
N VAL A 775 -39.94 0.18 -18.53
CA VAL A 775 -39.38 -1.14 -18.48
C VAL A 775 -39.30 -1.67 -17.04
N SER A 776 -39.56 -2.97 -16.87
CA SER A 776 -39.21 -3.69 -15.65
C SER A 776 -38.56 -5.03 -16.04
N SER A 777 -37.56 -5.45 -15.26
CA SER A 777 -36.79 -6.61 -15.62
C SER A 777 -36.49 -7.42 -14.36
N PHE A 778 -36.30 -8.72 -14.53
CA PHE A 778 -35.80 -9.57 -13.43
C PHE A 778 -34.75 -10.55 -13.92
N ILE A 779 -34.01 -11.06 -12.95
CA ILE A 779 -33.01 -12.13 -13.16
C ILE A 779 -33.31 -13.15 -12.09
N LEU A 780 -34.06 -14.18 -12.44
CA LEU A 780 -34.46 -15.17 -11.46
C LEU A 780 -33.38 -16.24 -11.28
N PRO A 781 -33.04 -16.57 -10.04
CA PRO A 781 -32.08 -17.70 -9.92
C PRO A 781 -32.73 -19.03 -10.26
N HIS A 782 -32.03 -19.83 -11.04
CA HIS A 782 -32.52 -21.10 -11.45
C HIS A 782 -32.08 -22.14 -10.44
N ARG A 783 -32.89 -22.34 -9.43
CA ARG A 783 -32.52 -23.18 -8.31
C ARG A 783 -33.38 -24.43 -8.22
N PRO A 784 -32.77 -25.53 -7.73
CA PRO A 784 -33.44 -26.83 -7.71
C PRO A 784 -34.42 -27.00 -6.55
N ASP A 785 -34.53 -25.98 -5.70
CA ASP A 785 -35.49 -25.99 -4.63
C ASP A 785 -36.04 -24.56 -4.50
N ASN A 786 -37.03 -24.39 -3.63
CA ASN A 786 -37.54 -23.06 -3.30
C ASN A 786 -37.35 -22.76 -1.85
N GLU A 787 -36.19 -23.14 -1.32
CA GLU A 787 -35.86 -22.81 0.04
C GLU A 787 -35.83 -21.30 0.33
N GLU A 788 -35.49 -20.50 -0.67
CA GLU A 788 -35.51 -19.07 -0.52
C GLU A 788 -36.91 -18.58 -0.12
N SER A 789 -37.95 -19.27 -0.58
CA SER A 789 -39.34 -18.78 -0.38
C SER A 789 -39.98 -19.62 0.72
N CYS A 790 -40.05 -19.07 1.93
CA CYS A 790 -40.55 -19.80 3.10
C CYS A 790 -42.00 -20.20 3.00
N ASN A 791 -42.76 -19.55 2.13
CA ASN A 791 -44.16 -19.91 1.90
C ASN A 791 -44.37 -20.78 0.69
N SER A 792 -43.33 -21.36 0.12
CA SER A 792 -43.48 -21.97 -1.18
C SER A 792 -44.35 -23.24 -1.18
N SER A 793 -44.71 -23.77 -0.02
CA SER A 793 -45.61 -24.92 -0.02
C SER A 793 -47.04 -24.46 -0.37
N GLU A 794 -47.30 -23.15 -0.25
CA GLU A 794 -48.60 -22.59 -0.65
C GLU A 794 -48.73 -22.44 -2.15
N ASP A 795 -49.94 -22.11 -2.59
CA ASP A 795 -50.20 -21.72 -3.95
C ASP A 795 -49.28 -20.60 -4.40
N GLU A 796 -48.90 -20.63 -5.66
CA GLU A 796 -47.91 -19.75 -6.24
C GLU A 796 -48.30 -18.29 -6.14
N SER A 797 -49.60 -18.03 -6.09
CA SER A 797 -50.10 -16.69 -5.88
C SER A 797 -49.76 -16.11 -4.52
N LYS A 798 -49.18 -16.90 -3.61
CA LYS A 798 -48.83 -16.40 -2.29
C LYS A 798 -47.32 -16.17 -2.12
N TRP A 799 -46.52 -16.48 -3.14
CA TRP A 799 -45.05 -16.38 -2.96
C TRP A 799 -44.21 -16.11 -4.19
N VAL A 800 -44.68 -16.48 -5.38
CA VAL A 800 -43.88 -16.32 -6.60
C VAL A 800 -43.54 -14.87 -6.94
N GLU A 801 -44.56 -14.02 -6.99
CA GLU A 801 -44.32 -12.65 -7.29
C GLU A 801 -43.40 -11.95 -6.30
N GLU A 802 -43.45 -12.27 -5.01
CA GLU A 802 -42.53 -11.70 -4.00
C GLU A 802 -41.08 -12.09 -4.36
N LEU A 803 -40.90 -13.34 -4.72
CA LEU A 803 -39.56 -13.83 -5.16
C LEU A 803 -39.04 -13.00 -6.34
N MET A 804 -39.90 -12.83 -7.33
CA MET A 804 -39.55 -12.09 -8.53
C MET A 804 -39.19 -10.62 -8.25
N LYS A 805 -39.95 -9.93 -7.40
CA LYS A 805 -39.64 -8.56 -6.95
C LYS A 805 -38.27 -8.42 -6.25
N MET A 806 -37.96 -9.38 -5.41
CA MET A 806 -36.65 -9.41 -4.76
C MET A 806 -35.51 -9.48 -5.80
N HIS A 807 -35.81 -10.08 -6.96
CA HIS A 807 -34.82 -10.36 -8.02
C HIS A 807 -35.01 -9.45 -9.26
N THR A 808 -35.68 -8.32 -9.02
CA THR A 808 -35.74 -7.23 -9.97
C THR A 808 -34.32 -6.83 -10.40
N ALA A 809 -34.20 -6.35 -11.63
CA ALA A 809 -32.91 -6.00 -12.20
C ALA A 809 -33.01 -4.87 -13.17
N ARG A 810 -31.87 -4.21 -13.43
CA ARG A 810 -31.75 -3.24 -14.50
C ARG A 810 -31.53 -3.98 -15.82
N VAL A 811 -31.99 -3.40 -16.93
CA VAL A 811 -31.62 -3.96 -18.22
C VAL A 811 -30.09 -4.13 -18.37
N ARG A 812 -29.39 -3.14 -17.85
CA ARG A 812 -27.93 -3.08 -17.90
CA ARG A 812 -27.94 -3.10 -17.92
C ARG A 812 -27.31 -4.31 -17.22
N ASP A 813 -27.95 -4.76 -16.15
CA ASP A 813 -27.50 -5.97 -15.43
C ASP A 813 -27.56 -7.22 -16.33
N ILE A 814 -28.67 -7.34 -17.06
CA ILE A 814 -28.87 -8.42 -18.00
C ILE A 814 -27.85 -8.34 -19.19
N GLU A 815 -27.55 -7.12 -19.63
CA GLU A 815 -26.63 -6.93 -20.73
C GLU A 815 -25.26 -7.46 -20.38
N HIS A 816 -24.79 -7.11 -19.20
CA HIS A 816 -23.53 -7.61 -18.70
C HIS A 816 -23.54 -9.12 -18.62
N LEU A 817 -24.65 -9.68 -18.16
CA LEU A 817 -24.73 -11.10 -17.91
C LEU A 817 -24.88 -11.95 -19.18
N THR A 818 -25.29 -11.33 -20.29
CA THR A 818 -25.58 -12.03 -21.54
C THR A 818 -24.69 -11.58 -22.72
N SER A 819 -23.97 -10.47 -22.54
CA SER A 819 -23.21 -9.85 -23.62
C SER A 819 -24.12 -9.55 -24.81
N LEU A 820 -25.33 -9.12 -24.49
CA LEU A 820 -26.26 -8.59 -25.46
C LEU A 820 -26.44 -7.11 -25.24
N ASP A 821 -26.84 -6.41 -26.29
CA ASP A 821 -27.20 -5.00 -26.25
C ASP A 821 -28.65 -4.83 -26.75
N PHE A 822 -29.50 -4.21 -25.92
CA PHE A 822 -30.94 -4.10 -26.18
C PHE A 822 -31.32 -2.68 -26.52
N PHE A 823 -32.58 -2.51 -26.93
CA PHE A 823 -33.13 -1.20 -27.28
C PHE A 823 -32.32 -0.42 -28.33
N ARG A 824 -31.85 -1.13 -29.34
CA ARG A 824 -31.01 -0.49 -30.37
C ARG A 824 -31.79 0.29 -31.45
N LYS A 825 -33.08 -0.02 -31.65
CA LYS A 825 -33.90 0.70 -32.65
C LYS A 825 -35.19 1.21 -32.04
N THR A 826 -35.16 2.41 -31.51
CA THR A 826 -36.31 3.04 -30.91
C THR A 826 -36.40 4.42 -31.50
N SER A 827 -37.40 5.19 -31.09
CA SER A 827 -37.52 6.58 -31.51
C SER A 827 -36.89 7.52 -30.49
N ARG A 828 -36.04 7.00 -29.59
CA ARG A 828 -35.50 7.80 -28.50
C ARG A 828 -34.01 8.03 -28.72
N SER A 829 -33.47 9.03 -28.07
CA SER A 829 -32.03 9.33 -28.20
C SER A 829 -31.25 8.26 -27.43
N TYR A 830 -29.98 8.06 -27.78
CA TYR A 830 -29.24 6.98 -27.13
C TYR A 830 -28.98 7.28 -25.64
N PRO A 831 -28.68 8.55 -25.28
CA PRO A 831 -28.64 8.85 -23.84
C PRO A 831 -29.93 8.51 -23.07
N GLU A 832 -31.08 8.82 -23.65
CA GLU A 832 -32.36 8.49 -23.00
C GLU A 832 -32.49 6.98 -22.81
N ILE A 833 -32.09 6.21 -23.82
CA ILE A 833 -32.08 4.75 -23.73
C ILE A 833 -31.07 4.22 -22.66
N LEU A 834 -29.95 4.91 -22.50
CA LEU A 834 -28.99 4.56 -21.43
C LEU A 834 -29.61 4.79 -20.06
N THR A 835 -30.37 5.87 -19.91
CA THR A 835 -31.10 6.11 -18.66
C THR A 835 -32.10 4.97 -18.39
N LEU A 836 -32.86 4.60 -19.41
CA LEU A 836 -33.81 3.50 -19.37
C LEU A 836 -33.16 2.17 -19.06
N LYS A 837 -31.96 1.91 -19.59
CA LYS A 837 -31.30 0.63 -19.31
C LYS A 837 -30.71 0.55 -17.89
N THR A 838 -30.52 1.70 -17.23
CA THR A 838 -30.08 1.77 -15.81
C THR A 838 -31.21 1.82 -14.80
N TYR A 839 -32.46 1.98 -15.26
CA TYR A 839 -33.61 2.04 -14.35
C TYR A 839 -33.79 0.70 -13.61
N LEU A 840 -34.12 0.76 -12.33
CA LEU A 840 -34.44 -0.40 -11.53
C LEU A 840 -35.86 -0.19 -10.99
N HIS A 841 -36.75 -1.15 -11.23
CA HIS A 841 -38.09 -1.13 -10.68
C HIS A 841 -38.01 -1.70 -9.28
N THR A 842 -38.24 -0.88 -8.25
CA THR A 842 -37.95 -1.34 -6.86
C THR A 842 -39.09 -1.95 -6.07
N TYR A 843 -40.35 -1.55 -6.28
CA TYR A 843 -41.47 -2.17 -5.55
C TYR A 843 -41.46 -1.80 -4.06
N GLU A 844 -41.10 -0.56 -3.76
CA GLU A 844 -41.04 -0.07 -2.36
C GLU A 844 -42.18 0.87 -1.99
N GLY B 41 61.22 18.97 28.07
CA GLY B 41 60.24 18.79 29.19
C GLY B 41 59.24 19.92 29.35
N SER B 42 58.88 20.59 28.24
CA SER B 42 57.93 21.74 28.26
C SER B 42 57.04 21.86 27.00
N CYS B 43 55.78 22.25 27.20
CA CYS B 43 54.81 22.47 26.11
C CYS B 43 54.55 23.94 25.76
N LYS B 44 55.33 24.88 26.28
CA LYS B 44 55.17 26.30 25.93
C LYS B 44 55.27 26.45 24.41
N GLY B 45 54.23 27.02 23.80
CA GLY B 45 54.15 27.14 22.33
C GLY B 45 54.09 25.85 21.53
N ARG B 46 53.70 24.75 22.17
CA ARG B 46 53.47 23.48 21.47
C ARG B 46 52.14 22.88 21.85
N CYS B 47 51.27 23.62 22.53
CA CYS B 47 50.03 23.02 22.99
C CYS B 47 49.25 22.53 21.79
N PHE B 48 48.91 21.25 21.81
CA PHE B 48 48.16 20.62 20.75
C PHE B 48 48.86 20.65 19.38
N GLU B 49 50.19 20.72 19.41
CA GLU B 49 51.01 20.61 18.22
C GLU B 49 50.58 19.40 17.42
N LEU B 50 50.73 19.48 16.09
CA LEU B 50 50.35 18.39 15.19
C LEU B 50 51.44 17.32 15.15
N CYS B 58 59.02 13.92 25.38
CA CYS B 58 57.99 14.79 25.93
C CYS B 58 56.92 15.19 24.90
N ARG B 59 55.66 14.82 25.14
CA ARG B 59 54.57 15.12 24.18
C ARG B 59 53.60 16.21 24.63
N CYS B 60 52.98 16.89 23.65
CA CYS B 60 52.03 17.98 23.89
C CYS B 60 50.77 17.92 23.01
N ASP B 61 50.52 16.76 22.43
CA ASP B 61 49.43 16.59 21.46
C ASP B 61 48.16 16.02 22.11
N ASN B 62 47.09 16.05 21.33
CA ASN B 62 45.79 15.42 21.64
C ASN B 62 45.71 14.17 22.46
N LEU B 63 46.70 13.28 22.30
CA LEU B 63 46.66 11.97 22.91
C LEU B 63 47.79 11.67 23.90
N CYS B 64 48.65 12.65 24.18
CA CYS B 64 49.76 12.41 25.12
C CYS B 64 49.21 11.94 26.47
N LYS B 65 48.05 12.50 26.88
CA LYS B 65 47.42 12.17 28.15
C LYS B 65 47.00 10.71 28.22
N SER B 66 46.61 10.13 27.07
CA SER B 66 46.24 8.71 26.98
C SER B 66 47.42 7.77 27.24
N TYR B 67 48.64 8.24 26.98
CA TYR B 67 49.84 7.44 27.24
C TYR B 67 50.48 7.81 28.58
N THR B 68 49.88 8.79 29.27
CA THR B 68 50.50 9.47 30.39
C THR B 68 51.95 9.82 30.00
N SER B 69 52.08 10.55 28.88
CA SER B 69 53.39 10.96 28.33
C SER B 69 53.45 12.46 27.94
N CYS B 70 52.60 13.29 28.53
CA CYS B 70 52.68 14.75 28.32
C CYS B 70 53.83 15.35 29.13
N CYS B 71 54.33 16.52 28.70
CA CYS B 71 55.26 17.34 29.49
C CYS B 71 54.63 17.78 30.79
N HIS B 72 55.47 18.18 31.75
CA HIS B 72 55.02 18.53 33.10
C HIS B 72 54.03 19.71 33.15
N ASP B 73 54.20 20.67 32.24
CA ASP B 73 53.38 21.87 32.21
C ASP B 73 52.24 21.76 31.18
N PHE B 74 52.05 20.56 30.63
CA PHE B 74 51.00 20.33 29.63
C PHE B 74 49.68 20.70 30.24
N ASP B 75 49.44 20.14 31.41
CA ASP B 75 48.19 20.39 32.10
C ASP B 75 48.06 21.87 32.41
N GLU B 76 49.16 22.44 32.91
CA GLU B 76 49.24 23.86 33.30
C GLU B 76 48.94 24.78 32.13
N LEU B 77 49.68 24.58 31.04
CA LEU B 77 49.65 25.46 29.87
C LEU B 77 48.52 25.14 28.88
N CYS B 78 48.28 23.86 28.63
CA CYS B 78 47.38 23.45 27.55
C CYS B 78 45.94 23.25 27.97
N LEU B 79 45.70 22.91 29.25
CA LEU B 79 44.33 22.64 29.73
C LEU B 79 43.75 23.74 30.61
N LYS B 80 43.95 24.99 30.20
CA LYS B 80 43.48 26.17 30.92
C LYS B 80 41.97 26.17 31.04
N THR B 81 41.46 26.47 32.23
CA THR B 81 40.00 26.60 32.45
C THR B 81 39.56 27.99 32.93
N ALA B 82 40.51 28.78 33.43
CA ALA B 82 40.23 30.04 34.10
C ALA B 82 39.25 30.90 33.32
N ARG B 83 38.17 31.28 33.98
CA ARG B 83 37.15 32.17 33.46
C ARG B 83 36.19 31.53 32.45
N GLY B 84 36.28 30.23 32.24
CA GLY B 84 35.29 29.52 31.43
C GLY B 84 35.50 29.72 29.94
N TRP B 85 34.42 29.66 29.17
CA TRP B 85 34.53 29.53 27.71
C TRP B 85 33.78 30.61 26.94
N GLU B 86 33.29 31.63 27.63
CA GLU B 86 32.46 32.67 27.02
C GLU B 86 32.98 34.05 27.41
N CYS B 87 33.08 34.94 26.42
CA CYS B 87 33.38 36.35 26.68
C CYS B 87 32.16 37.04 27.35
N THR B 88 32.46 37.99 28.21
CA THR B 88 31.47 38.88 28.81
C THR B 88 31.86 40.33 28.44
N LYS B 89 30.88 41.23 28.39
CA LYS B 89 31.12 42.64 28.01
C LYS B 89 32.35 43.22 28.73
N ASP B 90 32.54 42.88 30.01
CA ASP B 90 33.63 43.45 30.81
C ASP B 90 35.04 42.98 30.43
N ARG B 91 35.13 41.88 29.69
CA ARG B 91 36.43 41.35 29.25
C ARG B 91 36.84 41.91 27.89
N CYS B 92 35.91 42.52 27.16
CA CYS B 92 36.19 43.03 25.80
C CYS B 92 37.28 44.09 25.82
N GLY B 93 38.37 43.83 25.11
CA GLY B 93 39.52 44.72 25.10
C GLY B 93 40.59 44.35 26.12
N GLU B 94 40.32 43.35 26.95
CA GLU B 94 41.26 42.98 28.01
C GLU B 94 42.72 42.94 27.55
N VAL B 95 43.62 43.19 28.47
CA VAL B 95 45.02 42.84 28.28
C VAL B 95 45.12 41.31 28.33
N ARG B 96 45.89 40.74 27.41
CA ARG B 96 46.10 39.31 27.37
C ARG B 96 46.59 38.77 28.70
N ASN B 97 45.88 37.77 29.21
CA ASN B 97 46.30 37.02 30.38
C ASN B 97 46.45 35.57 29.93
N GLU B 98 47.65 35.02 30.02
CA GLU B 98 47.92 33.71 29.43
C GLU B 98 47.23 32.58 30.21
N GLU B 99 46.89 32.82 31.48
CA GLU B 99 46.19 31.83 32.30
C GLU B 99 44.71 31.61 31.89
N ASN B 100 44.12 32.54 31.14
CA ASN B 100 42.72 32.39 30.71
C ASN B 100 42.50 31.23 29.70
N ALA B 101 41.35 30.57 29.79
CA ALA B 101 41.03 29.41 28.92
C ALA B 101 40.88 29.82 27.47
N CYS B 102 40.17 30.92 27.23
CA CYS B 102 40.15 31.55 25.91
C CYS B 102 40.22 33.07 26.13
N HIS B 103 40.19 33.86 25.05
CA HIS B 103 40.53 35.27 25.17
C HIS B 103 39.52 36.20 24.54
N CYS B 104 39.46 37.42 25.06
CA CYS B 104 38.56 38.45 24.55
C CYS B 104 39.32 39.73 24.20
N SER B 105 40.64 39.61 24.09
CA SER B 105 41.53 40.69 23.70
C SER B 105 41.53 40.89 22.19
N GLU B 106 42.01 42.06 21.77
CA GLU B 106 42.01 42.43 20.36
C GLU B 106 42.90 41.51 19.53
N ASP B 107 43.91 40.91 20.12
CA ASP B 107 44.82 40.07 19.37
C ASP B 107 44.35 38.62 19.24
N CYS B 108 43.17 38.28 19.74
CA CYS B 108 42.82 36.85 19.86
C CYS B 108 42.58 36.17 18.49
N LEU B 109 41.93 36.86 17.54
CA LEU B 109 41.65 36.25 16.24
C LEU B 109 42.92 35.85 15.52
N ALA B 110 43.93 36.69 15.62
CA ALA B 110 45.23 36.44 15.02
C ALA B 110 45.85 35.20 15.61
N ARG B 111 45.75 35.08 16.93
CA ARG B 111 46.34 33.96 17.67
C ARG B 111 45.44 32.75 17.55
N GLY B 112 44.23 32.95 17.03
CA GLY B 112 43.26 31.89 16.86
C GLY B 112 42.72 31.33 18.17
N ASP B 113 42.65 32.14 19.21
CA ASP B 113 42.29 31.62 20.55
C ASP B 113 41.24 32.47 21.28
N CYS B 114 40.37 33.12 20.52
CA CYS B 114 39.25 33.83 21.12
C CYS B 114 38.22 32.84 21.63
N CYS B 115 37.45 33.27 22.62
CA CYS B 115 36.28 32.53 22.96
C CYS B 115 35.42 32.63 21.74
N THR B 116 34.65 31.58 21.48
CA THR B 116 33.88 31.47 20.25
C THR B 116 32.79 32.51 20.13
N ASN B 117 32.40 33.12 21.23
CA ASN B 117 31.39 34.19 21.19
C ASN B 117 32.04 35.61 21.18
N TYR B 118 33.36 35.66 21.04
CA TYR B 118 34.09 36.94 21.12
C TYR B 118 33.42 38.03 20.26
N GLN B 119 33.25 37.77 18.96
CA GLN B 119 32.70 38.80 18.07
C GLN B 119 31.24 39.11 18.36
N VAL B 120 30.50 38.12 18.87
CA VAL B 120 29.10 38.36 19.24
C VAL B 120 29.04 39.33 20.42
N VAL B 121 29.81 39.04 21.47
CA VAL B 121 29.78 39.82 22.69
C VAL B 121 30.48 41.18 22.51
N CYS B 122 31.59 41.20 21.78
CA CYS B 122 32.44 42.38 21.72
C CYS B 122 32.30 43.24 20.46
N LYS B 123 31.77 42.69 19.37
CA LYS B 123 31.75 43.39 18.09
C LYS B 123 30.38 43.50 17.45
N GLY B 124 29.32 43.26 18.23
CA GLY B 124 27.95 43.40 17.72
C GLY B 124 27.54 42.42 16.64
N GLU B 125 28.23 41.28 16.56
CA GLU B 125 27.86 40.29 15.56
C GLU B 125 26.75 39.40 16.10
N SER B 126 26.00 38.76 15.19
CA SER B 126 25.00 37.75 15.58
C SER B 126 25.60 36.36 15.75
N HIS B 127 24.93 35.54 16.56
CA HIS B 127 25.19 34.12 16.58
C HIS B 127 24.87 33.52 15.24
N TRP B 128 25.66 32.53 14.83
CA TRP B 128 25.40 31.85 13.58
C TRP B 128 23.96 31.35 13.52
N VAL B 129 23.47 30.83 14.63
CA VAL B 129 22.14 30.19 14.65
C VAL B 129 21.03 31.23 14.42
N ASP B 130 21.32 32.49 14.70
CA ASP B 130 20.32 33.54 14.52
C ASP B 130 20.23 34.05 13.10
N ASP B 131 21.26 33.79 12.30
CA ASP B 131 21.26 34.20 10.90
C ASP B 131 20.33 33.34 10.08
N ASP B 132 19.74 33.89 9.03
CA ASP B 132 18.86 33.10 8.17
C ASP B 132 19.71 32.08 7.39
N CYS B 133 19.10 30.96 7.02
CA CYS B 133 19.73 30.00 6.09
CA CYS B 133 19.76 30.02 6.13
C CYS B 133 19.95 30.71 4.78
N GLU B 134 21.18 30.71 4.28
CA GLU B 134 21.46 31.24 2.97
C GLU B 134 22.21 30.19 2.17
N GLU B 135 21.72 29.87 0.98
CA GLU B 135 22.42 28.91 0.15
C GLU B 135 23.92 29.23 -0.03
N ILE B 136 24.74 28.18 -0.03
CA ILE B 136 26.18 28.26 -0.30
C ILE B 136 26.42 27.63 -1.66
N LYS B 137 26.42 28.45 -2.70
CA LYS B 137 26.47 27.97 -4.07
C LYS B 137 27.91 27.63 -4.44
N ALA B 138 28.86 28.19 -3.69
CA ALA B 138 30.26 27.79 -3.80
C ALA B 138 31.02 28.12 -2.52
N ALA B 139 32.12 27.41 -2.31
CA ALA B 139 32.96 27.63 -1.14
C ALA B 139 33.52 29.06 -1.08
N GLU B 140 33.38 29.67 0.08
CA GLU B 140 33.88 31.03 0.33
C GLU B 140 34.98 30.94 1.39
N CYS B 141 36.19 30.63 0.94
CA CYS B 141 37.32 30.34 1.85
C CYS B 141 38.37 31.49 1.94
N PRO B 142 39.03 31.64 3.12
CA PRO B 142 40.00 32.73 3.24
C PRO B 142 41.16 32.59 2.26
N ALA B 143 42.03 33.60 2.23
CA ALA B 143 43.26 33.56 1.45
C ALA B 143 44.10 32.32 1.80
N GLY B 144 44.48 31.57 0.76
CA GLY B 144 45.35 30.40 0.90
C GLY B 144 44.71 29.02 0.86
N PHE B 145 43.41 28.92 1.12
CA PHE B 145 42.74 27.62 1.19
C PHE B 145 42.67 27.03 -0.20
N VAL B 146 43.01 25.75 -0.35
CA VAL B 146 42.97 25.10 -1.67
C VAL B 146 41.88 24.04 -1.83
N ARG B 147 41.21 23.69 -0.73
CA ARG B 147 39.97 22.92 -0.80
C ARG B 147 39.10 23.27 0.42
N PRO B 148 37.78 23.06 0.32
CA PRO B 148 36.99 23.30 1.51
C PRO B 148 37.39 22.27 2.59
N PRO B 149 37.66 22.73 3.82
CA PRO B 149 37.95 21.71 4.85
C PRO B 149 36.73 20.92 5.23
N LEU B 150 36.97 19.76 5.84
CA LEU B 150 35.93 18.91 6.39
C LEU B 150 36.07 18.76 7.93
N ILE B 151 35.00 19.05 8.65
CA ILE B 151 34.94 18.78 10.08
C ILE B 151 33.85 17.75 10.39
N ILE B 152 34.27 16.65 10.99
CA ILE B 152 33.35 15.54 11.36
C ILE B 152 33.04 15.70 12.82
N PHE B 153 31.79 16.12 13.12
CA PHE B 153 31.34 16.29 14.49
C PHE B 153 30.60 15.03 14.90
N SER B 154 31.26 14.16 15.66
CA SER B 154 30.69 12.86 15.97
CA SER B 154 30.71 12.85 15.97
C SER B 154 30.15 12.84 17.39
N VAL B 155 28.98 12.27 17.54
CA VAL B 155 28.29 12.22 18.83
C VAL B 155 27.95 10.78 19.12
N ASP B 156 28.47 10.27 20.23
CA ASP B 156 28.27 8.91 20.62
C ASP B 156 26.84 8.69 21.09
N GLY B 157 26.17 7.66 20.57
CA GLY B 157 24.83 7.29 21.07
C GLY B 157 23.71 8.24 20.72
N PHE B 158 23.86 8.99 19.65
CA PHE B 158 22.83 9.95 19.24
C PHE B 158 21.79 9.23 18.38
N ARG B 159 20.74 8.76 19.05
CA ARG B 159 19.59 8.14 18.43
C ARG B 159 18.83 9.07 17.48
N ALA B 160 18.45 8.54 16.32
CA ALA B 160 17.74 9.30 15.29
C ALA B 160 16.53 10.07 15.79
N SER B 161 15.71 9.41 16.60
CA SER B 161 14.51 10.02 17.15
C SER B 161 14.83 11.27 17.98
N TYR B 162 16.06 11.43 18.48
CA TYR B 162 16.40 12.66 19.22
C TYR B 162 16.20 13.95 18.42
N MET B 163 16.27 13.88 17.09
CA MET B 163 16.06 15.05 16.21
C MET B 163 14.62 15.61 16.25
N LYS B 164 13.68 14.80 16.76
CA LYS B 164 12.29 15.23 16.92
C LYS B 164 12.13 16.29 18.04
N LYS B 165 13.09 16.34 18.97
CA LYS B 165 13.06 17.34 20.04
C LYS B 165 13.10 18.79 19.55
N GLY B 166 13.60 19.02 18.35
CA GLY B 166 13.39 20.27 17.62
C GLY B 166 14.18 21.48 18.09
N SER B 167 14.02 22.57 17.34
CA SER B 167 14.78 23.82 17.53
C SER B 167 14.70 24.40 18.94
N LYS B 168 13.65 24.06 19.66
CA LYS B 168 13.52 24.44 21.07
C LYS B 168 14.69 23.95 21.89
N VAL B 169 15.08 22.70 21.67
CA VAL B 169 16.08 22.06 22.50
C VAL B 169 17.48 22.13 21.87
N MET B 170 17.57 22.01 20.55
CA MET B 170 18.86 21.97 19.83
C MET B 170 18.81 22.89 18.60
N PRO B 171 18.81 24.23 18.82
CA PRO B 171 18.59 25.13 17.66
C PRO B 171 19.68 25.06 16.57
N ASN B 172 20.94 24.99 16.98
CA ASN B 172 22.09 24.94 16.06
C ASN B 172 22.07 23.69 15.20
N ILE B 173 21.92 22.55 15.87
CA ILE B 173 21.80 21.25 15.17
C ILE B 173 20.59 21.26 14.23
N GLU B 174 19.43 21.73 14.71
CA GLU B 174 18.25 21.75 13.85
C GLU B 174 18.42 22.66 12.64
N LYS B 175 19.21 23.74 12.79
CA LYS B 175 19.48 24.60 11.65
C LYS B 175 20.38 23.89 10.66
N LEU B 176 21.46 23.29 11.14
CA LEU B 176 22.35 22.52 10.26
C LEU B 176 21.54 21.50 9.48
N ARG B 177 20.73 20.74 10.19
CA ARG B 177 19.84 19.75 9.61
C ARG B 177 18.86 20.33 8.60
N SER B 178 18.12 21.40 8.97
CA SER B 178 17.17 21.94 8.01
C SER B 178 17.81 22.74 6.87
N CYS B 179 18.90 23.47 7.11
CA CYS B 179 19.58 24.26 6.04
CA CYS B 179 19.53 24.25 6.03
C CYS B 179 20.42 23.38 5.12
N GLY B 180 21.03 22.34 5.66
CA GLY B 180 21.88 21.49 4.83
C GLY B 180 21.15 20.28 4.23
N THR B 181 21.85 19.14 4.21
CA THR B 181 21.33 17.87 3.70
C THR B 181 21.18 16.90 4.90
N HIS B 182 20.10 16.16 4.95
CA HIS B 182 19.86 15.23 6.03
C HIS B 182 19.02 14.02 5.62
N SER B 183 19.10 12.96 6.41
CA SER B 183 18.25 11.80 6.27
C SER B 183 17.47 11.56 7.56
N PRO B 184 16.31 10.90 7.50
CA PRO B 184 15.54 10.54 8.70
C PRO B 184 16.37 9.77 9.73
N TYR B 185 17.26 8.93 9.23
CA TYR B 185 18.18 8.22 10.08
C TYR B 185 19.30 7.60 9.21
N MET B 186 20.33 7.14 9.89
CA MET B 186 21.46 6.44 9.28
C MET B 186 21.64 5.12 10.04
N ARG B 187 21.80 4.04 9.28
CA ARG B 187 21.88 2.73 9.86
C ARG B 187 23.35 2.45 10.21
N PRO B 188 23.63 2.07 11.45
CA PRO B 188 24.99 1.68 11.90
C PRO B 188 25.32 0.27 11.46
N VAL B 189 26.57 -0.22 11.72
CA VAL B 189 26.85 -1.60 11.55
C VAL B 189 26.65 -2.37 12.84
N TYR B 190 26.49 -3.68 12.68
CA TYR B 190 26.42 -4.62 13.76
C TYR B 190 27.85 -5.06 14.13
N PRO B 191 28.16 -5.16 15.42
CA PRO B 191 27.36 -4.78 16.59
C PRO B 191 27.25 -3.27 16.71
N THR B 192 26.09 -2.80 17.17
CA THR B 192 25.84 -1.38 17.22
C THR B 192 26.49 -0.79 18.48
N LYS B 193 27.81 -0.95 18.51
CA LYS B 193 28.70 -0.48 19.55
C LYS B 193 29.67 0.55 18.97
N THR B 194 30.29 1.31 19.85
CA THR B 194 31.07 2.49 19.50
C THR B 194 32.28 2.17 18.62
N PHE B 195 33.16 1.30 19.08
CA PHE B 195 34.36 1.08 18.29
C PHE B 195 34.16 0.44 16.89
N PRO B 196 33.32 -0.60 16.76
CA PRO B 196 33.06 -1.09 15.42
C PRO B 196 32.49 -0.02 14.47
N ASN B 197 31.64 0.87 14.99
CA ASN B 197 31.03 1.87 14.16
C ASN B 197 31.98 3.04 13.81
N LEU B 198 32.81 3.48 14.76
CA LEU B 198 33.68 4.61 14.48
C LEU B 198 34.69 4.20 13.44
N TYR B 199 35.10 2.94 13.48
CA TYR B 199 36.11 2.48 12.52
C TYR B 199 35.48 2.15 11.17
N THR B 200 34.19 1.78 11.19
CA THR B 200 33.44 1.60 9.97
C THR B 200 33.30 3.00 9.32
N LEU B 201 32.87 4.01 10.08
CA LEU B 201 32.82 5.38 9.55
CA LEU B 201 32.83 5.38 9.54
C LEU B 201 34.17 5.76 8.88
N ALA B 202 35.28 5.42 9.55
CA ALA B 202 36.60 5.77 9.06
C ALA B 202 37.09 5.04 7.82
N THR B 203 36.63 3.81 7.61
CA THR B 203 37.16 2.96 6.53
C THR B 203 36.19 2.57 5.42
N GLY B 204 34.90 2.75 5.67
CA GLY B 204 33.90 2.24 4.74
C GLY B 204 33.73 0.72 4.72
N LEU B 205 34.31 0.02 5.73
CA LEU B 205 34.31 -1.41 5.78
C LEU B 205 33.43 -2.00 6.87
N TYR B 206 32.94 -3.21 6.61
CA TYR B 206 32.29 -4.02 7.64
C TYR B 206 33.34 -4.32 8.71
N PRO B 207 32.91 -4.38 9.99
CA PRO B 207 33.82 -4.80 11.07
C PRO B 207 34.61 -6.07 10.79
N GLU B 208 33.98 -7.08 10.20
CA GLU B 208 34.65 -8.33 9.83
C GLU B 208 35.86 -8.07 8.91
N SER B 209 35.79 -7.00 8.10
CA SER B 209 36.89 -6.62 7.26
C SER B 209 37.85 -5.61 7.88
N HIS B 210 37.36 -4.65 8.63
CA HIS B 210 38.30 -3.76 9.27
C HIS B 210 39.01 -4.30 10.53
N GLY B 211 38.42 -5.33 11.17
CA GLY B 211 38.99 -6.04 12.34
C GLY B 211 38.47 -5.66 13.72
N ILE B 212 37.81 -4.50 13.82
CA ILE B 212 37.30 -4.06 15.11
C ILE B 212 35.86 -4.60 15.20
N VAL B 213 35.77 -5.88 15.55
CA VAL B 213 34.52 -6.63 15.54
C VAL B 213 33.73 -6.45 16.82
N GLY B 214 34.30 -5.76 17.78
CA GLY B 214 33.63 -5.50 19.05
C GLY B 214 34.40 -4.50 19.89
N ASN B 215 33.72 -3.84 20.83
CA ASN B 215 34.45 -3.08 21.84
C ASN B 215 35.43 -3.96 22.61
N SER B 216 35.10 -5.23 22.74
CA SER B 216 36.00 -6.24 23.32
C SER B 216 36.18 -7.33 22.32
N MET B 217 37.40 -7.85 22.20
CA MET B 217 37.69 -8.92 21.27
C MET B 217 38.85 -9.75 21.75
N TYR B 218 38.82 -11.02 21.38
CA TYR B 218 39.99 -11.89 21.55
C TYR B 218 40.52 -12.37 20.19
N ASP B 219 41.84 -12.27 19.98
CA ASP B 219 42.46 -12.71 18.77
C ASP B 219 43.32 -13.92 19.09
N PRO B 220 42.97 -15.09 18.53
CA PRO B 220 43.69 -16.34 18.85
C PRO B 220 45.09 -16.43 18.25
N VAL B 221 45.35 -15.64 17.21
CA VAL B 221 46.70 -15.56 16.62
C VAL B 221 47.60 -14.68 17.49
N PHE B 222 47.10 -13.54 17.94
CA PHE B 222 47.81 -12.72 18.90
C PHE B 222 47.83 -13.36 20.30
N ASP B 223 46.83 -14.17 20.62
CA ASP B 223 46.56 -14.60 22.00
C ASP B 223 46.46 -13.36 22.93
N ALA B 224 45.60 -12.42 22.57
CA ALA B 224 45.43 -11.21 23.35
C ALA B 224 44.04 -10.66 23.21
N THR B 225 43.68 -9.82 24.17
CA THR B 225 42.36 -9.27 24.27
C THR B 225 42.41 -7.75 24.13
N PHE B 226 41.48 -7.24 23.33
CA PHE B 226 41.29 -5.83 23.06
C PHE B 226 40.21 -5.36 24.01
N HIS B 227 40.41 -4.23 24.66
CA HIS B 227 39.45 -3.68 25.60
C HIS B 227 39.30 -2.17 25.44
N LEU B 228 38.12 -1.68 25.78
CA LEU B 228 37.82 -0.24 25.71
C LEU B 228 38.74 0.58 26.59
N ARG B 229 38.87 0.14 27.84
CA ARG B 229 39.88 0.68 28.72
C ARG B 229 41.14 -0.17 28.48
N GLY B 230 42.29 0.50 28.45
CA GLY B 230 43.57 -0.21 28.34
C GLY B 230 44.49 0.30 27.26
N ARG B 231 45.68 -0.29 27.21
CA ARG B 231 46.76 0.11 26.29
C ARG B 231 46.83 -0.77 25.02
N GLU B 232 46.25 -1.97 25.11
CA GLU B 232 46.24 -2.92 24.01
C GLU B 232 45.67 -2.33 22.71
N LYS B 233 44.55 -1.63 22.85
CA LYS B 233 43.85 -1.03 21.69
C LYS B 233 44.70 -0.04 20.87
N PHE B 234 45.77 0.47 21.48
CA PHE B 234 46.68 1.38 20.80
C PHE B 234 47.58 0.69 19.83
N ASN B 235 47.81 -0.62 19.97
CA ASN B 235 48.71 -1.32 19.06
CA ASN B 235 48.70 -1.34 19.06
C ASN B 235 48.05 -1.40 17.68
N HIS B 236 48.80 -1.02 16.66
CA HIS B 236 48.29 -1.02 15.30
C HIS B 236 47.86 -2.39 14.80
N ARG B 237 48.34 -3.46 15.41
CA ARG B 237 48.07 -4.76 14.88
C ARG B 237 46.57 -5.03 14.76
N TRP B 238 45.76 -4.36 15.55
CA TRP B 238 44.31 -4.62 15.60
C TRP B 238 43.57 -3.99 14.44
N TRP B 239 44.13 -2.92 13.87
CA TRP B 239 43.38 -1.99 13.01
C TRP B 239 43.66 -2.20 11.53
N GLY B 240 42.65 -2.67 10.79
CA GLY B 240 42.81 -3.04 9.38
C GLY B 240 42.26 -1.94 8.47
N GLY B 241 42.13 -2.26 7.21
CA GLY B 241 41.64 -1.32 6.22
C GLY B 241 42.52 -0.12 6.08
N GLN B 242 41.95 0.95 5.51
CA GLN B 242 42.67 2.19 5.40
C GLN B 242 41.78 3.34 5.81
N PRO B 243 41.97 3.87 7.02
CA PRO B 243 41.10 4.89 7.55
C PRO B 243 41.31 6.22 6.84
N LEU B 244 40.29 7.09 6.91
CA LEU B 244 40.28 8.35 6.19
C LEU B 244 41.53 9.18 6.41
N TRP B 245 42.00 9.33 7.64
CA TRP B 245 43.17 10.14 7.91
C TRP B 245 44.42 9.62 7.20
N ILE B 246 44.55 8.31 7.07
CA ILE B 246 45.61 7.70 6.27
C ILE B 246 45.36 7.89 4.77
N THR B 247 44.13 7.73 4.29
CA THR B 247 43.88 7.94 2.87
C THR B 247 44.25 9.38 2.43
N ALA B 248 43.92 10.35 3.28
CA ALA B 248 44.27 11.74 3.07
C ALA B 248 45.82 11.94 3.03
N THR B 249 46.51 11.49 4.07
CA THR B 249 47.98 11.61 4.12
C THR B 249 48.70 11.00 2.91
N LYS B 250 48.33 9.81 2.50
CA LYS B 250 48.95 9.18 1.34
C LYS B 250 48.74 9.96 0.05
N GLN B 251 47.70 10.79 0.00
CA GLN B 251 47.37 11.50 -1.21
C GLN B 251 47.66 12.99 -1.06
N GLY B 252 48.47 13.31 -0.07
CA GLY B 252 49.01 14.65 0.14
C GLY B 252 48.07 15.63 0.81
N VAL B 253 47.03 15.14 1.50
CA VAL B 253 46.07 16.02 2.16
C VAL B 253 46.23 15.88 3.66
N LYS B 254 46.54 16.98 4.35
CA LYS B 254 46.89 16.91 5.77
C LYS B 254 45.66 16.64 6.68
N ALA B 255 45.80 15.71 7.60
CA ALA B 255 44.72 15.38 8.54
C ALA B 255 44.98 15.91 9.93
N GLY B 256 43.97 16.50 10.57
CA GLY B 256 44.05 16.80 12.01
C GLY B 256 43.87 15.49 12.76
N THR B 257 44.05 15.50 14.07
CA THR B 257 43.91 14.25 14.81
C THR B 257 42.42 13.93 14.89
N PHE B 258 42.09 12.65 14.84
CA PHE B 258 40.70 12.24 14.94
C PHE B 258 40.31 11.91 16.37
N PHE B 259 41.30 11.58 17.20
CA PHE B 259 41.04 11.24 18.61
C PHE B 259 41.48 12.24 19.69
N TRP B 260 40.74 12.26 20.81
CA TRP B 260 40.99 13.20 21.90
C TRP B 260 41.01 12.42 23.21
N SER B 261 42.05 12.65 24.02
CA SER B 261 42.11 12.09 25.38
C SER B 261 40.90 12.53 26.14
N VAL B 262 40.35 11.61 26.94
CA VAL B 262 39.09 11.84 27.66
C VAL B 262 39.16 13.10 28.53
N VAL B 263 40.34 13.34 29.07
CA VAL B 263 40.69 14.54 29.86
C VAL B 263 40.28 15.88 29.27
N ILE B 264 40.34 16.01 27.94
CA ILE B 264 40.17 17.31 27.29
C ILE B 264 38.69 17.69 27.18
N PRO B 265 38.30 18.86 27.74
CA PRO B 265 36.88 19.26 27.69
C PRO B 265 36.43 19.49 26.27
N HIS B 266 35.13 19.31 26.01
CA HIS B 266 34.59 19.47 24.67
C HIS B 266 34.86 20.88 24.16
N GLU B 267 34.75 21.87 25.04
CA GLU B 267 34.99 23.26 24.64
C GLU B 267 36.41 23.47 24.09
N ARG B 268 37.37 22.83 24.73
CA ARG B 268 38.78 22.90 24.36
C ARG B 268 39.04 22.19 23.01
N ARG B 269 38.32 21.10 22.76
CA ARG B 269 38.44 20.38 21.50
C ARG B 269 38.02 21.29 20.36
N ILE B 270 36.91 21.99 20.56
CA ILE B 270 36.47 22.94 19.55
C ILE B 270 37.49 24.08 19.37
N LEU B 271 37.93 24.69 20.48
CA LEU B 271 38.92 25.77 20.39
C LEU B 271 40.20 25.35 19.65
N THR B 272 40.64 24.10 19.86
CA THR B 272 41.84 23.58 19.26
C THR B 272 41.72 23.41 17.74
N ILE B 273 40.57 22.91 17.29
CA ILE B 273 40.28 22.82 15.85
C ILE B 273 40.26 24.21 15.21
N LEU B 274 39.58 25.15 15.84
CA LEU B 274 39.56 26.52 15.35
C LEU B 274 40.98 27.12 15.29
N GLN B 275 41.79 26.89 16.33
CA GLN B 275 43.21 27.32 16.30
C GLN B 275 43.96 26.75 15.09
N TRP B 276 43.81 25.46 14.86
CA TRP B 276 44.46 24.82 13.72
C TRP B 276 44.02 25.41 12.38
N LEU B 277 42.77 25.83 12.28
CA LEU B 277 42.26 26.39 11.02
C LEU B 277 42.83 27.78 10.70
N THR B 278 43.46 28.41 11.71
CA THR B 278 44.18 29.70 11.52
C THR B 278 45.67 29.52 11.18
N LEU B 279 46.17 28.30 11.24
CA LEU B 279 47.53 28.03 10.81
C LEU B 279 47.76 28.36 9.31
N PRO B 280 49.02 28.62 8.92
CA PRO B 280 49.36 28.89 7.50
C PRO B 280 49.14 27.66 6.65
N ASP B 281 49.04 27.89 5.33
CA ASP B 281 48.65 26.89 4.32
C ASP B 281 49.34 25.55 4.38
N HIS B 282 50.65 25.57 4.39
CA HIS B 282 51.43 24.32 4.41
C HIS B 282 51.36 23.57 5.75
N GLU B 283 50.84 24.21 6.80
CA GLU B 283 50.71 23.55 8.11
C GLU B 283 49.27 23.12 8.44
N ARG B 284 48.29 23.77 7.79
CA ARG B 284 46.89 23.62 8.14
C ARG B 284 46.25 22.33 7.61
N PRO B 285 45.65 21.52 8.50
CA PRO B 285 44.90 20.33 8.02
C PRO B 285 43.63 20.68 7.24
N SER B 286 43.25 19.80 6.33
CA SER B 286 42.00 19.92 5.56
C SER B 286 40.84 19.09 6.16
N VAL B 287 41.17 18.19 7.10
CA VAL B 287 40.14 17.35 7.71
C VAL B 287 40.43 17.20 9.22
N TYR B 288 39.34 17.25 9.98
CA TYR B 288 39.32 17.28 11.43
C TYR B 288 38.14 16.48 11.95
N ALA B 289 38.27 15.96 13.16
CA ALA B 289 37.13 15.37 13.86
C ALA B 289 37.04 15.89 15.29
N PHE B 290 35.81 16.14 15.69
CA PHE B 290 35.44 16.32 17.08
C PHE B 290 34.66 15.04 17.46
N TYR B 291 34.80 14.65 18.72
CA TYR B 291 34.11 13.54 19.31
C TYR B 291 33.58 13.95 20.67
N SER B 292 32.35 13.52 20.92
CA SER B 292 31.71 13.64 22.23
C SER B 292 31.18 12.27 22.63
N GLU B 293 31.42 11.90 23.89
CA GLU B 293 30.81 10.73 24.53
C GLU B 293 29.33 10.93 24.90
N GLN B 294 28.79 12.13 24.65
CA GLN B 294 27.35 12.39 24.76
C GLN B 294 26.68 12.41 23.38
N PRO B 295 25.39 12.05 23.33
CA PRO B 295 24.52 11.73 24.45
C PRO B 295 24.58 10.28 24.92
N ASP B 296 25.61 9.51 24.53
CA ASP B 296 25.70 8.11 24.97
C ASP B 296 25.72 7.93 26.50
N PHE B 297 26.60 8.67 27.17
CA PHE B 297 26.82 8.52 28.60
C PHE B 297 25.53 8.71 29.39
N SER B 298 24.77 9.76 29.08
CA SER B 298 23.49 10.01 29.74
C SER B 298 22.36 9.04 29.31
N GLY B 299 22.34 8.67 28.03
CA GLY B 299 21.40 7.68 27.50
C GLY B 299 21.46 6.36 28.28
N HIS B 300 22.67 5.96 28.68
CA HIS B 300 22.85 4.79 29.52
C HIS B 300 22.25 4.95 30.93
N LYS B 301 22.33 6.17 31.49
CA LYS B 301 21.88 6.43 32.86
C LYS B 301 20.37 6.55 32.89
N TYR B 302 19.80 7.16 31.86
CA TYR B 302 18.38 7.52 31.86
C TYR B 302 17.53 6.85 30.80
N GLY B 303 18.14 6.10 29.89
CA GLY B 303 17.39 5.48 28.82
C GLY B 303 17.02 6.52 27.78
N PRO B 304 16.79 6.06 26.55
CA PRO B 304 16.60 6.97 25.41
C PRO B 304 15.52 8.05 25.62
N PHE B 305 14.45 7.70 26.32
CA PHE B 305 13.28 8.59 26.42
C PHE B 305 13.09 9.17 27.81
N GLY B 306 14.12 9.05 28.66
CA GLY B 306 14.15 9.78 29.90
C GLY B 306 14.03 11.29 29.62
N PRO B 307 13.18 11.99 30.39
CA PRO B 307 13.07 13.45 30.17
C PRO B 307 14.35 14.20 30.52
N GLU B 308 15.19 13.60 31.36
CA GLU B 308 16.51 14.15 31.69
C GLU B 308 17.60 13.96 30.59
N MET B 309 17.17 13.61 29.38
CA MET B 309 18.06 13.58 28.20
C MET B 309 18.08 14.94 27.52
N THR B 310 17.06 15.75 27.79
CA THR B 310 16.94 17.07 27.20
C THR B 310 18.18 17.92 27.55
N ASN B 311 18.69 17.81 28.77
CA ASN B 311 19.84 18.63 29.18
C ASN B 311 21.13 18.30 28.40
N PRO B 312 21.50 17.01 28.32
CA PRO B 312 22.70 16.72 27.53
C PRO B 312 22.52 17.03 26.04
N LEU B 313 21.30 16.98 25.52
CA LEU B 313 21.09 17.35 24.13
C LEU B 313 21.28 18.86 23.95
N ARG B 314 20.82 19.65 24.93
CA ARG B 314 21.13 21.08 24.94
C ARG B 314 22.62 21.39 25.02
N GLU B 315 23.32 20.68 25.88
CA GLU B 315 24.74 20.91 26.06
C GLU B 315 25.55 20.58 24.79
N ILE B 316 25.13 19.55 24.05
CA ILE B 316 25.76 19.23 22.76
C ILE B 316 25.46 20.36 21.78
N ASP B 317 24.21 20.83 21.77
CA ASP B 317 23.85 21.84 20.81
C ASP B 317 24.65 23.11 21.09
N LYS B 318 24.94 23.35 22.38
CA LYS B 318 25.82 24.44 22.80
C LYS B 318 27.21 24.36 22.20
N ILE B 319 27.80 23.15 22.16
CA ILE B 319 29.13 22.92 21.58
C ILE B 319 29.10 23.10 20.06
N VAL B 320 28.03 22.63 19.43
CA VAL B 320 27.86 22.85 18.00
C VAL B 320 27.80 24.36 17.72
N GLY B 321 27.12 25.10 18.60
CA GLY B 321 26.99 26.54 18.47
C GLY B 321 28.32 27.26 18.59
N GLN B 322 29.17 26.79 19.51
CA GLN B 322 30.50 27.30 19.67
C GLN B 322 31.34 27.04 18.42
N LEU B 323 31.23 25.85 17.82
CA LEU B 323 31.91 25.60 16.53
C LEU B 323 31.45 26.53 15.42
N MET B 324 30.14 26.69 15.29
CA MET B 324 29.62 27.50 14.19
C MET B 324 29.92 29.01 14.44
N ASP B 325 29.74 29.50 15.67
CA ASP B 325 30.13 30.88 16.00
C ASP B 325 31.63 31.09 15.75
N GLY B 326 32.41 30.08 16.14
CA GLY B 326 33.84 30.09 15.94
C GLY B 326 34.28 30.13 14.50
N LEU B 327 33.63 29.33 13.65
CA LEU B 327 33.90 29.34 12.20
C LEU B 327 33.50 30.66 11.65
N LYS B 328 32.37 31.18 12.11
CA LYS B 328 31.83 32.43 11.55
C LYS B 328 32.81 33.59 11.77
N GLN B 329 33.34 33.70 12.97
CA GLN B 329 34.28 34.78 13.26
C GLN B 329 35.62 34.65 12.55
N LEU B 330 35.97 33.45 12.08
CA LEU B 330 37.15 33.23 11.24
C LEU B 330 36.78 33.26 9.78
N LYS B 331 35.55 33.67 9.49
CA LYS B 331 35.05 33.73 8.12
C LYS B 331 35.17 32.39 7.40
N LEU B 332 34.91 31.30 8.13
CA LEU B 332 34.95 29.93 7.57
C LEU B 332 33.58 29.23 7.51
N HIS B 333 32.51 29.95 7.83
CA HIS B 333 31.19 29.33 7.98
C HIS B 333 30.48 29.04 6.65
N ARG B 334 31.03 29.56 5.55
CA ARG B 334 30.56 29.26 4.22
C ARG B 334 31.71 28.65 3.40
N CYS B 335 32.68 28.10 4.13
CA CYS B 335 33.90 27.47 3.57
C CYS B 335 33.95 25.95 3.93
N VAL B 336 33.76 25.64 5.19
CA VAL B 336 33.94 24.28 5.73
C VAL B 336 32.73 23.36 5.47
N ASN B 337 32.95 22.12 5.05
CA ASN B 337 31.87 21.14 5.13
C ASN B 337 31.83 20.53 6.52
N VAL B 338 30.64 20.53 7.13
CA VAL B 338 30.43 19.95 8.46
C VAL B 338 29.54 18.70 8.35
N ILE B 339 30.01 17.61 8.93
CA ILE B 339 29.23 16.38 9.05
C ILE B 339 28.92 16.20 10.54
N PHE B 340 27.63 16.22 10.87
CA PHE B 340 27.14 15.81 12.18
C PHE B 340 26.61 14.35 12.08
N VAL B 341 27.24 13.46 12.82
CA VAL B 341 27.00 12.04 12.69
C VAL B 341 27.15 11.29 14.03
N GLY B 342 26.31 10.29 14.25
CA GLY B 342 26.41 9.43 15.39
C GLY B 342 26.88 8.04 14.98
N ASP B 343 27.16 7.20 15.97
CA ASP B 343 27.65 5.84 15.73
C ASP B 343 26.61 4.74 15.93
N HIS B 344 25.58 5.06 16.72
CA HIS B 344 24.48 4.15 17.00
C HIS B 344 23.48 4.89 17.88
N GLY B 345 22.36 4.21 18.11
CA GLY B 345 21.27 4.70 18.93
C GLY B 345 21.37 4.19 20.35
N MET B 346 20.21 4.07 20.99
CA MET B 346 20.12 3.72 22.40
C MET B 346 18.74 3.16 22.71
N GLU B 347 18.70 2.07 23.47
CA GLU B 347 17.42 1.35 23.73
C GLU B 347 17.21 1.23 25.23
N ASP B 348 15.96 1.11 25.64
CA ASP B 348 15.62 0.87 27.05
C ASP B 348 16.13 -0.50 27.50
N VAL B 349 17.10 -0.53 28.40
CA VAL B 349 17.67 -1.77 28.94
C VAL B 349 18.00 -1.60 30.42
N THR B 350 17.53 -2.52 31.27
CA THR B 350 17.64 -2.43 32.73
C THR B 350 18.13 -3.75 33.34
N CYS B 351 18.70 -3.65 34.54
CA CYS B 351 19.37 -4.75 35.24
C CYS B 351 18.59 -6.06 35.30
N ASP B 352 17.28 -5.96 35.49
CA ASP B 352 16.47 -7.14 35.75
C ASP B 352 16.24 -7.94 34.47
N ARG B 353 16.17 -7.26 33.33
CA ARG B 353 15.93 -7.93 32.05
C ARG B 353 17.20 -8.54 31.52
N THR B 354 17.78 -9.42 32.34
CA THR B 354 18.99 -10.17 32.01
C THR B 354 18.70 -11.67 31.95
N GLU B 355 19.10 -12.31 30.84
CA GLU B 355 19.08 -13.76 30.70
C GLU B 355 20.44 -14.22 31.19
N PHE B 356 20.48 -15.37 31.86
CA PHE B 356 21.74 -15.93 32.39
C PHE B 356 22.11 -17.26 31.75
N LEU B 357 23.29 -17.36 31.14
CA LEU B 357 23.71 -18.62 30.54
C LEU B 357 23.67 -19.79 31.51
N SER B 358 23.95 -19.51 32.79
CA SER B 358 23.88 -20.54 33.85
C SER B 358 22.52 -21.22 33.92
N ASN B 359 21.46 -20.51 33.54
CA ASN B 359 20.11 -21.08 33.44
C ASN B 359 19.78 -21.89 32.20
N TYR B 360 20.79 -22.13 31.35
CA TYR B 360 20.64 -22.91 30.14
C TYR B 360 21.72 -24.00 30.06
N LEU B 361 22.94 -23.67 30.43
CA LEU B 361 24.07 -24.61 30.34
C LEU B 361 24.50 -25.05 31.72
N THR B 362 24.93 -26.30 31.83
CA THR B 362 25.42 -26.81 33.11
C THR B 362 26.92 -26.55 33.28
N ASN B 363 27.70 -26.72 32.21
CA ASN B 363 29.14 -26.46 32.28
C ASN B 363 29.51 -25.01 31.94
N VAL B 364 28.87 -24.04 32.61
CA VAL B 364 29.15 -22.62 32.34
C VAL B 364 30.55 -22.16 32.78
N ASP B 365 31.14 -22.81 33.78
CA ASP B 365 32.49 -22.43 34.22
C ASP B 365 33.52 -22.69 33.13
N ASP B 366 33.20 -23.57 32.19
CA ASP B 366 34.12 -23.95 31.12
C ASP B 366 34.04 -23.08 29.82
N ILE B 367 33.21 -22.03 29.82
CA ILE B 367 33.09 -21.15 28.66
C ILE B 367 33.32 -19.69 29.00
N THR B 368 33.85 -18.95 28.04
CA THR B 368 33.96 -17.51 28.16
C THR B 368 32.85 -16.88 27.34
N LEU B 369 32.19 -15.88 27.91
CA LEU B 369 31.12 -15.19 27.20
C LEU B 369 31.51 -13.73 27.06
N VAL B 370 31.42 -13.19 25.84
CA VAL B 370 31.30 -11.73 25.70
C VAL B 370 29.83 -11.34 25.88
N PRO B 371 29.49 -10.59 26.94
CA PRO B 371 28.09 -10.45 27.29
C PRO B 371 27.44 -9.16 26.85
N GLY B 372 26.18 -9.03 27.21
CA GLY B 372 25.42 -7.82 27.07
C GLY B 372 24.35 -7.90 26.02
N THR B 373 24.41 -6.96 25.07
CA THR B 373 23.40 -6.79 24.03
C THR B 373 23.70 -7.68 22.82
N LEU B 374 24.77 -8.43 22.94
CA LEU B 374 25.11 -9.52 22.05
C LEU B 374 25.84 -10.54 22.90
N GLY B 375 25.94 -11.77 22.41
CA GLY B 375 26.76 -12.79 23.05
C GLY B 375 27.70 -13.42 22.08
N ARG B 376 28.92 -13.71 22.52
CA ARG B 376 29.87 -14.48 21.75
C ARG B 376 30.45 -15.42 22.75
N ILE B 377 30.50 -16.70 22.39
CA ILE B 377 30.87 -17.77 23.33
C ILE B 377 32.04 -18.55 22.77
N ARG B 378 32.99 -18.85 23.66
CA ARG B 378 34.25 -19.47 23.32
C ARG B 378 34.59 -20.50 24.42
N SER B 379 35.31 -21.58 24.08
CA SER B 379 35.84 -22.48 25.13
C SER B 379 36.77 -21.67 26.04
N LYS B 380 36.58 -21.77 27.35
CA LYS B 380 37.47 -21.08 28.26
C LYS B 380 38.87 -21.71 28.22
N PHE B 381 38.94 -23.03 28.00
CA PHE B 381 40.21 -23.76 28.01
C PHE B 381 40.60 -24.24 26.61
N SER B 382 41.90 -24.44 26.41
CA SER B 382 42.50 -24.57 25.07
C SER B 382 42.25 -25.91 24.37
N ASN B 383 42.32 -27.00 25.11
CA ASN B 383 42.06 -28.33 24.53
C ASN B 383 41.15 -29.14 25.44
N ASN B 384 39.89 -28.72 25.53
CA ASN B 384 38.89 -29.40 26.32
C ASN B 384 38.08 -30.36 25.43
N ALA B 385 38.34 -31.65 25.59
CA ALA B 385 37.58 -32.69 24.90
C ALA B 385 36.11 -32.66 25.31
N LYS B 386 35.84 -32.18 26.52
CA LYS B 386 34.47 -32.02 27.03
C LYS B 386 33.68 -30.83 26.44
N TYR B 387 34.35 -29.97 25.67
CA TYR B 387 33.70 -28.77 25.08
C TYR B 387 33.02 -29.19 23.81
N ASP B 388 31.72 -28.92 23.72
CA ASP B 388 30.91 -29.40 22.60
C ASP B 388 30.04 -28.25 22.11
N PRO B 389 30.44 -27.59 21.00
CA PRO B 389 29.65 -26.48 20.46
C PRO B 389 28.25 -26.90 19.97
N LYS B 390 28.15 -28.09 19.37
CA LYS B 390 26.87 -28.61 18.90
C LYS B 390 25.93 -28.74 20.08
N ALA B 391 26.41 -29.31 21.19
CA ALA B 391 25.62 -29.45 22.42
C ALA B 391 25.26 -28.10 23.04
N ILE B 392 26.21 -27.17 23.08
CA ILE B 392 25.96 -25.83 23.63
C ILE B 392 24.82 -25.12 22.88
N ILE B 393 24.88 -25.16 21.55
CA ILE B 393 23.83 -24.51 20.74
C ILE B 393 22.46 -25.14 21.01
N ALA B 394 22.41 -26.47 21.00
CA ALA B 394 21.14 -27.18 21.22
C ALA B 394 20.56 -26.79 22.58
N ALA B 395 21.45 -26.75 23.58
CA ALA B 395 21.07 -26.35 24.93
C ALA B 395 20.60 -24.92 25.04
N LEU B 396 20.93 -24.07 24.04
CA LEU B 396 20.47 -22.68 24.03
C LEU B 396 19.28 -22.44 23.10
N THR B 397 18.80 -23.49 22.42
CA THR B 397 17.79 -23.36 21.36
C THR B 397 16.38 -23.58 21.88
N CYS B 398 15.60 -22.52 21.91
CA CYS B 398 14.14 -22.62 22.11
C CYS B 398 13.80 -23.45 23.35
N LYS B 399 14.43 -23.11 24.47
CA LYS B 399 14.30 -23.85 25.73
C LYS B 399 13.22 -23.33 26.65
N LYS B 400 13.02 -22.02 26.65
CA LYS B 400 12.01 -21.37 27.47
C LYS B 400 11.10 -20.54 26.60
N PRO B 401 9.81 -20.49 26.95
CA PRO B 401 8.81 -19.79 26.10
C PRO B 401 9.12 -18.32 25.79
N ASP B 402 9.74 -17.63 26.73
CA ASP B 402 9.96 -16.19 26.59
C ASP B 402 11.40 -15.85 26.18
N GLN B 403 12.25 -16.87 26.06
CA GLN B 403 13.67 -16.72 25.73
C GLN B 403 14.02 -15.48 24.91
N HIS B 404 14.90 -14.65 25.46
CA HIS B 404 15.16 -13.31 24.88
C HIS B 404 16.50 -13.25 24.13
N PHE B 405 16.91 -14.37 23.56
CA PHE B 405 18.07 -14.45 22.71
C PHE B 405 17.96 -15.71 21.86
N LYS B 406 18.71 -15.72 20.79
CA LYS B 406 18.73 -16.85 19.87
C LYS B 406 20.18 -17.17 19.51
N PRO B 407 20.58 -18.43 19.69
CA PRO B 407 21.96 -18.82 19.36
C PRO B 407 22.08 -19.08 17.86
N TYR B 408 23.24 -18.76 17.29
CA TYR B 408 23.56 -19.04 15.92
C TYR B 408 25.02 -19.42 15.86
N LEU B 409 25.35 -20.38 15.01
CA LEU B 409 26.72 -20.45 14.47
C LEU B 409 26.87 -19.21 13.56
N LYS B 410 28.02 -18.56 13.59
CA LYS B 410 28.19 -17.29 12.89
C LYS B 410 27.82 -17.35 11.40
N GLN B 411 28.08 -18.47 10.73
CA GLN B 411 27.75 -18.61 9.32
C GLN B 411 26.25 -18.61 9.07
N HIS B 412 25.48 -18.84 10.13
CA HIS B 412 24.03 -18.88 10.05
C HIS B 412 23.36 -17.57 10.44
N LEU B 413 24.13 -16.55 10.83
CA LEU B 413 23.55 -15.23 11.12
C LEU B 413 23.00 -14.67 9.81
N PRO B 414 21.95 -13.86 9.88
CA PRO B 414 21.55 -13.16 8.64
C PRO B 414 22.75 -12.50 7.94
N LYS B 415 22.76 -12.71 6.62
CA LYS B 415 23.86 -12.30 5.77
C LYS B 415 24.00 -10.79 5.70
N ARG B 416 22.86 -10.08 5.85
CA ARG B 416 22.89 -8.63 5.96
C ARG B 416 23.75 -8.05 7.06
N LEU B 417 23.96 -8.81 8.15
CA LEU B 417 24.84 -8.36 9.23
C LEU B 417 26.34 -8.42 8.87
N HIS B 418 26.67 -9.23 7.88
CA HIS B 418 28.03 -9.35 7.39
C HIS B 418 29.02 -9.61 8.53
N TYR B 419 28.64 -10.47 9.47
CA TYR B 419 29.37 -10.63 10.72
C TYR B 419 29.91 -12.04 10.94
N ALA B 420 30.89 -12.44 10.13
CA ALA B 420 31.39 -13.82 10.23
C ALA B 420 32.84 -14.00 9.80
N ASN B 421 33.28 -13.28 8.78
CA ASN B 421 34.58 -13.60 8.15
C ASN B 421 35.75 -12.94 8.90
N ASN B 422 35.99 -13.38 10.12
CA ASN B 422 37.10 -12.84 10.90
C ASN B 422 37.37 -13.78 12.07
N ARG B 423 38.64 -14.08 12.33
CA ARG B 423 38.99 -14.99 13.43
C ARG B 423 38.65 -14.48 14.83
N ARG B 424 38.46 -13.17 14.95
CA ARG B 424 38.04 -12.54 16.20
C ARG B 424 36.56 -12.68 16.49
N ILE B 425 35.80 -13.21 15.53
CA ILE B 425 34.38 -13.50 15.74
C ILE B 425 34.23 -14.98 16.13
N GLU B 426 33.80 -15.22 17.37
CA GLU B 426 33.57 -16.61 17.84
C GLU B 426 32.52 -17.37 17.00
N ASP B 427 32.68 -18.69 16.86
CA ASP B 427 31.75 -19.50 16.05
C ASP B 427 30.34 -19.39 16.61
N ILE B 428 30.22 -19.37 17.93
CA ILE B 428 28.91 -19.28 18.58
C ILE B 428 28.56 -17.84 18.89
N HIS B 429 27.38 -17.41 18.46
CA HIS B 429 26.91 -16.10 18.66
C HIS B 429 25.51 -16.15 19.20
N LEU B 430 25.18 -15.16 20.01
CA LEU B 430 23.81 -14.93 20.50
C LEU B 430 23.32 -13.61 20.03
N LEU B 431 22.23 -13.63 19.27
CA LEU B 431 21.53 -12.40 18.90
C LEU B 431 20.55 -12.23 20.03
N VAL B 432 20.65 -11.09 20.69
CA VAL B 432 19.83 -10.78 21.89
C VAL B 432 18.64 -9.88 21.52
N GLU B 433 17.48 -10.18 22.10
CA GLU B 433 16.26 -9.40 21.81
C GLU B 433 16.45 -7.96 22.31
N ARG B 434 15.91 -7.02 21.55
CA ARG B 434 15.98 -5.60 21.92
C ARG B 434 15.36 -5.49 23.34
N ARG B 435 16.03 -4.70 24.19
CA ARG B 435 15.60 -4.34 25.56
C ARG B 435 16.15 -5.32 26.61
N TRP B 436 16.98 -6.28 26.18
CA TRP B 436 17.51 -7.30 27.03
C TRP B 436 19.02 -7.38 27.03
N HIS B 437 19.56 -8.00 28.07
CA HIS B 437 20.97 -8.37 28.18
C HIS B 437 21.08 -9.88 28.34
N VAL B 438 22.27 -10.40 28.05
CA VAL B 438 22.64 -11.75 28.38
C VAL B 438 23.96 -11.74 29.13
N ALA B 439 23.94 -12.35 30.31
CA ALA B 439 25.11 -12.49 31.13
C ALA B 439 25.39 -13.94 31.41
N ARG B 440 26.60 -14.23 31.88
CA ARG B 440 27.00 -15.60 32.13
C ARG B 440 26.36 -16.17 33.43
N LYS B 441 26.53 -15.46 34.55
CA LYS B 441 25.99 -15.81 35.89
C LYS B 441 25.33 -14.61 36.55
N PRO B 442 24.51 -14.83 37.59
CA PRO B 442 23.94 -13.65 38.29
C PRO B 442 24.90 -12.96 39.28
N PHE B 454 21.79 0.67 38.24
CA PHE B 454 22.99 1.40 37.85
C PHE B 454 23.06 1.71 36.36
N PHE B 455 21.92 1.67 35.64
CA PHE B 455 21.84 1.90 34.17
C PHE B 455 20.47 1.54 33.58
N GLN B 456 19.97 2.38 32.67
CA GLN B 456 18.63 2.28 32.06
C GLN B 456 18.62 2.20 30.52
N GLY B 457 19.80 2.25 29.91
CA GLY B 457 19.93 2.26 28.45
C GLY B 457 21.14 1.47 28.03
N ASP B 458 21.05 0.83 26.86
CA ASP B 458 22.22 0.19 26.25
C ASP B 458 21.94 0.02 24.76
N HIS B 459 22.93 -0.49 24.06
CA HIS B 459 22.87 -0.60 22.60
C HIS B 459 23.84 -1.70 22.25
N GLY B 460 23.87 -2.11 20.99
CA GLY B 460 24.68 -3.24 20.55
C GLY B 460 23.91 -4.22 19.68
N PHE B 461 22.58 -4.12 19.76
CA PHE B 461 21.66 -4.99 19.08
C PHE B 461 21.76 -4.94 17.56
N ASP B 462 21.18 -5.96 16.94
CA ASP B 462 20.88 -6.05 15.50
C ASP B 462 20.68 -4.64 14.91
N ASN B 463 21.41 -4.34 13.84
CA ASN B 463 21.42 -3.00 13.32
C ASN B 463 20.14 -2.59 12.54
N LYS B 464 19.18 -3.48 12.40
CA LYS B 464 17.92 -3.03 11.74
C LYS B 464 16.89 -2.58 12.78
N VAL B 465 17.23 -2.74 14.05
CA VAL B 465 16.35 -2.33 15.16
C VAL B 465 16.21 -0.78 15.22
N ASN B 466 14.97 -0.29 15.31
CA ASN B 466 14.73 1.15 15.22
C ASN B 466 15.52 1.96 16.21
N SER B 467 15.57 1.46 17.44
CA SER B 467 16.23 2.15 18.49
C SER B 467 17.74 2.29 18.30
N MET B 468 18.33 1.45 17.42
CA MET B 468 19.77 1.56 17.13
C MET B 468 20.10 2.57 16.07
N GLN B 469 19.09 3.18 15.43
CA GLN B 469 19.34 4.06 14.33
C GLN B 469 19.94 5.37 14.85
N THR B 470 20.75 6.00 14.00
CA THR B 470 21.47 7.19 14.41
C THR B 470 21.30 8.25 13.35
N VAL B 471 22.15 9.28 13.40
CA VAL B 471 21.95 10.51 12.62
C VAL B 471 23.03 10.84 11.62
N PHE B 472 22.60 11.46 10.52
CA PHE B 472 23.49 12.13 9.58
C PHE B 472 22.94 13.49 9.22
N VAL B 473 23.81 14.50 9.25
CA VAL B 473 23.56 15.81 8.62
C VAL B 473 24.83 16.23 7.93
N GLY B 474 24.71 16.73 6.70
CA GLY B 474 25.85 17.34 6.01
C GLY B 474 25.50 18.76 5.68
N TYR B 475 26.36 19.68 6.10
CA TYR B 475 26.17 21.11 5.88
C TYR B 475 27.44 21.74 5.35
N GLY B 476 27.32 22.45 4.25
CA GLY B 476 28.44 23.12 3.67
C GLY B 476 28.29 23.31 2.18
N SER B 477 29.32 23.88 1.61
CA SER B 477 29.33 24.24 0.24
C SER B 477 29.14 23.06 -0.73
N THR B 478 29.56 21.89 -0.31
CA THR B 478 29.54 20.75 -1.20
C THR B 478 28.29 19.90 -1.09
N PHE B 479 27.63 20.03 0.03
CA PHE B 479 26.38 19.37 0.27
C PHE B 479 25.23 20.15 -0.34
N LYS B 480 24.14 19.47 -0.64
CA LYS B 480 22.92 20.18 -1.07
C LYS B 480 22.26 21.07 0.00
N TYR B 481 21.38 21.95 -0.48
CA TYR B 481 20.78 23.00 0.34
C TYR B 481 19.38 22.50 0.61
N LYS B 482 18.98 22.55 1.88
CA LYS B 482 17.62 22.19 2.30
C LYS B 482 17.10 20.91 1.61
N THR B 483 17.89 19.83 1.70
CA THR B 483 17.57 18.62 0.97
C THR B 483 17.46 17.45 1.92
N LYS B 484 16.34 16.74 1.83
CA LYS B 484 16.14 15.53 2.59
C LYS B 484 16.51 14.36 1.69
N VAL B 485 17.18 13.36 2.24
CA VAL B 485 17.47 12.19 1.47
C VAL B 485 17.11 10.93 2.29
N PRO B 486 16.90 9.82 1.61
CA PRO B 486 16.47 8.61 2.30
C PRO B 486 17.53 8.08 3.27
N PRO B 487 17.09 7.27 4.25
CA PRO B 487 18.05 6.64 5.15
C PRO B 487 19.09 5.81 4.40
N PHE B 488 20.31 5.77 4.92
CA PHE B 488 21.37 4.97 4.28
C PHE B 488 22.26 4.40 5.36
N GLU B 489 23.25 3.63 4.95
CA GLU B 489 24.12 2.94 5.90
C GLU B 489 25.45 3.63 6.06
N ASN B 490 26.03 3.55 7.24
CA ASN B 490 27.20 4.35 7.52
C ASN B 490 28.45 3.81 6.77
N ILE B 491 28.36 2.61 6.22
CA ILE B 491 29.48 2.05 5.41
C ILE B 491 29.65 2.94 4.16
N GLU B 492 28.58 3.68 3.78
CA GLU B 492 28.63 4.50 2.59
C GLU B 492 29.39 5.84 2.74
N LEU B 493 29.61 6.29 3.95
CA LEU B 493 30.15 7.64 4.20
C LEU B 493 31.62 7.87 3.89
N TYR B 494 32.43 6.83 4.04
CA TYR B 494 33.84 6.98 3.74
C TYR B 494 34.00 7.46 2.29
N ASN B 495 33.31 6.85 1.32
CA ASN B 495 33.36 7.35 -0.09
C ASN B 495 33.02 8.85 -0.22
N VAL B 496 31.94 9.27 0.44
CA VAL B 496 31.51 10.69 0.42
C VAL B 496 32.55 11.62 1.01
N MET B 497 33.10 11.23 2.16
CA MET B 497 34.18 12.00 2.79
C MET B 497 35.40 12.13 1.90
N CYS B 498 35.75 11.05 1.21
CA CYS B 498 36.84 11.08 0.23
C CYS B 498 36.50 12.06 -0.91
N ASP B 499 35.31 11.92 -1.44
CA ASP B 499 34.82 12.87 -2.44
C ASP B 499 34.90 14.32 -2.01
N LEU B 500 34.48 14.59 -0.78
CA LEU B 500 34.50 15.95 -0.20
C LEU B 500 35.90 16.56 -0.07
N LEU B 501 36.90 15.69 -0.04
CA LEU B 501 38.31 16.05 0.05
C LEU B 501 39.15 15.80 -1.18
N GLY B 502 38.54 15.40 -2.30
CA GLY B 502 39.25 15.13 -3.53
C GLY B 502 40.14 13.89 -3.49
N LEU B 503 39.78 12.92 -2.64
CA LEU B 503 40.56 11.71 -2.48
C LEU B 503 39.96 10.53 -3.21
N LYS B 504 40.85 9.67 -3.68
CA LYS B 504 40.47 8.41 -4.23
C LYS B 504 40.28 7.40 -3.06
N PRO B 505 39.03 6.94 -2.85
CA PRO B 505 38.74 5.97 -1.78
C PRO B 505 39.53 4.69 -1.87
N ALA B 506 40.03 4.19 -0.76
CA ALA B 506 40.60 2.86 -0.74
C ALA B 506 39.41 1.88 -0.96
N PRO B 507 39.67 0.67 -1.43
CA PRO B 507 38.60 -0.29 -1.65
C PRO B 507 37.77 -0.52 -0.40
N ASN B 508 36.45 -0.45 -0.51
CA ASN B 508 35.62 -0.56 0.68
C ASN B 508 34.20 -1.15 0.36
N ASN B 509 33.33 -1.20 1.36
CA ASN B 509 32.05 -1.89 1.22
C ASN B 509 30.89 -0.94 0.90
N GLY B 510 31.17 0.37 0.86
CA GLY B 510 30.18 1.33 0.28
C GLY B 510 30.00 1.06 -1.20
N THR B 511 28.98 1.65 -1.79
CA THR B 511 28.74 1.51 -3.22
C THR B 511 28.91 2.92 -3.75
N HIS B 512 30.05 3.16 -4.37
CA HIS B 512 30.45 4.52 -4.67
C HIS B 512 29.50 5.04 -5.75
N GLY B 513 28.80 6.13 -5.44
CA GLY B 513 27.77 6.62 -6.34
C GLY B 513 26.40 6.52 -5.74
N SER B 514 26.17 5.59 -4.79
CA SER B 514 24.86 5.47 -4.15
C SER B 514 24.44 6.71 -3.35
N LEU B 515 25.39 7.57 -2.99
CA LEU B 515 25.12 8.78 -2.21
C LEU B 515 25.47 10.07 -2.99
N ASN B 516 25.57 9.99 -4.31
CA ASN B 516 25.81 11.20 -5.12
C ASN B 516 24.67 12.23 -4.93
N HIS B 517 23.48 11.76 -4.60
CA HIS B 517 22.32 12.64 -4.39
C HIS B 517 22.40 13.47 -3.11
N LEU B 518 23.45 13.29 -2.34
CA LEU B 518 23.71 14.15 -1.21
C LEU B 518 24.48 15.41 -1.57
N LEU B 519 25.18 15.39 -2.71
CA LEU B 519 26.16 16.41 -3.01
C LEU B 519 25.71 17.36 -4.12
N ARG B 520 26.12 18.63 -3.96
CA ARG B 520 25.87 19.66 -4.95
C ARG B 520 26.65 19.37 -6.21
N THR B 521 27.93 18.99 -6.06
CA THR B 521 28.64 18.44 -7.21
C THR B 521 29.38 17.15 -6.86
N ASN B 522 29.49 16.33 -7.89
CA ASN B 522 30.11 15.02 -7.80
C ASN B 522 31.27 14.96 -8.78
N THR B 523 32.47 14.79 -8.25
CA THR B 523 33.63 14.49 -9.07
C THR B 523 33.56 13.05 -9.53
N PHE B 524 32.97 12.16 -8.72
CA PHE B 524 32.89 10.73 -9.08
C PHE B 524 31.62 10.33 -9.85
N ARG B 525 31.82 9.80 -11.04
CA ARG B 525 30.73 9.37 -11.89
C ARG B 525 30.79 7.84 -11.94
N PRO B 526 29.80 7.13 -11.34
CA PRO B 526 29.88 5.65 -11.40
C PRO B 526 29.62 5.09 -12.80
N THR B 527 30.18 3.91 -13.06
CA THR B 527 29.92 3.21 -14.31
C THR B 527 29.59 1.77 -13.99
N MET B 528 28.64 1.25 -14.74
CA MET B 528 28.10 -0.07 -14.55
C MET B 528 29.19 -1.06 -14.92
N PRO B 529 29.32 -2.19 -14.20
CA PRO B 529 30.46 -3.06 -14.53
C PRO B 529 30.21 -3.80 -15.85
N GLU B 530 31.27 -4.14 -16.58
CA GLU B 530 31.11 -4.82 -17.85
C GLU B 530 30.89 -6.30 -17.60
N GLU B 531 30.02 -6.90 -18.41
CA GLU B 531 29.71 -8.34 -18.37
C GLU B 531 30.99 -9.12 -18.59
N VAL B 532 31.18 -10.21 -17.85
CA VAL B 532 32.42 -10.98 -17.93
C VAL B 532 32.18 -12.24 -18.74
N THR B 533 31.07 -12.93 -18.48
CA THR B 533 30.66 -14.07 -19.27
C THR B 533 29.38 -13.73 -20.05
N ARG B 534 29.44 -13.89 -21.37
CA ARG B 534 28.28 -13.62 -22.22
C ARG B 534 27.43 -14.89 -22.24
N PRO B 535 26.11 -14.74 -22.33
CA PRO B 535 25.23 -15.91 -22.34
C PRO B 535 25.32 -16.70 -23.64
N ASN B 536 25.03 -17.99 -23.56
CA ASN B 536 24.68 -18.81 -24.73
C ASN B 536 23.15 -18.88 -24.81
N TYR B 537 22.63 -19.11 -26.00
CA TYR B 537 21.18 -19.12 -26.19
C TYR B 537 20.70 -20.40 -26.87
N PRO B 538 21.03 -21.56 -26.29
CA PRO B 538 20.89 -22.84 -26.99
C PRO B 538 19.48 -23.13 -27.43
N GLY B 539 19.33 -23.56 -28.68
CA GLY B 539 18.06 -24.15 -29.15
C GLY B 539 18.10 -25.66 -28.90
N ILE B 540 17.09 -26.37 -29.41
CA ILE B 540 17.00 -27.84 -29.31
C ILE B 540 18.21 -28.55 -29.93
N MET B 541 19.05 -29.12 -29.08
CA MET B 541 20.27 -29.80 -29.51
C MET B 541 20.27 -31.30 -29.20
N TYR B 542 19.30 -31.79 -28.43
CA TYR B 542 19.29 -33.19 -27.93
C TYR B 542 17.94 -33.87 -28.08
N LEU B 543 17.96 -35.21 -28.03
CA LEU B 543 16.73 -36.01 -28.05
C LEU B 543 16.35 -36.42 -26.62
N GLN B 544 15.05 -36.41 -26.31
CA GLN B 544 14.59 -36.91 -25.01
C GLN B 544 15.26 -38.26 -24.73
N SER B 545 15.41 -39.08 -25.78
CA SER B 545 16.05 -40.40 -25.67
C SER B 545 17.56 -40.35 -25.40
N ASP B 546 18.18 -39.19 -25.56
CA ASP B 546 19.61 -39.02 -25.21
C ASP B 546 19.84 -38.98 -23.70
N PHE B 547 18.78 -38.75 -22.93
CA PHE B 547 18.89 -38.52 -21.48
C PHE B 547 18.63 -39.77 -20.66
N ASP B 548 19.49 -39.99 -19.65
CA ASP B 548 19.30 -41.06 -18.68
C ASP B 548 19.14 -40.43 -17.29
N LEU B 549 18.00 -39.76 -17.07
CA LEU B 549 17.77 -38.97 -15.85
C LEU B 549 17.47 -39.83 -14.63
N GLY B 550 16.77 -40.94 -14.84
CA GLY B 550 16.35 -41.82 -13.78
C GLY B 550 15.19 -41.24 -12.99
N CYS B 551 14.35 -40.45 -13.65
CA CYS B 551 13.21 -39.81 -12.99
C CYS B 551 11.85 -40.37 -13.45
N SER B 575 7.35 -13.46 -26.47
CA SER B 575 7.24 -12.27 -25.64
C SER B 575 7.71 -12.50 -24.19
N THR B 576 8.36 -13.63 -23.95
CA THR B 576 8.90 -14.01 -22.63
C THR B 576 9.55 -12.81 -21.93
N GLU B 577 10.53 -12.21 -22.59
CA GLU B 577 11.33 -11.15 -21.99
C GLU B 577 10.54 -9.86 -21.67
N GLU B 578 9.56 -9.48 -22.50
CA GLU B 578 8.75 -8.29 -22.19
C GLU B 578 7.94 -8.49 -20.89
N ARG B 579 7.52 -9.73 -20.63
CA ARG B 579 6.64 -10.01 -19.47
C ARG B 579 7.43 -10.36 -18.18
N HIS B 580 8.53 -11.10 -18.33
CA HIS B 580 9.18 -11.78 -17.20
C HIS B 580 10.55 -11.24 -16.81
N LEU B 581 11.21 -10.56 -17.74
CA LEU B 581 12.53 -9.97 -17.53
C LEU B 581 12.44 -8.44 -17.69
N LEU B 582 12.08 -7.75 -16.63
CA LEU B 582 11.72 -6.32 -16.75
C LEU B 582 12.85 -5.31 -16.67
N TYR B 583 14.05 -5.72 -16.25
CA TYR B 583 15.11 -4.74 -15.99
C TYR B 583 16.41 -5.17 -16.64
N GLY B 584 16.28 -5.93 -17.72
CA GLY B 584 17.42 -6.45 -18.47
C GLY B 584 17.91 -7.71 -17.82
N ARG B 585 18.70 -8.51 -18.54
CA ARG B 585 19.25 -9.72 -17.93
C ARG B 585 20.31 -9.28 -16.91
N PRO B 586 20.45 -10.03 -15.80
CA PRO B 586 21.59 -9.79 -14.93
C PRO B 586 22.90 -10.06 -15.67
N ALA B 587 23.94 -9.28 -15.39
CA ALA B 587 25.23 -9.55 -15.94
C ALA B 587 25.98 -10.47 -15.02
N VAL B 588 26.65 -11.45 -15.63
CA VAL B 588 27.52 -12.41 -14.91
C VAL B 588 28.91 -11.82 -14.87
N LEU B 589 29.40 -11.53 -13.67
CA LEU B 589 30.67 -10.87 -13.52
C LEU B 589 31.79 -11.81 -13.17
N TYR B 590 31.64 -13.09 -13.51
CA TYR B 590 32.75 -14.01 -13.35
C TYR B 590 32.86 -14.93 -14.55
N ARG B 591 34.01 -15.58 -14.67
CA ARG B 591 34.21 -16.60 -15.73
C ARG B 591 33.47 -17.89 -15.43
N THR B 592 32.50 -18.19 -16.28
CA THR B 592 31.71 -19.38 -16.14
C THR B 592 31.09 -19.69 -17.52
N ARG B 593 30.13 -20.58 -17.60
CA ARG B 593 29.43 -20.85 -18.87
C ARG B 593 27.99 -21.07 -18.57
N TYR B 594 27.14 -20.28 -19.19
CA TYR B 594 25.73 -20.36 -18.85
C TYR B 594 24.87 -20.17 -20.09
N ASP B 595 23.62 -20.63 -19.97
CA ASP B 595 22.63 -20.63 -21.06
C ASP B 595 21.40 -19.85 -20.64
N ILE B 596 20.91 -18.95 -21.50
CA ILE B 596 19.63 -18.30 -21.28
C ILE B 596 18.55 -19.22 -21.79
N LEU B 597 17.49 -19.38 -20.99
CA LEU B 597 16.40 -20.29 -21.33
C LEU B 597 15.07 -19.58 -21.21
N TYR B 598 14.32 -19.59 -22.31
CA TYR B 598 13.01 -18.95 -22.35
C TYR B 598 11.91 -19.96 -22.12
N HIS B 599 10.83 -19.51 -21.50
CA HIS B 599 9.66 -20.32 -21.29
C HIS B 599 8.52 -19.34 -21.21
N THR B 600 7.32 -19.87 -21.30
CA THR B 600 6.09 -19.06 -21.27
C THR B 600 5.99 -18.19 -20.04
N ASP B 601 6.30 -18.77 -18.88
CA ASP B 601 6.10 -18.11 -17.59
C ASP B 601 7.39 -17.58 -16.94
N PHE B 602 8.56 -17.96 -17.45
CA PHE B 602 9.79 -17.51 -16.83
C PHE B 602 10.96 -17.58 -17.76
N GLU B 603 11.97 -16.77 -17.44
CA GLU B 603 13.26 -16.82 -18.06
C GLU B 603 14.30 -17.16 -17.00
N SER B 604 15.35 -17.87 -17.40
CA SER B 604 16.43 -18.15 -16.46
C SER B 604 17.76 -18.14 -17.12
N GLY B 605 18.80 -17.96 -16.29
CA GLY B 605 20.18 -18.09 -16.71
C GLY B 605 20.75 -19.34 -16.07
N TYR B 606 20.89 -20.41 -16.86
CA TYR B 606 21.19 -21.73 -16.30
C TYR B 606 22.69 -21.97 -16.38
N SER B 607 23.34 -22.24 -15.25
CA SER B 607 24.80 -22.50 -15.22
C SER B 607 25.12 -23.95 -15.49
N GLU B 608 25.97 -24.20 -16.50
CA GLU B 608 26.39 -25.56 -16.84
C GLU B 608 27.52 -26.05 -15.94
N ILE B 609 28.11 -25.13 -15.15
CA ILE B 609 29.13 -25.48 -14.16
C ILE B 609 28.46 -25.98 -12.86
N PHE B 610 27.50 -25.20 -12.33
CA PHE B 610 26.80 -25.49 -11.07
C PHE B 610 25.52 -26.34 -11.29
N LEU B 611 25.18 -26.59 -12.55
CA LEU B 611 24.10 -27.52 -12.93
C LEU B 611 22.73 -27.04 -12.47
N MET B 612 22.58 -25.71 -12.34
CA MET B 612 21.30 -25.09 -12.00
C MET B 612 21.31 -23.61 -12.37
N PRO B 613 20.13 -22.98 -12.43
CA PRO B 613 20.14 -21.54 -12.68
C PRO B 613 20.83 -20.69 -11.61
N LEU B 614 21.49 -19.65 -12.10
CA LEU B 614 22.03 -18.58 -11.29
C LEU B 614 20.90 -17.64 -10.96
N TRP B 615 19.92 -17.60 -11.83
CA TRP B 615 18.81 -16.72 -11.63
C TRP B 615 17.65 -17.22 -12.41
N THR B 616 16.46 -16.89 -11.92
CA THR B 616 15.21 -17.25 -12.56
C THR B 616 14.28 -16.08 -12.37
N SER B 617 13.70 -15.59 -13.47
CA SER B 617 12.96 -14.34 -13.48
C SER B 617 11.57 -14.54 -13.98
N TYR B 618 10.57 -14.05 -13.23
CA TYR B 618 9.17 -14.16 -13.63
C TYR B 618 8.36 -13.09 -13.01
N THR B 619 7.26 -12.73 -13.69
CA THR B 619 6.40 -11.67 -13.21
C THR B 619 5.05 -12.25 -12.86
N VAL B 620 4.47 -11.80 -11.75
CA VAL B 620 3.19 -12.30 -11.27
C VAL B 620 2.25 -11.12 -11.13
N SER B 621 1.23 -11.02 -11.98
CA SER B 621 0.34 -9.87 -11.89
C SER B 621 -0.54 -9.96 -10.64
N LYS B 622 -1.12 -8.82 -10.26
CA LYS B 622 -1.96 -8.65 -9.07
C LYS B 622 -3.13 -9.63 -8.98
N GLN B 623 -3.73 -9.89 -10.13
CA GLN B 623 -4.92 -10.73 -10.25
C GLN B 623 -4.58 -12.13 -10.72
N ALA B 624 -3.36 -12.60 -10.40
CA ALA B 624 -2.90 -13.92 -10.84
C ALA B 624 -3.58 -15.02 -10.04
N GLU B 625 -3.74 -16.19 -10.66
CA GLU B 625 -4.30 -17.35 -9.98
C GLU B 625 -3.20 -18.33 -9.56
N VAL B 626 -3.41 -18.97 -8.41
CA VAL B 626 -2.54 -20.01 -7.87
C VAL B 626 -3.22 -21.38 -8.06
N SER B 627 -2.64 -22.25 -8.89
CA SER B 627 -3.20 -23.61 -9.09
C SER B 627 -2.21 -24.56 -9.75
N SER B 635 5.12 -35.54 -9.08
CA SER B 635 6.58 -35.41 -9.13
C SER B 635 7.22 -35.76 -10.50
N CYS B 636 6.69 -35.16 -11.56
CA CYS B 636 7.33 -35.16 -12.87
C CYS B 636 8.67 -34.40 -12.83
N VAL B 637 9.72 -34.95 -13.42
CA VAL B 637 10.91 -34.17 -13.80
C VAL B 637 11.33 -34.61 -15.20
N ARG B 638 11.54 -33.65 -16.09
CA ARG B 638 11.68 -33.91 -17.53
C ARG B 638 12.99 -33.35 -18.04
N PRO B 639 13.66 -34.05 -18.98
CA PRO B 639 14.84 -33.44 -19.57
C PRO B 639 14.55 -32.14 -20.33
N ASP B 640 15.57 -31.29 -20.41
CA ASP B 640 15.56 -30.07 -21.19
C ASP B 640 16.49 -30.32 -22.38
N VAL B 641 15.90 -30.43 -23.57
CA VAL B 641 16.69 -30.78 -24.77
C VAL B 641 17.63 -29.68 -25.24
N ARG B 642 17.51 -28.48 -24.67
CA ARG B 642 18.43 -27.38 -24.95
C ARG B 642 19.78 -27.56 -24.25
N VAL B 643 19.80 -28.41 -23.24
CA VAL B 643 20.97 -28.61 -22.40
C VAL B 643 21.40 -30.07 -22.40
N SER B 644 22.69 -30.27 -22.59
CA SER B 644 23.34 -31.57 -22.59
C SER B 644 23.08 -32.35 -21.31
N PRO B 645 22.84 -33.67 -21.43
CA PRO B 645 22.83 -34.51 -20.24
C PRO B 645 24.05 -34.30 -19.36
N SER B 646 25.21 -34.04 -19.98
CA SER B 646 26.47 -33.88 -19.23
C SER B 646 26.46 -32.63 -18.33
N PHE B 647 25.53 -31.72 -18.58
CA PHE B 647 25.44 -30.48 -17.82
C PHE B 647 24.04 -30.31 -17.26
N SER B 648 23.39 -31.45 -17.01
CA SER B 648 22.09 -31.50 -16.34
C SER B 648 22.19 -32.30 -15.04
N GLN B 649 21.28 -32.01 -14.12
CA GLN B 649 21.14 -32.80 -12.89
C GLN B 649 20.47 -34.11 -13.26
N ASN B 650 20.34 -35.00 -12.29
CA ASN B 650 19.57 -36.22 -12.47
C ASN B 650 18.88 -36.57 -11.16
N CYS B 651 17.82 -37.36 -11.25
CA CYS B 651 17.02 -37.70 -10.10
C CYS B 651 17.58 -38.84 -9.28
N LEU B 652 18.36 -39.73 -9.91
CA LEU B 652 18.90 -40.84 -9.15
C LEU B 652 19.65 -40.30 -7.93
N ALA B 653 20.40 -39.22 -8.12
CA ALA B 653 21.21 -38.61 -7.02
C ALA B 653 20.34 -38.16 -5.84
N TYR B 654 19.16 -37.62 -6.14
CA TYR B 654 18.17 -37.27 -5.10
C TYR B 654 17.57 -38.53 -4.47
N LYS B 655 17.28 -39.55 -5.29
CA LYS B 655 16.84 -40.84 -4.77
C LYS B 655 17.87 -41.40 -3.79
N ASN B 656 19.14 -41.38 -4.14
CA ASN B 656 20.16 -41.92 -3.21
C ASN B 656 20.60 -40.99 -2.08
N ASP B 657 20.21 -39.72 -2.13
CA ASP B 657 20.55 -38.81 -1.04
C ASP B 657 19.38 -38.80 -0.08
N LYS B 658 19.59 -39.51 1.04
CA LYS B 658 18.58 -39.74 2.04
C LYS B 658 18.07 -38.45 2.64
N GLN B 659 18.95 -37.44 2.70
CA GLN B 659 18.64 -36.19 3.38
C GLN B 659 18.25 -35.03 2.49
N MET B 660 18.49 -35.16 1.19
CA MET B 660 18.27 -34.08 0.25
C MET B 660 17.07 -34.36 -0.61
N SER B 661 16.16 -33.38 -0.73
CA SER B 661 15.12 -33.41 -1.75
C SER B 661 15.43 -32.33 -2.83
N TYR B 662 14.43 -31.91 -3.57
CA TYR B 662 14.59 -30.85 -4.56
C TYR B 662 13.33 -30.00 -4.65
N GLY B 663 13.56 -28.74 -5.01
CA GLY B 663 12.49 -27.79 -5.24
C GLY B 663 12.69 -27.20 -6.62
N PHE B 664 11.93 -26.16 -6.93
CA PHE B 664 12.00 -25.48 -8.23
C PHE B 664 12.16 -23.97 -8.06
N LEU B 665 12.95 -23.31 -8.92
CA LEU B 665 13.08 -21.84 -8.80
C LEU B 665 11.83 -21.14 -9.30
N PHE B 666 11.36 -21.50 -10.50
CA PHE B 666 10.00 -21.10 -10.89
C PHE B 666 8.98 -22.14 -10.39
N PRO B 667 7.95 -21.68 -9.63
CA PRO B 667 7.10 -22.68 -8.98
C PRO B 667 6.00 -23.24 -9.88
N PRO B 668 5.91 -24.58 -10.01
CA PRO B 668 4.76 -25.14 -10.72
C PRO B 668 3.39 -24.52 -10.35
N TYR B 669 3.17 -24.20 -9.07
CA TYR B 669 1.88 -23.65 -8.62
C TYR B 669 1.44 -22.39 -9.34
N LEU B 670 2.37 -21.62 -9.91
CA LEU B 670 1.98 -20.36 -10.56
C LEU B 670 1.98 -20.46 -12.10
N SER B 671 1.99 -21.68 -12.64
CA SER B 671 2.08 -21.85 -14.09
C SER B 671 0.84 -21.20 -14.72
N SER B 672 0.98 -20.64 -15.92
CA SER B 672 -0.16 -19.96 -16.56
C SER B 672 -1.18 -20.95 -17.13
N SER B 673 -0.77 -22.18 -17.37
CA SER B 673 -1.66 -23.21 -17.93
C SER B 673 -1.09 -24.59 -17.65
N PRO B 674 -1.93 -25.64 -17.75
CA PRO B 674 -1.46 -27.03 -17.65
C PRO B 674 -0.32 -27.37 -18.62
N GLU B 675 -0.39 -26.89 -19.86
CA GLU B 675 0.76 -27.11 -20.79
C GLU B 675 1.99 -26.31 -20.34
N ALA B 676 1.80 -25.09 -19.85
CA ALA B 676 2.93 -24.28 -19.40
C ALA B 676 3.58 -24.94 -18.16
N LYS B 677 2.74 -25.55 -17.32
CA LYS B 677 3.21 -26.18 -16.08
C LYS B 677 4.29 -27.23 -16.32
N TYR B 678 4.22 -27.93 -17.46
CA TYR B 678 5.27 -28.90 -17.78
C TYR B 678 6.65 -28.24 -17.88
N ASP B 679 6.71 -26.95 -18.24
CA ASP B 679 7.99 -26.21 -18.27
C ASP B 679 8.60 -26.14 -16.85
N ALA B 680 7.72 -25.92 -15.88
CA ALA B 680 8.14 -25.83 -14.49
C ALA B 680 8.83 -27.10 -14.00
N PHE B 681 8.57 -28.26 -14.64
CA PHE B 681 9.15 -29.55 -14.20
C PHE B 681 10.39 -29.94 -14.98
N LEU B 682 10.93 -29.01 -15.78
CA LEU B 682 12.21 -29.23 -16.42
C LEU B 682 13.34 -29.40 -15.40
N VAL B 683 14.26 -30.31 -15.69
CA VAL B 683 15.41 -30.54 -14.83
C VAL B 683 16.26 -29.27 -14.68
N THR B 684 16.13 -28.36 -15.65
CA THR B 684 16.89 -27.12 -15.60
C THR B 684 16.27 -26.09 -14.66
N ASN B 685 15.14 -26.43 -14.06
CA ASN B 685 14.44 -25.54 -13.13
C ASN B 685 14.50 -26.10 -11.70
N MET B 686 15.18 -27.23 -11.51
CA MET B 686 15.15 -27.87 -10.20
C MET B 686 16.40 -27.49 -9.44
N VAL B 687 16.28 -27.42 -8.12
CA VAL B 687 17.40 -27.12 -7.27
C VAL B 687 17.36 -27.99 -6.01
N PRO B 688 18.53 -28.29 -5.43
CA PRO B 688 18.51 -29.11 -4.22
C PRO B 688 18.00 -28.38 -2.99
N MET B 689 17.03 -29.02 -2.32
CA MET B 689 16.47 -28.52 -1.09
C MET B 689 16.20 -29.58 -0.04
N TYR B 690 16.69 -29.35 1.19
CA TYR B 690 16.32 -30.14 2.35
C TYR B 690 14.81 -30.06 2.53
N PRO B 691 14.17 -31.18 2.96
CA PRO B 691 12.72 -31.15 3.24
C PRO B 691 12.33 -30.06 4.21
N ALA B 692 13.19 -29.81 5.21
CA ALA B 692 12.88 -28.78 6.18
C ALA B 692 12.80 -27.42 5.51
N PHE B 693 13.70 -27.18 4.57
CA PHE B 693 13.71 -25.92 3.86
C PHE B 693 12.52 -25.83 2.88
N LYS B 694 12.08 -26.96 2.35
CA LYS B 694 10.90 -26.94 1.42
C LYS B 694 9.65 -26.40 2.08
N ARG B 695 9.53 -26.58 3.39
CA ARG B 695 8.43 -25.97 4.13
C ARG B 695 8.40 -24.43 3.99
N VAL B 696 9.58 -23.81 4.07
CA VAL B 696 9.75 -22.35 3.93
C VAL B 696 9.50 -21.95 2.48
N TRP B 697 10.20 -22.62 1.58
CA TRP B 697 10.20 -22.26 0.19
C TRP B 697 8.82 -22.44 -0.46
N ASN B 698 8.14 -23.56 -0.16
CA ASN B 698 6.80 -23.79 -0.69
C ASN B 698 5.78 -22.76 -0.24
N TYR B 699 5.86 -22.36 1.02
CA TYR B 699 5.01 -21.32 1.54
C TYR B 699 5.30 -20.00 0.86
N PHE B 700 6.57 -19.67 0.76
CA PHE B 700 6.95 -18.47 0.03
C PHE B 700 6.34 -18.47 -1.38
N GLN B 701 6.56 -19.55 -2.14
CA GLN B 701 6.19 -19.58 -3.55
C GLN B 701 4.67 -19.68 -3.74
N ARG B 702 4.02 -20.47 -2.90
CA ARG B 702 2.59 -20.77 -3.10
C ARG B 702 1.67 -19.77 -2.41
N VAL B 703 2.17 -19.14 -1.35
CA VAL B 703 1.38 -18.25 -0.55
C VAL B 703 1.83 -16.79 -0.59
N LEU B 704 3.12 -16.54 -0.32
CA LEU B 704 3.60 -15.16 -0.23
C LEU B 704 3.76 -14.45 -1.59
N VAL B 705 4.25 -15.11 -2.64
CA VAL B 705 4.38 -14.39 -3.92
C VAL B 705 3.01 -13.78 -4.35
N LYS B 706 1.95 -14.58 -4.27
CA LYS B 706 0.57 -14.10 -4.61
C LYS B 706 0.13 -12.99 -3.71
N LYS B 707 0.43 -13.11 -2.41
CA LYS B 707 0.13 -12.02 -1.48
C LYS B 707 0.88 -10.74 -1.88
N TYR B 708 2.16 -10.87 -2.20
CA TYR B 708 2.94 -9.70 -2.57
C TYR B 708 2.39 -9.05 -3.84
N ALA B 709 2.08 -9.85 -4.84
CA ALA B 709 1.53 -9.36 -6.10
C ALA B 709 0.24 -8.62 -5.83
N SER B 710 -0.58 -9.14 -4.93
CA SER B 710 -1.84 -8.46 -4.56
C SER B 710 -1.63 -7.10 -3.91
N GLU B 711 -0.61 -7.01 -3.05
CA GLU B 711 -0.36 -5.79 -2.29
C GLU B 711 0.35 -4.70 -3.06
N ARG B 712 1.11 -5.06 -4.10
CA ARG B 712 2.03 -4.12 -4.77
C ARG B 712 1.67 -3.92 -6.23
N ASN B 713 0.54 -4.51 -6.63
CA ASN B 713 0.06 -4.39 -7.96
C ASN B 713 1.00 -5.09 -8.93
N GLY B 714 1.15 -6.40 -8.74
CA GLY B 714 2.08 -7.20 -9.53
C GLY B 714 3.48 -7.16 -8.90
N VAL B 715 4.20 -8.28 -9.00
CA VAL B 715 5.64 -8.32 -8.67
C VAL B 715 6.45 -9.04 -9.71
N ASN B 716 7.70 -8.62 -9.83
CA ASN B 716 8.66 -9.37 -10.59
C ASN B 716 9.59 -10.01 -9.58
N VAL B 717 9.80 -11.31 -9.72
CA VAL B 717 10.67 -12.10 -8.82
C VAL B 717 11.83 -12.63 -9.58
N ILE B 718 13.03 -12.45 -9.01
CA ILE B 718 14.19 -13.14 -9.46
C ILE B 718 14.66 -13.94 -8.23
N SER B 719 14.75 -15.25 -8.40
CA SER B 719 15.20 -16.18 -7.36
C SER B 719 16.41 -16.97 -7.82
N GLY B 720 17.21 -17.46 -6.90
CA GLY B 720 18.33 -18.28 -7.32
C GLY B 720 19.09 -18.76 -6.12
N PRO B 721 20.14 -19.56 -6.38
CA PRO B 721 20.98 -20.12 -5.33
C PRO B 721 22.12 -19.18 -4.95
N ILE B 722 22.72 -19.44 -3.77
CA ILE B 722 23.94 -18.79 -3.33
C ILE B 722 24.83 -19.87 -2.71
N PHE B 723 26.11 -19.78 -3.01
CA PHE B 723 27.14 -20.66 -2.46
C PHE B 723 28.14 -19.81 -1.72
N ASP B 724 28.12 -19.90 -0.38
CA ASP B 724 29.05 -19.14 0.42
C ASP B 724 29.55 -19.97 1.61
N TYR B 725 30.25 -21.06 1.28
CA TYR B 725 30.74 -22.01 2.29
C TYR B 725 31.81 -21.45 3.24
N ASP B 726 32.57 -20.46 2.83
CA ASP B 726 33.63 -19.82 3.66
C ASP B 726 33.16 -18.50 4.28
N TYR B 727 31.83 -18.29 4.24
CA TYR B 727 31.15 -17.15 4.86
C TYR B 727 31.85 -15.79 4.74
N ASP B 728 32.32 -15.49 3.54
CA ASP B 728 33.03 -14.24 3.33
C ASP B 728 32.12 -13.21 2.62
N GLY B 729 30.88 -13.57 2.42
CA GLY B 729 29.90 -12.69 1.78
C GLY B 729 30.03 -12.68 0.24
N LEU B 730 30.90 -13.55 -0.31
CA LEU B 730 31.23 -13.51 -1.71
C LEU B 730 30.92 -14.84 -2.38
N HIS B 731 30.56 -14.75 -3.64
CA HIS B 731 30.28 -15.93 -4.43
C HIS B 731 31.49 -16.88 -4.39
N ASP B 732 31.24 -18.15 -4.06
CA ASP B 732 32.27 -19.18 -3.98
C ASP B 732 32.73 -19.63 -5.36
N THR B 733 34.03 -19.87 -5.47
CA THR B 733 34.57 -20.72 -6.53
C THR B 733 34.20 -22.18 -6.20
N GLU B 734 34.30 -23.06 -7.20
CA GLU B 734 33.93 -24.48 -7.03
C GLU B 734 34.70 -25.21 -5.95
N ASP B 735 35.95 -24.78 -5.71
CA ASP B 735 36.80 -25.41 -4.69
C ASP B 735 36.42 -25.06 -3.24
N LYS B 736 35.57 -24.05 -3.04
CA LYS B 736 35.09 -23.75 -1.70
C LYS B 736 33.83 -24.53 -1.36
N ILE B 737 33.18 -25.07 -2.38
CA ILE B 737 31.92 -25.83 -2.19
C ILE B 737 32.22 -27.10 -1.43
N LYS B 738 31.65 -27.25 -0.23
CA LYS B 738 31.99 -28.37 0.65
C LYS B 738 30.89 -29.41 0.67
N GLN B 739 29.85 -29.25 -0.15
CA GLN B 739 28.77 -30.22 -0.12
C GLN B 739 28.03 -30.36 -1.43
N TYR B 740 27.82 -31.62 -1.80
CA TYR B 740 27.20 -31.97 -3.07
C TYR B 740 26.07 -32.96 -2.79
N VAL B 741 25.07 -33.04 -3.65
CA VAL B 741 24.08 -34.08 -3.56
C VAL B 741 24.79 -35.44 -3.77
N GLU B 742 24.33 -36.46 -3.07
CA GLU B 742 25.18 -37.65 -2.88
C GLU B 742 25.62 -38.29 -4.19
N GLY B 743 26.93 -38.53 -4.31
CA GLY B 743 27.52 -39.19 -5.47
C GLY B 743 27.53 -38.36 -6.75
N SER B 744 27.10 -37.09 -6.64
CA SER B 744 26.91 -36.25 -7.80
C SER B 744 27.83 -35.07 -7.77
N SER B 745 27.79 -34.33 -8.88
CA SER B 745 28.50 -33.09 -9.04
C SER B 745 27.58 -31.88 -8.82
N ILE B 746 26.42 -32.13 -8.22
CA ILE B 746 25.43 -31.08 -8.02
C ILE B 746 25.69 -30.43 -6.66
N PRO B 747 26.14 -29.17 -6.69
CA PRO B 747 26.53 -28.44 -5.49
C PRO B 747 25.32 -28.01 -4.67
N VAL B 748 25.46 -28.02 -3.36
CA VAL B 748 24.31 -27.68 -2.52
C VAL B 748 24.46 -26.20 -2.11
N PRO B 749 23.49 -25.35 -2.46
CA PRO B 749 23.54 -23.95 -2.01
C PRO B 749 23.49 -23.78 -0.48
N THR B 750 24.12 -22.73 0.02
CA THR B 750 24.09 -22.33 1.44
C THR B 750 22.84 -21.46 1.71
N HIS B 751 22.33 -20.88 0.63
CA HIS B 751 21.24 -19.92 0.73
C HIS B 751 20.44 -19.92 -0.55
N TYR B 752 19.20 -19.42 -0.47
CA TYR B 752 18.40 -19.13 -1.67
C TYR B 752 17.90 -17.69 -1.54
N TYR B 753 18.03 -16.90 -2.62
CA TYR B 753 17.65 -15.52 -2.61
C TYR B 753 16.39 -15.29 -3.43
N SER B 754 15.71 -14.19 -3.13
CA SER B 754 14.74 -13.60 -4.07
C SER B 754 14.80 -12.09 -4.01
N ILE B 755 14.64 -11.47 -5.18
CA ILE B 755 14.52 -10.04 -5.31
C ILE B 755 13.16 -9.82 -5.94
N ILE B 756 12.32 -9.06 -5.25
CA ILE B 756 10.93 -8.89 -5.60
C ILE B 756 10.70 -7.41 -5.89
N THR B 757 10.40 -7.09 -7.15
CA THR B 757 10.38 -5.70 -7.59
C THR B 757 8.97 -5.36 -8.12
N SER B 758 8.57 -4.12 -7.87
CA SER B 758 7.31 -3.56 -8.36
C SER B 758 7.48 -2.05 -8.57
N CYS B 759 6.38 -1.36 -8.88
CA CYS B 759 6.41 0.06 -9.14
C CYS B 759 6.23 0.84 -7.85
N LEU B 760 7.07 1.85 -7.62
CA LEU B 760 6.97 2.62 -6.37
C LEU B 760 5.62 3.32 -6.37
N ASP B 761 5.23 3.79 -7.55
CA ASP B 761 3.84 4.28 -7.73
C ASP B 761 2.95 3.07 -7.89
N PHE B 762 2.35 2.64 -6.80
CA PHE B 762 1.68 1.35 -6.82
C PHE B 762 0.39 1.38 -7.69
N THR B 763 0.02 2.58 -8.16
CA THR B 763 -1.12 2.73 -9.06
C THR B 763 -0.77 2.24 -10.43
N GLN B 764 0.52 2.01 -10.67
CA GLN B 764 0.95 1.35 -11.89
C GLN B 764 1.34 -0.12 -11.66
N PRO B 765 1.01 -1.01 -12.61
CA PRO B 765 1.45 -2.41 -12.42
C PRO B 765 2.96 -2.60 -12.59
N ALA B 766 3.50 -3.67 -12.03
CA ALA B 766 4.94 -3.91 -12.06
C ALA B 766 5.49 -3.95 -13.49
N ASP B 767 4.73 -4.49 -14.44
CA ASP B 767 5.16 -4.59 -15.84
C ASP B 767 4.91 -3.33 -16.71
N LYS B 768 4.33 -2.28 -16.15
CA LYS B 768 4.09 -1.03 -16.88
C LYS B 768 4.41 0.15 -15.98
N CYS B 769 5.64 0.16 -15.45
CA CYS B 769 6.04 1.16 -14.45
C CYS B 769 6.82 2.28 -15.13
N ASP B 770 6.36 3.51 -14.95
CA ASP B 770 6.92 4.68 -15.63
C ASP B 770 8.14 5.26 -14.95
N GLY B 771 8.23 5.08 -13.64
CA GLY B 771 9.16 5.83 -12.82
C GLY B 771 9.91 4.93 -11.84
N PRO B 772 10.19 5.45 -10.63
CA PRO B 772 10.96 4.73 -9.64
C PRO B 772 10.40 3.37 -9.30
N LEU B 773 11.33 2.46 -8.97
CA LEU B 773 11.05 1.13 -8.56
C LEU B 773 10.99 0.99 -7.04
N SER B 774 10.37 -0.08 -6.60
CA SER B 774 10.28 -0.50 -5.21
C SER B 774 10.84 -1.93 -5.13
N VAL B 775 11.82 -2.17 -4.26
CA VAL B 775 12.43 -3.51 -4.19
C VAL B 775 12.49 -4.01 -2.74
N SER B 776 12.21 -5.30 -2.58
CA SER B 776 12.51 -6.01 -1.33
C SER B 776 13.19 -7.33 -1.69
N SER B 777 14.15 -7.74 -0.86
CA SER B 777 14.95 -8.91 -1.16
C SER B 777 15.24 -9.68 0.14
N PHE B 778 15.45 -10.97 0.00
CA PHE B 778 15.88 -11.81 1.10
C PHE B 778 16.96 -12.80 0.64
N ILE B 779 17.73 -13.25 1.62
CA ILE B 779 18.70 -14.34 1.46
C ILE B 779 18.36 -15.34 2.58
N LEU B 780 17.64 -16.37 2.21
CA LEU B 780 17.20 -17.39 3.16
C LEU B 780 18.30 -18.46 3.33
N PRO B 781 18.65 -18.78 4.59
CA PRO B 781 19.62 -19.88 4.80
C PRO B 781 19.00 -21.23 4.44
N HIS B 782 19.75 -22.02 3.67
CA HIS B 782 19.27 -23.31 3.26
C HIS B 782 19.68 -24.30 4.32
N ARG B 783 18.84 -24.49 5.33
CA ARG B 783 19.21 -25.36 6.45
C ARG B 783 18.39 -26.66 6.52
N PRO B 784 19.00 -27.75 7.04
CA PRO B 784 18.34 -29.06 7.07
C PRO B 784 17.33 -29.21 8.23
N ASP B 785 17.18 -28.15 9.03
CA ASP B 785 16.19 -28.13 10.10
C ASP B 785 15.66 -26.71 10.24
N ASN B 786 14.66 -26.54 11.09
CA ASN B 786 14.07 -25.22 11.33
C ASN B 786 14.21 -24.87 12.81
N GLU B 787 15.37 -25.22 13.37
CA GLU B 787 15.70 -24.89 14.74
C GLU B 787 15.73 -23.39 14.98
N GLU B 788 16.07 -22.60 13.96
CA GLU B 788 16.02 -21.13 14.10
C GLU B 788 14.62 -20.65 14.45
N SER B 789 13.60 -21.36 13.98
CA SER B 789 12.25 -20.90 14.15
C SER B 789 11.57 -21.71 15.28
N CYS B 790 11.53 -21.16 16.49
CA CYS B 790 10.95 -21.86 17.65
C CYS B 790 9.50 -22.29 17.47
N ASN B 791 8.74 -21.64 16.58
CA ASN B 791 7.36 -22.04 16.33
C ASN B 791 7.15 -22.89 15.09
N SER B 792 8.19 -23.52 14.60
CA SER B 792 8.12 -24.16 13.31
C SER B 792 7.23 -25.41 13.31
N SER B 793 6.89 -25.96 14.47
CA SER B 793 6.01 -27.10 14.45
C SER B 793 4.61 -26.66 14.00
N GLU B 794 4.31 -25.36 14.09
CA GLU B 794 3.01 -24.79 13.64
C GLU B 794 2.87 -24.62 12.13
N ASP B 795 1.64 -24.29 11.70
CA ASP B 795 1.41 -23.94 10.33
C ASP B 795 2.36 -22.86 9.89
N GLU B 796 2.84 -22.97 8.67
CA GLU B 796 3.80 -22.05 8.08
C GLU B 796 3.33 -20.57 8.10
N SER B 797 2.02 -20.33 8.08
CA SER B 797 1.50 -18.97 8.28
C SER B 797 1.81 -18.36 9.66
N LYS B 798 2.39 -19.13 10.59
CA LYS B 798 2.73 -18.59 11.91
C LYS B 798 4.24 -18.37 12.13
N TRP B 799 5.06 -18.64 11.14
CA TRP B 799 6.52 -18.52 11.32
C TRP B 799 7.40 -18.28 10.10
N VAL B 800 6.99 -18.66 8.90
CA VAL B 800 7.87 -18.55 7.73
C VAL B 800 8.15 -17.08 7.39
N GLU B 801 7.10 -16.24 7.35
CA GLU B 801 7.32 -14.86 7.01
C GLU B 801 8.22 -14.13 8.00
N GLU B 802 8.11 -14.44 9.30
CA GLU B 802 8.98 -13.89 10.30
C GLU B 802 10.45 -14.25 10.01
N LEU B 803 10.68 -15.50 9.63
CA LEU B 803 12.04 -15.96 9.29
C LEU B 803 12.59 -15.18 8.11
N MET B 804 11.75 -15.02 7.09
CA MET B 804 12.13 -14.32 5.90
C MET B 804 12.48 -12.84 6.17
N LYS B 805 11.70 -12.17 7.00
CA LYS B 805 12.00 -10.79 7.40
C LYS B 805 13.33 -10.60 8.16
N MET B 806 13.63 -11.53 9.05
CA MET B 806 14.92 -11.55 9.75
C MET B 806 16.09 -11.64 8.73
N HIS B 807 15.83 -12.28 7.60
CA HIS B 807 16.82 -12.54 6.54
C HIS B 807 16.61 -11.67 5.26
N THR B 808 15.91 -10.55 5.44
CA THR B 808 15.91 -9.43 4.50
C THR B 808 17.33 -9.03 4.11
N ALA B 809 17.49 -8.56 2.87
CA ALA B 809 18.77 -8.20 2.32
C ALA B 809 18.66 -7.07 1.30
N ARG B 810 19.79 -6.44 1.05
CA ARG B 810 19.94 -5.49 -0.02
C ARG B 810 20.20 -6.26 -1.31
N VAL B 811 19.80 -5.70 -2.46
CA VAL B 811 20.14 -6.31 -3.71
C VAL B 811 21.69 -6.43 -3.82
N ARG B 812 22.37 -5.43 -3.31
CA ARG B 812 23.83 -5.34 -3.32
CA ARG B 812 23.82 -5.36 -3.35
C ARG B 812 24.45 -6.55 -2.60
N ASP B 813 23.79 -6.99 -1.55
CA ASP B 813 24.25 -8.16 -0.80
C ASP B 813 24.21 -9.42 -1.67
N ILE B 814 23.09 -9.61 -2.37
CA ILE B 814 22.94 -10.69 -3.33
C ILE B 814 23.99 -10.60 -4.47
N GLU B 815 24.27 -9.40 -4.96
CA GLU B 815 25.26 -9.22 -6.01
C GLU B 815 26.64 -9.71 -5.58
N HIS B 816 27.03 -9.39 -4.36
CA HIS B 816 28.33 -9.82 -3.83
C HIS B 816 28.31 -11.32 -3.72
N LEU B 817 27.19 -11.86 -3.26
CA LEU B 817 27.08 -13.28 -3.02
C LEU B 817 26.97 -14.16 -4.29
N THR B 818 26.66 -13.56 -5.44
CA THR B 818 26.41 -14.31 -6.68
C THR B 818 27.28 -13.86 -7.84
N SER B 819 28.01 -12.75 -7.66
CA SER B 819 28.75 -12.08 -8.72
C SER B 819 27.89 -11.82 -9.93
N LEU B 820 26.66 -11.41 -9.65
CA LEU B 820 25.69 -10.95 -10.66
C LEU B 820 25.47 -9.47 -10.49
N ASP B 821 25.04 -8.80 -11.57
CA ASP B 821 24.71 -7.39 -11.53
C ASP B 821 23.30 -7.19 -12.09
N PHE B 822 22.43 -6.60 -11.29
CA PHE B 822 21.02 -6.50 -11.60
C PHE B 822 20.63 -5.10 -12.01
N PHE B 823 19.38 -4.96 -12.48
CA PHE B 823 18.80 -3.64 -12.85
C PHE B 823 19.62 -2.86 -13.90
N ARG B 824 20.07 -3.59 -14.89
CA ARG B 824 20.97 -3.05 -15.90
C ARG B 824 20.27 -2.26 -17.02
N LYS B 825 18.99 -2.55 -17.24
CA LYS B 825 18.25 -1.94 -18.33
C LYS B 825 16.94 -1.43 -17.80
N THR B 826 16.95 -0.20 -17.30
CA THR B 826 15.78 0.42 -16.74
C THR B 826 15.70 1.83 -17.28
N SER B 827 14.69 2.58 -16.85
CA SER B 827 14.52 3.98 -17.26
C SER B 827 15.07 4.99 -16.26
N ARG B 828 15.83 4.52 -15.26
CA ARG B 828 16.35 5.40 -14.20
C ARG B 828 17.85 5.61 -14.40
N SER B 829 18.37 6.68 -13.81
CA SER B 829 19.82 6.98 -13.87
C SER B 829 20.57 5.93 -13.06
N TYR B 830 21.84 5.71 -13.37
CA TYR B 830 22.59 4.66 -12.68
C TYR B 830 22.78 4.96 -11.19
N PRO B 831 23.09 6.21 -10.84
CA PRO B 831 23.08 6.53 -9.39
C PRO B 831 21.77 6.21 -8.66
N GLU B 832 20.63 6.48 -9.30
CA GLU B 832 19.35 6.11 -8.72
C GLU B 832 19.28 4.61 -8.49
N ILE B 833 19.71 3.84 -9.49
CA ILE B 833 19.75 2.39 -9.38
C ILE B 833 20.70 1.93 -8.26
N LEU B 834 21.81 2.64 -8.10
CA LEU B 834 22.76 2.28 -6.99
C LEU B 834 22.10 2.47 -5.64
N THR B 835 21.36 3.58 -5.50
CA THR B 835 20.58 3.81 -4.29
C THR B 835 19.55 2.69 -4.06
N LEU B 836 18.90 2.25 -5.14
CA LEU B 836 17.90 1.20 -5.08
C LEU B 836 18.51 -0.13 -4.58
N LYS B 837 19.68 -0.46 -5.13
CA LYS B 837 20.37 -1.72 -4.82
C LYS B 837 20.96 -1.73 -3.40
N THR B 838 21.20 -0.57 -2.81
CA THR B 838 21.67 -0.49 -1.39
C THR B 838 20.54 -0.42 -0.42
N TYR B 839 19.32 -0.23 -0.93
CA TYR B 839 18.15 -0.23 -0.07
C TYR B 839 17.96 -1.56 0.72
N LEU B 840 17.59 -1.45 1.98
CA LEU B 840 17.18 -2.58 2.80
C LEU B 840 15.76 -2.34 3.29
N HIS B 841 14.85 -3.26 2.99
CA HIS B 841 13.53 -3.32 3.62
C HIS B 841 13.64 -3.88 5.06
N THR B 842 13.37 -3.07 6.07
CA THR B 842 13.64 -3.53 7.44
C THR B 842 12.50 -4.13 8.24
N TYR B 843 11.24 -3.78 7.97
CA TYR B 843 10.14 -4.38 8.76
C TYR B 843 10.17 -3.88 10.20
N GLU B 844 10.61 -2.64 10.37
CA GLU B 844 10.64 -1.98 11.67
C GLU B 844 9.69 -0.81 11.68
#